data_1NZE
# 
_entry.id   1NZE 
# 
_audit_conform.dict_name       mmcif_pdbx.dic 
_audit_conform.dict_version    5.386 
_audit_conform.dict_location   http://mmcif.pdb.org/dictionaries/ascii/mmcif_pdbx.dic 
# 
loop_
_database_2.database_id 
_database_2.database_code 
_database_2.pdbx_database_accession 
_database_2.pdbx_DOI 
PDB   1NZE         pdb_00001nze 10.2210/pdb1nze/pdb 
RCSB  RCSB018383   ?            ?                   
WWPDB D_1000018383 ?            ?                   
# 
loop_
_pdbx_audit_revision_history.ordinal 
_pdbx_audit_revision_history.data_content_type 
_pdbx_audit_revision_history.major_revision 
_pdbx_audit_revision_history.minor_revision 
_pdbx_audit_revision_history.revision_date 
1 'Structure model' 1 0 2003-08-26 
2 'Structure model' 1 1 2008-04-29 
3 'Structure model' 1 2 2011-07-13 
4 'Structure model' 1 3 2024-02-14 
# 
_pdbx_audit_revision_details.ordinal             1 
_pdbx_audit_revision_details.revision_ordinal    1 
_pdbx_audit_revision_details.data_content_type   'Structure model' 
_pdbx_audit_revision_details.provider            repository 
_pdbx_audit_revision_details.type                'Initial release' 
_pdbx_audit_revision_details.description         ? 
_pdbx_audit_revision_details.details             ? 
# 
loop_
_pdbx_audit_revision_group.ordinal 
_pdbx_audit_revision_group.revision_ordinal 
_pdbx_audit_revision_group.data_content_type 
_pdbx_audit_revision_group.group 
1 2 'Structure model' 'Version format compliance' 
2 3 'Structure model' 'Version format compliance' 
3 4 'Structure model' 'Data collection'           
4 4 'Structure model' 'Database references'       
5 4 'Structure model' 'Derived calculations'      
# 
loop_
_pdbx_audit_revision_category.ordinal 
_pdbx_audit_revision_category.revision_ordinal 
_pdbx_audit_revision_category.data_content_type 
_pdbx_audit_revision_category.category 
1 4 'Structure model' chem_comp_atom         
2 4 'Structure model' chem_comp_bond         
3 4 'Structure model' database_2             
4 4 'Structure model' pdbx_struct_conn_angle 
5 4 'Structure model' struct_conn            
6 4 'Structure model' struct_site            
# 
loop_
_pdbx_audit_revision_item.ordinal 
_pdbx_audit_revision_item.revision_ordinal 
_pdbx_audit_revision_item.data_content_type 
_pdbx_audit_revision_item.item 
1  4 'Structure model' '_database_2.pdbx_DOI'                        
2  4 'Structure model' '_database_2.pdbx_database_accession'         
3  4 'Structure model' '_pdbx_struct_conn_angle.ptnr1_auth_comp_id'  
4  4 'Structure model' '_pdbx_struct_conn_angle.ptnr1_auth_seq_id'   
5  4 'Structure model' '_pdbx_struct_conn_angle.ptnr1_label_asym_id' 
6  4 'Structure model' '_pdbx_struct_conn_angle.ptnr1_label_atom_id' 
7  4 'Structure model' '_pdbx_struct_conn_angle.ptnr1_label_comp_id' 
8  4 'Structure model' '_pdbx_struct_conn_angle.ptnr1_label_seq_id'  
9  4 'Structure model' '_pdbx_struct_conn_angle.ptnr1_symmetry'      
10 4 'Structure model' '_pdbx_struct_conn_angle.ptnr3_auth_comp_id'  
11 4 'Structure model' '_pdbx_struct_conn_angle.ptnr3_auth_seq_id'   
12 4 'Structure model' '_pdbx_struct_conn_angle.ptnr3_label_asym_id' 
13 4 'Structure model' '_pdbx_struct_conn_angle.ptnr3_label_atom_id' 
14 4 'Structure model' '_pdbx_struct_conn_angle.ptnr3_label_comp_id' 
15 4 'Structure model' '_pdbx_struct_conn_angle.ptnr3_label_seq_id'  
16 4 'Structure model' '_pdbx_struct_conn_angle.ptnr3_symmetry'      
17 4 'Structure model' '_pdbx_struct_conn_angle.value'               
18 4 'Structure model' '_struct_conn.pdbx_dist_value'                
19 4 'Structure model' '_struct_conn.ptnr1_auth_comp_id'             
20 4 'Structure model' '_struct_conn.ptnr1_auth_seq_id'              
21 4 'Structure model' '_struct_conn.ptnr1_label_asym_id'            
22 4 'Structure model' '_struct_conn.ptnr1_label_atom_id'            
23 4 'Structure model' '_struct_conn.ptnr1_label_comp_id'            
24 4 'Structure model' '_struct_conn.ptnr1_label_seq_id'             
25 4 'Structure model' '_struct_conn.ptnr1_symmetry'                 
26 4 'Structure model' '_struct_conn.ptnr2_auth_comp_id'             
27 4 'Structure model' '_struct_conn.ptnr2_auth_seq_id'              
28 4 'Structure model' '_struct_conn.ptnr2_label_asym_id'            
29 4 'Structure model' '_struct_conn.ptnr2_label_atom_id'            
30 4 'Structure model' '_struct_conn.ptnr2_label_comp_id'            
31 4 'Structure model' '_struct_conn.ptnr2_label_seq_id'             
32 4 'Structure model' '_struct_conn.ptnr2_symmetry'                 
33 4 'Structure model' '_struct_site.pdbx_auth_asym_id'              
34 4 'Structure model' '_struct_site.pdbx_auth_comp_id'              
35 4 'Structure model' '_struct_site.pdbx_auth_seq_id'               
# 
_pdbx_database_status.status_code                     REL 
_pdbx_database_status.entry_id                        1NZE 
_pdbx_database_status.recvd_initial_deposition_date   2003-02-17 
_pdbx_database_status.deposit_site                    RCSB 
_pdbx_database_status.process_site                    RCSB 
_pdbx_database_status.status_code_sf                  REL 
_pdbx_database_status.SG_entry                        . 
_pdbx_database_status.pdb_format_compatible           Y 
_pdbx_database_status.status_code_mr                  ? 
_pdbx_database_status.status_code_cs                  ? 
_pdbx_database_status.status_code_nmr_data            ? 
_pdbx_database_status.methods_development_category    ? 
# 
loop_
_pdbx_database_related.db_name 
_pdbx_database_related.db_id 
_pdbx_database_related.details 
_pdbx_database_related.content_type 
PDB 1FE1 'Photosystem II from Synechococcus Elongatus' unspecified 
PDB 1ILX 'Photosystem II from Synechococcus Elongatus' unspecified 
# 
loop_
_audit_author.name 
_audit_author.pdbx_ordinal 
'Calderone, V.'    1 
'Trabucco, M.'     2 
'Vujicic, A.'      3 
'Battistutta, R.'  4 
'Giacometti, G.M.' 5 
'Andreucci, F.'    6 
'Barbato, R.'      7 
'Zanotti, G.'      8 
# 
loop_
_citation.id 
_citation.title 
_citation.journal_abbrev 
_citation.journal_volume 
_citation.page_first 
_citation.page_last 
_citation.year 
_citation.journal_id_ASTM 
_citation.country 
_citation.journal_id_ISSN 
_citation.journal_id_CSD 
_citation.book_publisher 
_citation.pdbx_database_id_PubMed 
_citation.pdbx_database_id_DOI 
primary 'Crystal structure of the PsbQ protein of photosystem II from higher plants' 'Embo Rep.'            4   900   905   2003 ? 
UK 1469-221X ?    ? 12949587 10.1038/sj.embor.embor923 
1       
;Excited State Dynamics in Photosystem II:
    Insights from the X-Ray Crystal Structure
;
Proc.Natl.Acad.Sci.USA 98  8602  8607  2001 PNASA6 US 0027-8424 0040 ? ?        10.1073/pnas.141239598    
2       
;Three-dimensional electron cryo-microscopy study of the extrinsic  
domains of the oxygen-evolving complex of spinach: assignment of the PsbO protein
;
J.Biol.Chem.           277 15006 15012 2002 JBCHA3 US 0021-9258 0071 ? ?        10.1074/jbc.M110549200    
3       
;Crystal structure of oxygen-evolving photosystem II 
from Thermosynechoccus vulcanus at 3.7 A resolution
;
Proc.Natl.Acad.Sci.USA 100 98    103   2003 PNASA6 US 0027-8424 0040 ? ?        10.1073/pnas.0135651100   
# 
loop_
_citation_author.citation_id 
_citation_author.name 
_citation_author.ordinal 
_citation_author.identifier_ORCID 
primary 'Calderone, V.'    1  ? 
primary 'Trabucco, M.'     2  ? 
primary 'Vujicic, A.'      3  ? 
primary 'Battistutta, R.'  4  ? 
primary 'Giacometti, G.M.' 5  ? 
primary 'Andreucci, F.'    6  ? 
primary 'Barbato, R.'      7  ? 
primary 'Zanotti, G.'      8  ? 
1       'Vasilev, S.'      9  ? 
1       'Orth, P.'         10 ? 
1       'Zouni, A.'        11 ? 
1       'Owens, T.G.'      12 ? 
1       'Bruce, D.'        13 ? 
2       'Nield, J.'        14 ? 
2       'Balsera, M.'      15 ? 
2       'De Las Rivas, J.' 16 ? 
2       'Barber, J.'       17 ? 
3       'Kamiyam, N.'      18 ? 
3       'Shen, J.-R.'      19 ? 
# 
loop_
_entity.id 
_entity.type 
_entity.src_method 
_entity.pdbx_description 
_entity.formula_weight 
_entity.pdbx_number_of_molecules 
_entity.pdbx_ec 
_entity.pdbx_mutation 
_entity.pdbx_fragment 
_entity.details 
1 polymer     nat 'Oxygen-evolving enhancer protein 3' 16544.746 1  ? ? ? ? 
2 non-polymer syn 'ZINC ION'                           65.409    1  ? ? ? ? 
3 water       nat water                                18.015    71 ? ? ? ? 
# 
_entity_name_com.entity_id   1 
_entity_name_com.name        'OEE3, 16 kDa subunit of oxygen evolving system of photosystem II, OEC 16 kDa subunit, PsbQ' 
# 
_entity_poly.entity_id                      1 
_entity_poly.type                           'polypeptide(L)' 
_entity_poly.nstd_linkage                   no 
_entity_poly.nstd_monomer                   no 
_entity_poly.pdbx_seq_one_letter_code       
;EARPIVVGPPPPLSGGLPGTENSDQARDGTLPYTKDRFYLQPLPPTEAAQRAKVSASEILNVKQFIDRKAWPSLQNDLRL
RASYLRYDLKTVISAKPKDEKKSLQELTSKLFSSIDNLDHAAKIKSPTEAEKYYGQTVSNINEVLAKLG
;
_entity_poly.pdbx_seq_one_letter_code_can   
;EARPIVVGPPPPLSGGLPGTENSDQARDGTLPYTKDRFYLQPLPPTEAAQRAKVSASEILNVKQFIDRKAWPSLQNDLRL
RASYLRYDLKTVISAKPKDEKKSLQELTSKLFSSIDNLDHAAKIKSPTEAEKYYGQTVSNINEVLAKLG
;
_entity_poly.pdbx_strand_id                 A 
_entity_poly.pdbx_target_identifier         ? 
# 
loop_
_pdbx_entity_nonpoly.entity_id 
_pdbx_entity_nonpoly.name 
_pdbx_entity_nonpoly.comp_id 
2 'ZINC ION' ZN  
3 water      HOH 
# 
loop_
_entity_poly_seq.entity_id 
_entity_poly_seq.num 
_entity_poly_seq.mon_id 
_entity_poly_seq.hetero 
1 1   GLU n 
1 2   ALA n 
1 3   ARG n 
1 4   PRO n 
1 5   ILE n 
1 6   VAL n 
1 7   VAL n 
1 8   GLY n 
1 9   PRO n 
1 10  PRO n 
1 11  PRO n 
1 12  PRO n 
1 13  LEU n 
1 14  SER n 
1 15  GLY n 
1 16  GLY n 
1 17  LEU n 
1 18  PRO n 
1 19  GLY n 
1 20  THR n 
1 21  GLU n 
1 22  ASN n 
1 23  SER n 
1 24  ASP n 
1 25  GLN n 
1 26  ALA n 
1 27  ARG n 
1 28  ASP n 
1 29  GLY n 
1 30  THR n 
1 31  LEU n 
1 32  PRO n 
1 33  TYR n 
1 34  THR n 
1 35  LYS n 
1 36  ASP n 
1 37  ARG n 
1 38  PHE n 
1 39  TYR n 
1 40  LEU n 
1 41  GLN n 
1 42  PRO n 
1 43  LEU n 
1 44  PRO n 
1 45  PRO n 
1 46  THR n 
1 47  GLU n 
1 48  ALA n 
1 49  ALA n 
1 50  GLN n 
1 51  ARG n 
1 52  ALA n 
1 53  LYS n 
1 54  VAL n 
1 55  SER n 
1 56  ALA n 
1 57  SER n 
1 58  GLU n 
1 59  ILE n 
1 60  LEU n 
1 61  ASN n 
1 62  VAL n 
1 63  LYS n 
1 64  GLN n 
1 65  PHE n 
1 66  ILE n 
1 67  ASP n 
1 68  ARG n 
1 69  LYS n 
1 70  ALA n 
1 71  TRP n 
1 72  PRO n 
1 73  SER n 
1 74  LEU n 
1 75  GLN n 
1 76  ASN n 
1 77  ASP n 
1 78  LEU n 
1 79  ARG n 
1 80  LEU n 
1 81  ARG n 
1 82  ALA n 
1 83  SER n 
1 84  TYR n 
1 85  LEU n 
1 86  ARG n 
1 87  TYR n 
1 88  ASP n 
1 89  LEU n 
1 90  LYS n 
1 91  THR n 
1 92  VAL n 
1 93  ILE n 
1 94  SER n 
1 95  ALA n 
1 96  LYS n 
1 97  PRO n 
1 98  LYS n 
1 99  ASP n 
1 100 GLU n 
1 101 LYS n 
1 102 LYS n 
1 103 SER n 
1 104 LEU n 
1 105 GLN n 
1 106 GLU n 
1 107 LEU n 
1 108 THR n 
1 109 SER n 
1 110 LYS n 
1 111 LEU n 
1 112 PHE n 
1 113 SER n 
1 114 SER n 
1 115 ILE n 
1 116 ASP n 
1 117 ASN n 
1 118 LEU n 
1 119 ASP n 
1 120 HIS n 
1 121 ALA n 
1 122 ALA n 
1 123 LYS n 
1 124 ILE n 
1 125 LYS n 
1 126 SER n 
1 127 PRO n 
1 128 THR n 
1 129 GLU n 
1 130 ALA n 
1 131 GLU n 
1 132 LYS n 
1 133 TYR n 
1 134 TYR n 
1 135 GLY n 
1 136 GLN n 
1 137 THR n 
1 138 VAL n 
1 139 SER n 
1 140 ASN n 
1 141 ILE n 
1 142 ASN n 
1 143 GLU n 
1 144 VAL n 
1 145 LEU n 
1 146 ALA n 
1 147 LYS n 
1 148 LEU n 
1 149 GLY n 
# 
_entity_src_nat.entity_id                  1 
_entity_src_nat.pdbx_src_id                1 
_entity_src_nat.pdbx_alt_source_flag       sample 
_entity_src_nat.pdbx_beg_seq_num           ? 
_entity_src_nat.pdbx_end_seq_num           ? 
_entity_src_nat.common_name                spinach 
_entity_src_nat.pdbx_organism_scientific   'Spinacia oleracea' 
_entity_src_nat.pdbx_ncbi_taxonomy_id      3562 
_entity_src_nat.genus                      Spinacia 
_entity_src_nat.species                    ? 
_entity_src_nat.strain                     ? 
_entity_src_nat.tissue                     ? 
_entity_src_nat.tissue_fraction            ? 
_entity_src_nat.pdbx_secretion             ? 
_entity_src_nat.pdbx_fragment              ? 
_entity_src_nat.pdbx_variant               ? 
_entity_src_nat.pdbx_cell_line             ? 
_entity_src_nat.pdbx_atcc                  ? 
_entity_src_nat.pdbx_cellular_location     ? 
_entity_src_nat.pdbx_organ                 ? 
_entity_src_nat.pdbx_organelle             ? 
_entity_src_nat.pdbx_cell                  ? 
_entity_src_nat.pdbx_plasmid_name          ? 
_entity_src_nat.pdbx_plasmid_details       ? 
_entity_src_nat.details                    'The protein was extracted from PS II thylacoid membranes' 
# 
loop_
_chem_comp.id 
_chem_comp.type 
_chem_comp.mon_nstd_flag 
_chem_comp.name 
_chem_comp.pdbx_synonyms 
_chem_comp.formula 
_chem_comp.formula_weight 
ALA 'L-peptide linking' y ALANINE         ? 'C3 H7 N O2'     89.093  
ARG 'L-peptide linking' y ARGININE        ? 'C6 H15 N4 O2 1' 175.209 
ASN 'L-peptide linking' y ASPARAGINE      ? 'C4 H8 N2 O3'    132.118 
ASP 'L-peptide linking' y 'ASPARTIC ACID' ? 'C4 H7 N O4'     133.103 
GLN 'L-peptide linking' y GLUTAMINE       ? 'C5 H10 N2 O3'   146.144 
GLU 'L-peptide linking' y 'GLUTAMIC ACID' ? 'C5 H9 N O4'     147.129 
GLY 'peptide linking'   y GLYCINE         ? 'C2 H5 N O2'     75.067  
HIS 'L-peptide linking' y HISTIDINE       ? 'C6 H10 N3 O2 1' 156.162 
HOH non-polymer         . WATER           ? 'H2 O'           18.015  
ILE 'L-peptide linking' y ISOLEUCINE      ? 'C6 H13 N O2'    131.173 
LEU 'L-peptide linking' y LEUCINE         ? 'C6 H13 N O2'    131.173 
LYS 'L-peptide linking' y LYSINE          ? 'C6 H15 N2 O2 1' 147.195 
PHE 'L-peptide linking' y PHENYLALANINE   ? 'C9 H11 N O2'    165.189 
PRO 'L-peptide linking' y PROLINE         ? 'C5 H9 N O2'     115.130 
SER 'L-peptide linking' y SERINE          ? 'C3 H7 N O3'     105.093 
THR 'L-peptide linking' y THREONINE       ? 'C4 H9 N O3'     119.119 
TRP 'L-peptide linking' y TRYPTOPHAN      ? 'C11 H12 N2 O2'  204.225 
TYR 'L-peptide linking' y TYROSINE        ? 'C9 H11 N O3'    181.189 
VAL 'L-peptide linking' y VALINE          ? 'C5 H11 N O2'    117.146 
ZN  non-polymer         . 'ZINC ION'      ? 'Zn 2'           65.409  
# 
loop_
_pdbx_poly_seq_scheme.asym_id 
_pdbx_poly_seq_scheme.entity_id 
_pdbx_poly_seq_scheme.seq_id 
_pdbx_poly_seq_scheme.mon_id 
_pdbx_poly_seq_scheme.ndb_seq_num 
_pdbx_poly_seq_scheme.pdb_seq_num 
_pdbx_poly_seq_scheme.auth_seq_num 
_pdbx_poly_seq_scheme.pdb_mon_id 
_pdbx_poly_seq_scheme.auth_mon_id 
_pdbx_poly_seq_scheme.pdb_strand_id 
_pdbx_poly_seq_scheme.pdb_ins_code 
_pdbx_poly_seq_scheme.hetero 
A 1 1   GLU 1   1   ?   ?   ?   A . n 
A 1 2   ALA 2   2   ?   ?   ?   A . n 
A 1 3   ARG 3   3   ?   ?   ?   A . n 
A 1 4   PRO 4   4   ?   ?   ?   A . n 
A 1 5   ILE 5   5   ?   ?   ?   A . n 
A 1 6   VAL 6   6   ?   ?   ?   A . n 
A 1 7   VAL 7   7   ?   ?   ?   A . n 
A 1 8   GLY 8   8   ?   ?   ?   A . n 
A 1 9   PRO 9   9   ?   ?   ?   A . n 
A 1 10  PRO 10  10  ?   ?   ?   A . n 
A 1 11  PRO 11  11  ?   ?   ?   A . n 
A 1 12  PRO 12  12  ?   ?   ?   A . n 
A 1 13  LEU 13  13  ?   ?   ?   A . n 
A 1 14  SER 14  14  ?   ?   ?   A . n 
A 1 15  GLY 15  15  ?   ?   ?   A . n 
A 1 16  GLY 16  16  ?   ?   ?   A . n 
A 1 17  LEU 17  17  ?   ?   ?   A . n 
A 1 18  PRO 18  18  ?   ?   ?   A . n 
A 1 19  GLY 19  19  ?   ?   ?   A . n 
A 1 20  THR 20  20  ?   ?   ?   A . n 
A 1 21  GLU 21  21  ?   ?   ?   A . n 
A 1 22  ASN 22  22  ?   ?   ?   A . n 
A 1 23  SER 23  23  ?   ?   ?   A . n 
A 1 24  ASP 24  24  ?   ?   ?   A . n 
A 1 25  GLN 25  25  ?   ?   ?   A . n 
A 1 26  ALA 26  26  ?   ?   ?   A . n 
A 1 27  ARG 27  27  ?   ?   ?   A . n 
A 1 28  ASP 28  28  ?   ?   ?   A . n 
A 1 29  GLY 29  29  ?   ?   ?   A . n 
A 1 30  THR 30  30  ?   ?   ?   A . n 
A 1 31  LEU 31  31  ?   ?   ?   A . n 
A 1 32  PRO 32  32  ?   ?   ?   A . n 
A 1 33  TYR 33  33  ?   ?   ?   A . n 
A 1 34  THR 34  34  ?   ?   ?   A . n 
A 1 35  LYS 35  35  ?   ?   ?   A . n 
A 1 36  ASP 36  36  ?   ?   ?   A . n 
A 1 37  ARG 37  37  ?   ?   ?   A . n 
A 1 38  PHE 38  38  38  PHE ALA A . n 
A 1 39  TYR 39  39  39  TYR ALA A . n 
A 1 40  LEU 40  40  40  LEU ALA A . n 
A 1 41  GLN 41  41  41  GLN ALA A . n 
A 1 42  PRO 42  42  42  PRO PRO A . n 
A 1 43  LEU 43  43  43  LEU LEU A . n 
A 1 44  PRO 44  44  44  PRO PRO A . n 
A 1 45  PRO 45  45  45  PRO PRO A . n 
A 1 46  THR 46  46  46  THR THR A . n 
A 1 47  GLU 47  47  47  GLU GLU A . n 
A 1 48  ALA 48  48  48  ALA ALA A . n 
A 1 49  ALA 49  49  49  ALA ALA A . n 
A 1 50  GLN 50  50  50  GLN GLN A . n 
A 1 51  ARG 51  51  51  ARG ARG A . n 
A 1 52  ALA 52  52  52  ALA ALA A . n 
A 1 53  LYS 53  53  53  LYS LYS A . n 
A 1 54  VAL 54  54  54  VAL VAL A . n 
A 1 55  SER 55  55  55  SER SER A . n 
A 1 56  ALA 56  56  56  ALA ALA A . n 
A 1 57  SER 57  57  57  SER SER A . n 
A 1 58  GLU 58  58  58  GLU GLU A . n 
A 1 59  ILE 59  59  59  ILE ILE A . n 
A 1 60  LEU 60  60  60  LEU LEU A . n 
A 1 61  ASN 61  61  61  ASN ASN A . n 
A 1 62  VAL 62  62  62  VAL VAL A . n 
A 1 63  LYS 63  63  63  LYS LYS A . n 
A 1 64  GLN 64  64  64  GLN GLN A . n 
A 1 65  PHE 65  65  65  PHE PHE A . n 
A 1 66  ILE 66  66  66  ILE ILE A . n 
A 1 67  ASP 67  67  67  ASP ASP A . n 
A 1 68  ARG 68  68  68  ARG ARG A . n 
A 1 69  LYS 69  69  69  LYS LYS A . n 
A 1 70  ALA 70  70  70  ALA ALA A . n 
A 1 71  TRP 71  71  71  TRP TRP A . n 
A 1 72  PRO 72  72  72  PRO PRO A . n 
A 1 73  SER 73  73  73  SER SER A . n 
A 1 74  LEU 74  74  74  LEU LEU A . n 
A 1 75  GLN 75  75  75  GLN GLN A . n 
A 1 76  ASN 76  76  76  ASN ASN A . n 
A 1 77  ASP 77  77  77  ASP ASP A . n 
A 1 78  LEU 78  78  78  LEU LEU A . n 
A 1 79  ARG 79  79  79  ARG ARG A . n 
A 1 80  LEU 80  80  80  LEU LEU A . n 
A 1 81  ARG 81  81  81  ARG ARG A . n 
A 1 82  ALA 82  82  82  ALA ALA A . n 
A 1 83  SER 83  83  83  SER SER A . n 
A 1 84  TYR 84  84  84  TYR TYR A . n 
A 1 85  LEU 85  85  85  LEU LEU A . n 
A 1 86  ARG 86  86  86  ARG ARG A . n 
A 1 87  TYR 87  87  87  TYR TYR A . n 
A 1 88  ASP 88  88  88  ASP ASP A . n 
A 1 89  LEU 89  89  89  LEU LEU A . n 
A 1 90  LYS 90  90  90  LYS LYS A . n 
A 1 91  THR 91  91  91  THR THR A . n 
A 1 92  VAL 92  92  92  VAL VAL A . n 
A 1 93  ILE 93  93  93  ILE ILE A . n 
A 1 94  SER 94  94  94  SER SER A . n 
A 1 95  ALA 95  95  95  ALA ALA A . n 
A 1 96  LYS 96  96  96  LYS LYS A . n 
A 1 97  PRO 97  97  97  PRO PRO A . n 
A 1 98  LYS 98  98  98  LYS LYS A . n 
A 1 99  ASP 99  99  99  ASP ASP A . n 
A 1 100 GLU 100 100 100 GLU GLU A . n 
A 1 101 LYS 101 101 101 LYS LYS A . n 
A 1 102 LYS 102 102 102 LYS LYS A . n 
A 1 103 SER 103 103 103 SER SER A . n 
A 1 104 LEU 104 104 104 LEU LEU A . n 
A 1 105 GLN 105 105 105 GLN GLN A . n 
A 1 106 GLU 106 106 106 GLU GLU A . n 
A 1 107 LEU 107 107 107 LEU LEU A . n 
A 1 108 THR 108 108 108 THR THR A . n 
A 1 109 SER 109 109 109 SER SER A . n 
A 1 110 LYS 110 110 110 LYS LYS A . n 
A 1 111 LEU 111 111 111 LEU LEU A . n 
A 1 112 PHE 112 112 112 PHE PHE A . n 
A 1 113 SER 113 113 113 SER SER A . n 
A 1 114 SER 114 114 114 SER SER A . n 
A 1 115 ILE 115 115 115 ILE ILE A . n 
A 1 116 ASP 116 116 116 ASP ASP A . n 
A 1 117 ASN 117 117 117 ASN ASN A . n 
A 1 118 LEU 118 118 118 LEU LEU A . n 
A 1 119 ASP 119 119 119 ASP ASP A . n 
A 1 120 HIS 120 120 120 HIS HIS A . n 
A 1 121 ALA 121 121 121 ALA ALA A . n 
A 1 122 ALA 122 122 122 ALA ALA A . n 
A 1 123 LYS 123 123 123 LYS LYS A . n 
A 1 124 ILE 124 124 124 ILE ILE A . n 
A 1 125 LYS 125 125 125 LYS LYS A . n 
A 1 126 SER 126 126 126 SER SER A . n 
A 1 127 PRO 127 127 127 PRO PRO A . n 
A 1 128 THR 128 128 128 THR THR A . n 
A 1 129 GLU 129 129 129 GLU GLU A . n 
A 1 130 ALA 130 130 130 ALA ALA A . n 
A 1 131 GLU 131 131 131 GLU GLU A . n 
A 1 132 LYS 132 132 132 LYS LYS A . n 
A 1 133 TYR 133 133 133 TYR TYR A . n 
A 1 134 TYR 134 134 134 TYR TYR A . n 
A 1 135 GLY 135 135 135 GLY GLY A . n 
A 1 136 GLN 136 136 136 GLN GLN A . n 
A 1 137 THR 137 137 137 THR THR A . n 
A 1 138 VAL 138 138 138 VAL VAL A . n 
A 1 139 SER 139 139 139 SER SER A . n 
A 1 140 ASN 140 140 140 ASN ASN A . n 
A 1 141 ILE 141 141 141 ILE ILE A . n 
A 1 142 ASN 142 142 142 ASN ASN A . n 
A 1 143 GLU 143 143 143 GLU GLU A . n 
A 1 144 VAL 144 144 144 VAL VAL A . n 
A 1 145 LEU 145 145 145 LEU LEU A . n 
A 1 146 ALA 146 146 146 ALA ALA A . n 
A 1 147 LYS 147 147 147 LYS LYS A . n 
A 1 148 LEU 148 148 148 LEU LEU A . n 
A 1 149 GLY 149 149 149 GLY GLY A . n 
# 
loop_
_pdbx_nonpoly_scheme.asym_id 
_pdbx_nonpoly_scheme.entity_id 
_pdbx_nonpoly_scheme.mon_id 
_pdbx_nonpoly_scheme.ndb_seq_num 
_pdbx_nonpoly_scheme.pdb_seq_num 
_pdbx_nonpoly_scheme.auth_seq_num 
_pdbx_nonpoly_scheme.pdb_mon_id 
_pdbx_nonpoly_scheme.auth_mon_id 
_pdbx_nonpoly_scheme.pdb_strand_id 
_pdbx_nonpoly_scheme.pdb_ins_code 
B 2 ZN  1  150  150  ZN  ZN  A . 
C 3 HOH 1  1001 1001 HOH HOH A . 
C 3 HOH 2  1002 1002 HOH HOH A . 
C 3 HOH 3  1003 1003 HOH HOH A . 
C 3 HOH 4  1004 1004 HOH HOH A . 
C 3 HOH 5  1005 1005 HOH HOH A . 
C 3 HOH 6  1006 1006 HOH HOH A . 
C 3 HOH 7  1007 1007 HOH HOH A . 
C 3 HOH 8  1008 1008 HOH HOH A . 
C 3 HOH 9  1009 1009 HOH HOH A . 
C 3 HOH 10 1010 1010 HOH HOH A . 
C 3 HOH 11 1011 1011 HOH HOH A . 
C 3 HOH 12 1012 1012 HOH HOH A . 
C 3 HOH 13 1013 1013 HOH HOH A . 
C 3 HOH 14 1014 1014 HOH HOH A . 
C 3 HOH 15 1015 1015 HOH HOH A . 
C 3 HOH 16 1016 1016 HOH HOH A . 
C 3 HOH 17 1017 1017 HOH HOH A . 
C 3 HOH 18 1018 1018 HOH HOH A . 
C 3 HOH 19 1019 1019 HOH HOH A . 
C 3 HOH 20 1020 1020 HOH HOH A . 
C 3 HOH 21 1021 1021 HOH HOH A . 
C 3 HOH 22 1022 1022 HOH HOH A . 
C 3 HOH 23 1023 1023 HOH HOH A . 
C 3 HOH 24 1024 1024 HOH HOH A . 
C 3 HOH 25 1025 1025 HOH HOH A . 
C 3 HOH 26 1026 1026 HOH HOH A . 
C 3 HOH 27 1027 1027 HOH HOH A . 
C 3 HOH 28 1028 1028 HOH HOH A . 
C 3 HOH 29 1029 1029 HOH HOH A . 
C 3 HOH 30 1030 1030 HOH HOH A . 
C 3 HOH 31 1031 1031 HOH HOH A . 
C 3 HOH 32 1032 1032 HOH HOH A . 
C 3 HOH 33 1033 1033 HOH HOH A . 
C 3 HOH 34 1034 1034 HOH HOH A . 
C 3 HOH 35 1035 1035 HOH HOH A . 
C 3 HOH 36 1036 1036 HOH HOH A . 
C 3 HOH 37 1037 1037 HOH HOH A . 
C 3 HOH 38 1038 1038 HOH HOH A . 
C 3 HOH 39 1039 1039 HOH HOH A . 
C 3 HOH 40 1040 1040 HOH HOH A . 
C 3 HOH 41 1041 1041 HOH HOH A . 
C 3 HOH 42 1042 1042 HOH HOH A . 
C 3 HOH 43 1043 1043 HOH HOH A . 
C 3 HOH 44 1044 1044 HOH HOH A . 
C 3 HOH 45 1045 1045 HOH HOH A . 
C 3 HOH 46 1046 1046 HOH HOH A . 
C 3 HOH 47 1047 1047 HOH HOH A . 
C 3 HOH 48 1048 1048 HOH HOH A . 
C 3 HOH 49 1049 1049 HOH HOH A . 
C 3 HOH 50 1051 1051 HOH HOH A . 
C 3 HOH 51 1052 1052 HOH HOH A . 
C 3 HOH 52 1053 1053 HOH HOH A . 
C 3 HOH 53 1054 1054 HOH HOH A . 
C 3 HOH 54 1055 1055 HOH HOH A . 
C 3 HOH 55 1056 1056 HOH HOH A . 
C 3 HOH 56 1057 1057 HOH HOH A . 
C 3 HOH 57 1058 1058 HOH HOH A . 
C 3 HOH 58 1059 1059 HOH HOH A . 
C 3 HOH 59 1060 1060 HOH HOH A . 
C 3 HOH 60 1061 1061 HOH HOH A . 
C 3 HOH 61 1062 1062 HOH HOH A . 
C 3 HOH 62 1063 1063 HOH HOH A . 
C 3 HOH 63 1064 1064 HOH HOH A . 
C 3 HOH 64 1065 1065 HOH HOH A . 
C 3 HOH 65 1066 1066 HOH HOH A . 
C 3 HOH 66 1068 1068 HOH HOH A . 
C 3 HOH 67 1069 1069 HOH HOH A . 
C 3 HOH 68 1070 1070 HOH HOH A . 
C 3 HOH 69 1071 1071 HOH HOH A . 
C 3 HOH 70 1072 1072 HOH HOH A . 
C 3 HOH 71 1073 1073 HOH HOH A . 
# 
loop_
_pdbx_unobs_or_zero_occ_atoms.id 
_pdbx_unobs_or_zero_occ_atoms.PDB_model_num 
_pdbx_unobs_or_zero_occ_atoms.polymer_flag 
_pdbx_unobs_or_zero_occ_atoms.occupancy_flag 
_pdbx_unobs_or_zero_occ_atoms.auth_asym_id 
_pdbx_unobs_or_zero_occ_atoms.auth_comp_id 
_pdbx_unobs_or_zero_occ_atoms.auth_seq_id 
_pdbx_unobs_or_zero_occ_atoms.PDB_ins_code 
_pdbx_unobs_or_zero_occ_atoms.auth_atom_id 
_pdbx_unobs_or_zero_occ_atoms.label_alt_id 
_pdbx_unobs_or_zero_occ_atoms.label_asym_id 
_pdbx_unobs_or_zero_occ_atoms.label_comp_id 
_pdbx_unobs_or_zero_occ_atoms.label_seq_id 
_pdbx_unobs_or_zero_occ_atoms.label_atom_id 
1  1 Y 1 A PHE 38 ? CG  ? A PHE 38 CG  
2  1 Y 1 A PHE 38 ? CD1 ? A PHE 38 CD1 
3  1 Y 1 A PHE 38 ? CD2 ? A PHE 38 CD2 
4  1 Y 1 A PHE 38 ? CE1 ? A PHE 38 CE1 
5  1 Y 1 A PHE 38 ? CE2 ? A PHE 38 CE2 
6  1 Y 1 A PHE 38 ? CZ  ? A PHE 38 CZ  
7  1 Y 1 A TYR 39 ? CG  ? A TYR 39 CG  
8  1 Y 1 A TYR 39 ? CD1 ? A TYR 39 CD1 
9  1 Y 1 A TYR 39 ? CD2 ? A TYR 39 CD2 
10 1 Y 1 A TYR 39 ? CE1 ? A TYR 39 CE1 
11 1 Y 1 A TYR 39 ? CE2 ? A TYR 39 CE2 
12 1 Y 1 A TYR 39 ? CZ  ? A TYR 39 CZ  
13 1 Y 1 A TYR 39 ? OH  ? A TYR 39 OH  
14 1 Y 1 A LEU 40 ? CG  ? A LEU 40 CG  
15 1 Y 1 A LEU 40 ? CD1 ? A LEU 40 CD1 
16 1 Y 1 A LEU 40 ? CD2 ? A LEU 40 CD2 
17 1 Y 1 A GLN 41 ? CG  ? A GLN 41 CG  
18 1 Y 1 A GLN 41 ? CD  ? A GLN 41 CD  
19 1 Y 1 A GLN 41 ? OE1 ? A GLN 41 OE1 
20 1 Y 1 A GLN 41 ? NE2 ? A GLN 41 NE2 
# 
loop_
_software.name 
_software.classification 
_software.version 
_software.citation_id 
_software.pdbx_ordinal 
CNS    refinement       1.0       ? 1 
MOSFLM 'data reduction' .         ? 2 
CCP4   'data scaling'   '(SCALA)' ? 3 
SOLVE  phasing          .         ? 4 
# 
_cell.entry_id           1NZE 
_cell.length_a           50.282 
_cell.length_b           50.282 
_cell.length_c           94.067 
_cell.angle_alpha        90.00 
_cell.angle_beta         90.00 
_cell.angle_gamma        120.00 
_cell.Z_PDB              6 
_cell.pdbx_unique_axis   ? 
# 
_symmetry.entry_id                         1NZE 
_symmetry.space_group_name_H-M             'P 32 2 1' 
_symmetry.pdbx_full_space_group_name_H-M   ? 
_symmetry.cell_setting                     ? 
_symmetry.Int_Tables_number                154 
# 
_exptl.entry_id          1NZE 
_exptl.method            'X-RAY DIFFRACTION' 
_exptl.crystals_number   3 
# 
_exptl_crystal.id                    1 
_exptl_crystal.density_meas          ? 
_exptl_crystal.density_Matthews      2.58 
_exptl_crystal.density_percent_sol   51.97 
_exptl_crystal.description           ? 
# 
_exptl_crystal_grow.crystal_id      1 
_exptl_crystal_grow.method          'VAPOR DIFFUSION, SITTING DROP' 
_exptl_crystal_grow.temp            298 
_exptl_crystal_grow.temp_details    ? 
_exptl_crystal_grow.pH              7.2 
_exptl_crystal_grow.pdbx_details    '50 mM Tris, 50 mM NaCl, 5 mM Zn2+, pH 7.2, VAPOR DIFFUSION, SITTING DROP, temperature 298K' 
_exptl_crystal_grow.pdbx_pH_range   . 
# 
loop_
_diffrn.id 
_diffrn.ambient_temp 
_diffrn.ambient_temp_details 
_diffrn.crystal_id 
1 100 ? 1 
2 100 ? 1 
3 100 ? 1 
# 
loop_
_diffrn_detector.diffrn_id 
_diffrn_detector.detector 
_diffrn_detector.type 
_diffrn_detector.pdbx_collection_date 
_diffrn_detector.details 
1 CCD 'ADSC QUANTUM 210' 2002-02-15 ? 
2 CCD MARRESEARCH        2001-09-04 ? 
3 CCD 'ADSC QUANTUM 4'   2002-04-09 ? 
# 
_diffrn_radiation.diffrn_id                        1 
_diffrn_radiation.wavelength_id                    1 
_diffrn_radiation.pdbx_monochromatic_or_laue_m_l   M 
_diffrn_radiation.monochromator                    ? 
_diffrn_radiation.pdbx_diffrn_protocol             MAD 
_diffrn_radiation.pdbx_scattering_type             x-ray 
# 
loop_
_diffrn_radiation_wavelength.id 
_diffrn_radiation_wavelength.wavelength 
_diffrn_radiation_wavelength.wt 
1 0.93   1.0 
2 1.282  1.0 
3 1.284  1.0 
4 1.2    1.0 
5 0.9393 1.0 
# 
loop_
_diffrn_source.diffrn_id 
_diffrn_source.source 
_diffrn_source.type 
_diffrn_source.pdbx_synchrotron_site 
_diffrn_source.pdbx_synchrotron_beamline 
_diffrn_source.pdbx_wavelength 
_diffrn_source.pdbx_wavelength_list 
1 SYNCHROTRON 'ESRF BEAMLINE ID29'    ESRF    ID29   ? '0.93, 1.282, 1.284' 
2 SYNCHROTRON 'ELETTRA BEAMLINE 5.2R' ELETTRA 5.2R   ? 1.2                  
3 SYNCHROTRON 'ESRF BEAMLINE ID14-4'  ESRF    ID14-4 ? 0.9393               
# 
_reflns.entry_id                     1NZE 
_reflns.observed_criterion_sigma_I   0 
_reflns.observed_criterion_sigma_F   0 
_reflns.d_resolution_low             43.55 
_reflns.d_resolution_high            1.95 
_reflns.number_obs                   10333 
_reflns.number_all                   10333 
_reflns.percent_possible_obs         98.1 
_reflns.pdbx_Rmerge_I_obs            0.11 
_reflns.pdbx_Rsym_value              0.11 
_reflns.pdbx_netI_over_sigmaI        3.3 
_reflns.B_iso_Wilson_estimate        40.4 
_reflns.pdbx_redundancy              6.2 
_reflns.R_free_details               ? 
_reflns.limit_h_max                  ? 
_reflns.limit_h_min                  ? 
_reflns.limit_k_max                  ? 
_reflns.limit_k_min                  ? 
_reflns.limit_l_max                  ? 
_reflns.limit_l_min                  ? 
_reflns.observed_criterion_F_max     ? 
_reflns.observed_criterion_F_min     ? 
_reflns.pdbx_diffrn_id               1 
_reflns.pdbx_ordinal                 1 
# 
_reflns_shell.d_res_high             1.95 
_reflns_shell.d_res_low              2.06 
_reflns_shell.percent_possible_all   90.9 
_reflns_shell.Rmerge_I_obs           0.33 
_reflns_shell.pdbx_Rsym_value        0.33 
_reflns_shell.meanI_over_sigI_obs    1.2 
_reflns_shell.pdbx_redundancy        5.3 
_reflns_shell.percent_possible_obs   ? 
_reflns_shell.number_unique_all      1340 
_reflns_shell.pdbx_diffrn_id         ? 
_reflns_shell.pdbx_ordinal           1 
# 
_refine.entry_id                                 1NZE 
_refine.ls_number_reflns_obs                     10307 
_refine.ls_number_reflns_all                     10333 
_refine.pdbx_ls_sigma_I                          0 
_refine.pdbx_ls_sigma_F                          0 
_refine.pdbx_data_cutoff_high_absF               ? 
_refine.pdbx_data_cutoff_low_absF                ? 
_refine.pdbx_data_cutoff_high_rms_absF           ? 
_refine.ls_d_res_low                             43.55 
_refine.ls_d_res_high                            1.95 
_refine.ls_percent_reflns_obs                    97.8 
_refine.ls_R_factor_obs                          0.227 
_refine.ls_R_factor_all                          0.229 
_refine.ls_R_factor_R_work                       0.227 
_refine.ls_R_factor_R_free                       0.268 
_refine.ls_R_factor_R_free_error                 .008 
_refine.ls_R_factor_R_free_error_details         ? 
_refine.ls_percent_reflns_R_free                 10.3 
_refine.ls_number_reflns_R_free                  1062 
_refine.ls_number_parameters                     ? 
_refine.ls_number_restraints                     ? 
_refine.occupancy_min                            ? 
_refine.occupancy_max                            ? 
_refine.correlation_coeff_Fo_to_Fc               ? 
_refine.correlation_coeff_Fo_to_Fc_free          ? 
_refine.B_iso_mean                               59.2 
_refine.aniso_B[1][1]                            -4.56 
_refine.aniso_B[2][2]                            -6.75 
_refine.aniso_B[3][3]                            11.31 
_refine.aniso_B[1][2]                            2.22 
_refine.aniso_B[1][3]                            .00 
_refine.aniso_B[2][3]                            .00 
_refine.solvent_model_details                    'FLAT MODEL' 
_refine.solvent_model_param_ksol                 .368844 
_refine.solvent_model_param_bsol                 77.2503 
_refine.pdbx_solvent_vdw_probe_radii             ? 
_refine.pdbx_solvent_ion_probe_radii             ? 
_refine.pdbx_solvent_shrinkage_radii             ? 
_refine.pdbx_ls_cross_valid_method               THROUGHOUT 
_refine.details                                  ? 
_refine.pdbx_starting_model                      ? 
_refine.pdbx_method_to_determine_struct          MAD 
_refine.pdbx_isotropic_thermal_model             RESTRAINED 
_refine.pdbx_stereochemistry_target_values       'Engh & Huber' 
_refine.pdbx_stereochem_target_val_spec_case     ? 
_refine.pdbx_R_Free_selection_details            RANDOM 
_refine.pdbx_overall_ESU_R                       ? 
_refine.pdbx_overall_ESU_R_Free                  ? 
_refine.overall_SU_ML                            ? 
_refine.overall_SU_B                             ? 
_refine.ls_redundancy_reflns_obs                 ? 
_refine.B_iso_min                                ? 
_refine.B_iso_max                                ? 
_refine.overall_SU_R_Cruickshank_DPI             ? 
_refine.overall_SU_R_free                        ? 
_refine.pdbx_refine_id                           'X-RAY DIFFRACTION' 
_refine.pdbx_diffrn_id                           1 
_refine.pdbx_TLS_residual_ADP_flag               ? 
_refine.pdbx_overall_phase_error                 ? 
_refine.pdbx_overall_SU_R_free_Cruickshank_DPI   ? 
_refine.pdbx_overall_SU_R_Blow_DPI               ? 
_refine.pdbx_overall_SU_R_free_Blow_DPI          ? 
# 
_refine_analyze.entry_id                        1NZE 
_refine_analyze.Luzzati_coordinate_error_obs    0.32 
_refine_analyze.Luzzati_sigma_a_obs             0.38 
_refine_analyze.Luzzati_d_res_low_obs           5 
_refine_analyze.Luzzati_coordinate_error_free   0.35 
_refine_analyze.Luzzati_sigma_a_free            0.39 
_refine_analyze.Luzzati_d_res_low_free          ? 
_refine_analyze.number_disordered_residues      ? 
_refine_analyze.occupancy_sum_hydrogen          ? 
_refine_analyze.occupancy_sum_non_hydrogen      ? 
_refine_analyze.pdbx_Luzzati_d_res_high_obs     ? 
_refine_analyze.pdbx_refine_id                  'X-RAY DIFFRACTION' 
# 
_refine_hist.pdbx_refine_id                   'X-RAY DIFFRACTION' 
_refine_hist.cycle_id                         LAST 
_refine_hist.pdbx_number_atoms_protein        876 
_refine_hist.pdbx_number_atoms_nucleic_acid   0 
_refine_hist.pdbx_number_atoms_ligand         1 
_refine_hist.number_atoms_solvent             73 
_refine_hist.number_atoms_total               950 
_refine_hist.d_res_high                       1.95 
_refine_hist.d_res_low                        43.55 
# 
loop_
_refine_ls_restr.type 
_refine_ls_restr.dev_ideal 
_refine_ls_restr.dev_ideal_target 
_refine_ls_restr.weight 
_refine_ls_restr.number 
_refine_ls_restr.pdbx_refine_id 
_refine_ls_restr.pdbx_restraint_function 
c_bond_d                .009 ?    ? ? 'X-RAY DIFFRACTION' ? 
c_bond_d_na             ?    ?    ? ? 'X-RAY DIFFRACTION' ? 
c_bond_d_prot           ?    ?    ? ? 'X-RAY DIFFRACTION' ? 
c_angle_d               ?    ?    ? ? 'X-RAY DIFFRACTION' ? 
c_angle_d_na            ?    ?    ? ? 'X-RAY DIFFRACTION' ? 
c_angle_d_prot          ?    ?    ? ? 'X-RAY DIFFRACTION' ? 
c_angle_deg             1.5  ?    ? ? 'X-RAY DIFFRACTION' ? 
c_angle_deg_na          ?    ?    ? ? 'X-RAY DIFFRACTION' ? 
c_angle_deg_prot        ?    ?    ? ? 'X-RAY DIFFRACTION' ? 
c_dihedral_angle_d      20.3 ?    ? ? 'X-RAY DIFFRACTION' ? 
c_dihedral_angle_d_na   ?    ?    ? ? 'X-RAY DIFFRACTION' ? 
c_dihedral_angle_d_prot ?    ?    ? ? 'X-RAY DIFFRACTION' ? 
c_improper_angle_d      .97  ?    ? ? 'X-RAY DIFFRACTION' ? 
c_improper_angle_d_na   ?    ?    ? ? 'X-RAY DIFFRACTION' ? 
c_improper_angle_d_prot ?    ?    ? ? 'X-RAY DIFFRACTION' ? 
c_mcbond_it             1.61 1.50 ? ? 'X-RAY DIFFRACTION' ? 
c_mcangle_it            2.84 2.00 ? ? 'X-RAY DIFFRACTION' ? 
c_scbond_it             2.42 2.00 ? ? 'X-RAY DIFFRACTION' ? 
c_scangle_it            4.03 2.50 ? ? 'X-RAY DIFFRACTION' ? 
# 
_refine_ls_shell.pdbx_total_number_of_bins_used   6 
_refine_ls_shell.d_res_high                       1.95 
_refine_ls_shell.d_res_low                        2.07 
_refine_ls_shell.number_reflns_R_work             1379 
_refine_ls_shell.R_factor_R_work                  0.382 
_refine_ls_shell.percent_reflns_obs               90.0 
_refine_ls_shell.R_factor_R_free                  0.387 
_refine_ls_shell.R_factor_R_free_error            .031 
_refine_ls_shell.percent_reflns_R_free            10.3 
_refine_ls_shell.number_reflns_R_free             158 
_refine_ls_shell.number_reflns_obs                1560 
_refine_ls_shell.redundancy_reflns_obs            ? 
_refine_ls_shell.number_reflns_all                ? 
_refine_ls_shell.pdbx_refine_id                   'X-RAY DIFFRACTION' 
_refine_ls_shell.R_factor_all                     ? 
# 
loop_
_pdbx_xplor_file.serial_no 
_pdbx_xplor_file.param_file 
_pdbx_xplor_file.topol_file 
_pdbx_xplor_file.pdbx_refine_id 
1 PROTEIN_REP.PARAM PROTEIN.TOP 'X-RAY DIFFRACTION' 
2 WATER_REP.PARAM   WATER.TOP   'X-RAY DIFFRACTION' 
3 ION.PARAM         ION.TOP     'X-RAY DIFFRACTION' 
# 
_struct.entry_id                  1NZE 
_struct.title                     'Crystal structure of PsbQ polypeptide of photosystem II from higher plants' 
_struct.pdbx_model_details        ? 
_struct.pdbx_CASP_flag            ? 
_struct.pdbx_model_type_details   ? 
# 
_struct_keywords.entry_id        1NZE 
_struct_keywords.pdbx_keywords   OXIDOREDUCTASE 
_struct_keywords.text            
'Photosystem II, oxygen-enhancer evolving complex, water oxidizing complex, PsbQ, OEE3, OXIDOREDUCTASE' 
# 
loop_
_struct_asym.id 
_struct_asym.pdbx_blank_PDB_chainid_flag 
_struct_asym.pdbx_modified 
_struct_asym.entity_id 
_struct_asym.details 
A N N 1 ? 
B N N 2 ? 
C N N 3 ? 
# 
_struct_ref.id                         1 
_struct_ref.db_name                    UNP 
_struct_ref.db_code                    PSBQ_SPIOL 
_struct_ref.entity_id                  1 
_struct_ref.pdbx_seq_one_letter_code   
;EARPIVVGPPPPLSGGLPGTENSDQARDGTLPYTKDRFYLQPLPPTEAAQRAKVSASEILNVKQFIDRKAWPSLQNDLRL
RASYLRYDLKTVISAKPKDEKKSLQELTSKLFSSIDNLDHAAKIKSPTEAEKYYGQTVSNINEVLAKLG
;
_struct_ref.pdbx_align_begin           84 
_struct_ref.pdbx_db_accession          P12301 
_struct_ref.pdbx_db_isoform            ? 
# 
_struct_ref_seq.align_id                      1 
_struct_ref_seq.ref_id                        1 
_struct_ref_seq.pdbx_PDB_id_code              1NZE 
_struct_ref_seq.pdbx_strand_id                A 
_struct_ref_seq.seq_align_beg                 1 
_struct_ref_seq.pdbx_seq_align_beg_ins_code   ? 
_struct_ref_seq.seq_align_end                 149 
_struct_ref_seq.pdbx_seq_align_end_ins_code   ? 
_struct_ref_seq.pdbx_db_accession             P12301 
_struct_ref_seq.db_align_beg                  84 
_struct_ref_seq.pdbx_db_align_beg_ins_code    ? 
_struct_ref_seq.db_align_end                  232 
_struct_ref_seq.pdbx_db_align_end_ins_code    ? 
_struct_ref_seq.pdbx_auth_seq_align_beg       1 
_struct_ref_seq.pdbx_auth_seq_align_end       149 
# 
_pdbx_struct_assembly.id                   1 
_pdbx_struct_assembly.details              author_defined_assembly 
_pdbx_struct_assembly.method_details       ? 
_pdbx_struct_assembly.oligomeric_details   monomeric 
_pdbx_struct_assembly.oligomeric_count     1 
# 
_pdbx_struct_assembly_gen.assembly_id       1 
_pdbx_struct_assembly_gen.oper_expression   1 
_pdbx_struct_assembly_gen.asym_id_list      A,B,C 
# 
_pdbx_struct_oper_list.id                   1 
_pdbx_struct_oper_list.type                 'identity operation' 
_pdbx_struct_oper_list.name                 1_555 
_pdbx_struct_oper_list.symmetry_operation   x,y,z 
_pdbx_struct_oper_list.matrix[1][1]         1.0000000000 
_pdbx_struct_oper_list.matrix[1][2]         0.0000000000 
_pdbx_struct_oper_list.matrix[1][3]         0.0000000000 
_pdbx_struct_oper_list.vector[1]            0.0000000000 
_pdbx_struct_oper_list.matrix[2][1]         0.0000000000 
_pdbx_struct_oper_list.matrix[2][2]         1.0000000000 
_pdbx_struct_oper_list.matrix[2][3]         0.0000000000 
_pdbx_struct_oper_list.vector[2]            0.0000000000 
_pdbx_struct_oper_list.matrix[3][1]         0.0000000000 
_pdbx_struct_oper_list.matrix[3][2]         0.0000000000 
_pdbx_struct_oper_list.matrix[3][3]         1.0000000000 
_pdbx_struct_oper_list.vector[3]            0.0000000000 
# 
loop_
_struct_conf.conf_type_id 
_struct_conf.id 
_struct_conf.pdbx_PDB_helix_id 
_struct_conf.beg_label_comp_id 
_struct_conf.beg_label_asym_id 
_struct_conf.beg_label_seq_id 
_struct_conf.pdbx_beg_PDB_ins_code 
_struct_conf.end_label_comp_id 
_struct_conf.end_label_asym_id 
_struct_conf.end_label_seq_id 
_struct_conf.pdbx_end_PDB_ins_code 
_struct_conf.beg_auth_comp_id 
_struct_conf.beg_auth_asym_id 
_struct_conf.beg_auth_seq_id 
_struct_conf.end_auth_comp_id 
_struct_conf.end_auth_asym_id 
_struct_conf.end_auth_seq_id 
_struct_conf.pdbx_PDB_helix_class 
_struct_conf.details 
_struct_conf.pdbx_PDB_helix_length 
HELX_P HELX_P1 1 GLU A 47  ? ASN A 61  ? GLU A 47  ASN A 61  1 ? 15 
HELX_P HELX_P2 2 VAL A 62  ? ARG A 68  ? VAL A 62  ARG A 68  1 ? 7  
HELX_P HELX_P3 3 ALA A 70  ? ALA A 95  ? ALA A 70  ALA A 95  1 ? 26 
HELX_P HELX_P4 4 PRO A 97  ? ILE A 124 ? PRO A 97  ILE A 124 1 ? 28 
HELX_P HELX_P5 5 SER A 126 ? LYS A 147 ? SER A 126 LYS A 147 1 ? 22 
# 
_struct_conf_type.id          HELX_P 
_struct_conf_type.criteria    ? 
_struct_conf_type.reference   ? 
# 
loop_
_struct_conn.id 
_struct_conn.conn_type_id 
_struct_conn.pdbx_leaving_atom_flag 
_struct_conn.pdbx_PDB_id 
_struct_conn.ptnr1_label_asym_id 
_struct_conn.ptnr1_label_comp_id 
_struct_conn.ptnr1_label_seq_id 
_struct_conn.ptnr1_label_atom_id 
_struct_conn.pdbx_ptnr1_label_alt_id 
_struct_conn.pdbx_ptnr1_PDB_ins_code 
_struct_conn.pdbx_ptnr1_standard_comp_id 
_struct_conn.ptnr1_symmetry 
_struct_conn.ptnr2_label_asym_id 
_struct_conn.ptnr2_label_comp_id 
_struct_conn.ptnr2_label_seq_id 
_struct_conn.ptnr2_label_atom_id 
_struct_conn.pdbx_ptnr2_label_alt_id 
_struct_conn.pdbx_ptnr2_PDB_ins_code 
_struct_conn.ptnr1_auth_asym_id 
_struct_conn.ptnr1_auth_comp_id 
_struct_conn.ptnr1_auth_seq_id 
_struct_conn.ptnr2_auth_asym_id 
_struct_conn.ptnr2_auth_comp_id 
_struct_conn.ptnr2_auth_seq_id 
_struct_conn.ptnr2_symmetry 
_struct_conn.pdbx_ptnr3_label_atom_id 
_struct_conn.pdbx_ptnr3_label_seq_id 
_struct_conn.pdbx_ptnr3_label_comp_id 
_struct_conn.pdbx_ptnr3_label_asym_id 
_struct_conn.pdbx_ptnr3_label_alt_id 
_struct_conn.pdbx_ptnr3_PDB_ins_code 
_struct_conn.details 
_struct_conn.pdbx_dist_value 
_struct_conn.pdbx_value_order 
_struct_conn.pdbx_role 
metalc1 metalc ? ? A GLN 105 OE1 ? ? ? 1_555 B ZN  . ZN ? ? A GLN 105 A ZN  150  1_555 ? ? ? ? ? ? ? 2.058 ? ? 
metalc2 metalc ? ? A HIS 120 NE2 ? ? ? 6_665 B ZN  . ZN ? ? A HIS 120 A ZN  150  1_555 ? ? ? ? ? ? ? 2.113 ? ? 
metalc3 metalc ? ? A GLU 129 OE1 ? ? ? 6_665 B ZN  . ZN ? ? A GLU 129 A ZN  150  1_555 ? ? ? ? ? ? ? 2.052 ? ? 
metalc4 metalc ? ? B ZN  .   ZN  ? ? ? 1_555 C HOH . O  ? ? A ZN  150 A HOH 1003 1_555 ? ? ? ? ? ? ? 2.176 ? ? 
# 
_struct_conn_type.id          metalc 
_struct_conn_type.criteria    ? 
_struct_conn_type.reference   ? 
# 
loop_
_pdbx_struct_conn_angle.id 
_pdbx_struct_conn_angle.ptnr1_label_atom_id 
_pdbx_struct_conn_angle.ptnr1_label_alt_id 
_pdbx_struct_conn_angle.ptnr1_label_asym_id 
_pdbx_struct_conn_angle.ptnr1_label_comp_id 
_pdbx_struct_conn_angle.ptnr1_label_seq_id 
_pdbx_struct_conn_angle.ptnr1_auth_atom_id 
_pdbx_struct_conn_angle.ptnr1_auth_asym_id 
_pdbx_struct_conn_angle.ptnr1_auth_comp_id 
_pdbx_struct_conn_angle.ptnr1_auth_seq_id 
_pdbx_struct_conn_angle.ptnr1_PDB_ins_code 
_pdbx_struct_conn_angle.ptnr1_symmetry 
_pdbx_struct_conn_angle.ptnr2_label_atom_id 
_pdbx_struct_conn_angle.ptnr2_label_alt_id 
_pdbx_struct_conn_angle.ptnr2_label_asym_id 
_pdbx_struct_conn_angle.ptnr2_label_comp_id 
_pdbx_struct_conn_angle.ptnr2_label_seq_id 
_pdbx_struct_conn_angle.ptnr2_auth_atom_id 
_pdbx_struct_conn_angle.ptnr2_auth_asym_id 
_pdbx_struct_conn_angle.ptnr2_auth_comp_id 
_pdbx_struct_conn_angle.ptnr2_auth_seq_id 
_pdbx_struct_conn_angle.ptnr2_PDB_ins_code 
_pdbx_struct_conn_angle.ptnr2_symmetry 
_pdbx_struct_conn_angle.ptnr3_label_atom_id 
_pdbx_struct_conn_angle.ptnr3_label_alt_id 
_pdbx_struct_conn_angle.ptnr3_label_asym_id 
_pdbx_struct_conn_angle.ptnr3_label_comp_id 
_pdbx_struct_conn_angle.ptnr3_label_seq_id 
_pdbx_struct_conn_angle.ptnr3_auth_atom_id 
_pdbx_struct_conn_angle.ptnr3_auth_asym_id 
_pdbx_struct_conn_angle.ptnr3_auth_comp_id 
_pdbx_struct_conn_angle.ptnr3_auth_seq_id 
_pdbx_struct_conn_angle.ptnr3_PDB_ins_code 
_pdbx_struct_conn_angle.ptnr3_symmetry 
_pdbx_struct_conn_angle.value 
_pdbx_struct_conn_angle.value_esd 
1 OE1 ? A GLN 105 ? A GLN 105 ? 1_555 ZN ? B ZN . ? A ZN 150 ? 1_555 NE2 ? A HIS 120 ? A HIS 120  ? 6_665 92.1  ? 
2 OE1 ? A GLN 105 ? A GLN 105 ? 1_555 ZN ? B ZN . ? A ZN 150 ? 1_555 OE1 ? A GLU 129 ? A GLU 129  ? 6_665 121.4 ? 
3 NE2 ? A HIS 120 ? A HIS 120 ? 6_665 ZN ? B ZN . ? A ZN 150 ? 1_555 OE1 ? A GLU 129 ? A GLU 129  ? 6_665 97.4  ? 
4 OE1 ? A GLN 105 ? A GLN 105 ? 1_555 ZN ? B ZN . ? A ZN 150 ? 1_555 O   ? C HOH .   ? A HOH 1003 ? 1_555 111.8 ? 
5 NE2 ? A HIS 120 ? A HIS 120 ? 6_665 ZN ? B ZN . ? A ZN 150 ? 1_555 O   ? C HOH .   ? A HOH 1003 ? 1_555 117.9 ? 
6 OE1 ? A GLU 129 ? A GLU 129 ? 6_665 ZN ? B ZN . ? A ZN 150 ? 1_555 O   ? C HOH .   ? A HOH 1003 ? 1_555 113.8 ? 
# 
_struct_site.id                   AC1 
_struct_site.pdbx_evidence_code   Software 
_struct_site.pdbx_auth_asym_id    A 
_struct_site.pdbx_auth_comp_id    ZN 
_struct_site.pdbx_auth_seq_id     150 
_struct_site.pdbx_auth_ins_code   ? 
_struct_site.pdbx_num_residues    4 
_struct_site.details              'BINDING SITE FOR RESIDUE ZN A 150' 
# 
loop_
_struct_site_gen.id 
_struct_site_gen.site_id 
_struct_site_gen.pdbx_num_res 
_struct_site_gen.label_comp_id 
_struct_site_gen.label_asym_id 
_struct_site_gen.label_seq_id 
_struct_site_gen.pdbx_auth_ins_code 
_struct_site_gen.auth_comp_id 
_struct_site_gen.auth_asym_id 
_struct_site_gen.auth_seq_id 
_struct_site_gen.label_atom_id 
_struct_site_gen.label_alt_id 
_struct_site_gen.symmetry 
_struct_site_gen.details 
1 AC1 4 GLN A 105 ? GLN A 105  . ? 1_555 ? 
2 AC1 4 HIS A 120 ? HIS A 120  . ? 6_665 ? 
3 AC1 4 GLU A 129 ? GLU A 129  . ? 6_665 ? 
4 AC1 4 HOH C .   ? HOH A 1003 . ? 1_555 ? 
# 
_pdbx_validate_symm_contact.id                1 
_pdbx_validate_symm_contact.PDB_model_num     1 
_pdbx_validate_symm_contact.auth_atom_id_1    O 
_pdbx_validate_symm_contact.auth_asym_id_1    A 
_pdbx_validate_symm_contact.auth_comp_id_1    HOH 
_pdbx_validate_symm_contact.auth_seq_id_1     1073 
_pdbx_validate_symm_contact.PDB_ins_code_1    ? 
_pdbx_validate_symm_contact.label_alt_id_1    ? 
_pdbx_validate_symm_contact.site_symmetry_1   1_555 
_pdbx_validate_symm_contact.auth_atom_id_2    O 
_pdbx_validate_symm_contact.auth_asym_id_2    A 
_pdbx_validate_symm_contact.auth_comp_id_2    HOH 
_pdbx_validate_symm_contact.auth_seq_id_2     1073 
_pdbx_validate_symm_contact.PDB_ins_code_2    ? 
_pdbx_validate_symm_contact.label_alt_id_2    ? 
_pdbx_validate_symm_contact.site_symmetry_2   4_556 
_pdbx_validate_symm_contact.dist              2.08 
# 
_pdbx_validate_rmsd_angle.id                         1 
_pdbx_validate_rmsd_angle.PDB_model_num              1 
_pdbx_validate_rmsd_angle.auth_atom_id_1             N 
_pdbx_validate_rmsd_angle.auth_asym_id_1             A 
_pdbx_validate_rmsd_angle.auth_comp_id_1             GLU 
_pdbx_validate_rmsd_angle.auth_seq_id_1              47 
_pdbx_validate_rmsd_angle.PDB_ins_code_1             ? 
_pdbx_validate_rmsd_angle.label_alt_id_1             ? 
_pdbx_validate_rmsd_angle.auth_atom_id_2             CA 
_pdbx_validate_rmsd_angle.auth_asym_id_2             A 
_pdbx_validate_rmsd_angle.auth_comp_id_2             GLU 
_pdbx_validate_rmsd_angle.auth_seq_id_2              47 
_pdbx_validate_rmsd_angle.PDB_ins_code_2             ? 
_pdbx_validate_rmsd_angle.label_alt_id_2             ? 
_pdbx_validate_rmsd_angle.auth_atom_id_3             C 
_pdbx_validate_rmsd_angle.auth_asym_id_3             A 
_pdbx_validate_rmsd_angle.auth_comp_id_3             GLU 
_pdbx_validate_rmsd_angle.auth_seq_id_3              47 
_pdbx_validate_rmsd_angle.PDB_ins_code_3             ? 
_pdbx_validate_rmsd_angle.label_alt_id_3             ? 
_pdbx_validate_rmsd_angle.angle_value                88.95 
_pdbx_validate_rmsd_angle.angle_target_value         111.00 
_pdbx_validate_rmsd_angle.angle_deviation            -22.05 
_pdbx_validate_rmsd_angle.angle_standard_deviation   2.70 
_pdbx_validate_rmsd_angle.linker_flag                N 
# 
loop_
_pdbx_validate_torsion.id 
_pdbx_validate_torsion.PDB_model_num 
_pdbx_validate_torsion.auth_comp_id 
_pdbx_validate_torsion.auth_asym_id 
_pdbx_validate_torsion.auth_seq_id 
_pdbx_validate_torsion.PDB_ins_code 
_pdbx_validate_torsion.label_alt_id 
_pdbx_validate_torsion.phi 
_pdbx_validate_torsion.psi 
1 1 PRO A 42  ? ? -47.96  158.49 
2 1 PRO A 45  ? ? -32.13  115.04 
3 1 GLU A 47  ? ? -146.28 -27.76 
4 1 ALA A 95  ? ? -95.74  39.98  
5 1 LYS A 98  ? ? -36.28  -29.25 
6 1 THR A 128 ? ? -56.63  -70.83 
# 
loop_
_pdbx_unobs_or_zero_occ_residues.id 
_pdbx_unobs_or_zero_occ_residues.PDB_model_num 
_pdbx_unobs_or_zero_occ_residues.polymer_flag 
_pdbx_unobs_or_zero_occ_residues.occupancy_flag 
_pdbx_unobs_or_zero_occ_residues.auth_asym_id 
_pdbx_unobs_or_zero_occ_residues.auth_comp_id 
_pdbx_unobs_or_zero_occ_residues.auth_seq_id 
_pdbx_unobs_or_zero_occ_residues.PDB_ins_code 
_pdbx_unobs_or_zero_occ_residues.label_asym_id 
_pdbx_unobs_or_zero_occ_residues.label_comp_id 
_pdbx_unobs_or_zero_occ_residues.label_seq_id 
1  1 Y 1 A GLU 1  ? A GLU 1  
2  1 Y 1 A ALA 2  ? A ALA 2  
3  1 Y 1 A ARG 3  ? A ARG 3  
4  1 Y 1 A PRO 4  ? A PRO 4  
5  1 Y 1 A ILE 5  ? A ILE 5  
6  1 Y 1 A VAL 6  ? A VAL 6  
7  1 Y 1 A VAL 7  ? A VAL 7  
8  1 Y 1 A GLY 8  ? A GLY 8  
9  1 Y 1 A PRO 9  ? A PRO 9  
10 1 Y 1 A PRO 10 ? A PRO 10 
11 1 Y 1 A PRO 11 ? A PRO 11 
12 1 Y 1 A PRO 12 ? A PRO 12 
13 1 Y 1 A LEU 13 ? A LEU 13 
14 1 Y 1 A SER 14 ? A SER 14 
15 1 Y 1 A GLY 15 ? A GLY 15 
16 1 Y 1 A GLY 16 ? A GLY 16 
17 1 Y 1 A LEU 17 ? A LEU 17 
18 1 Y 1 A PRO 18 ? A PRO 18 
19 1 Y 1 A GLY 19 ? A GLY 19 
20 1 Y 1 A THR 20 ? A THR 20 
21 1 Y 1 A GLU 21 ? A GLU 21 
22 1 Y 1 A ASN 22 ? A ASN 22 
23 1 Y 1 A SER 23 ? A SER 23 
24 1 Y 1 A ASP 24 ? A ASP 24 
25 1 Y 1 A GLN 25 ? A GLN 25 
26 1 Y 1 A ALA 26 ? A ALA 26 
27 1 Y 1 A ARG 27 ? A ARG 27 
28 1 Y 1 A ASP 28 ? A ASP 28 
29 1 Y 1 A GLY 29 ? A GLY 29 
30 1 Y 1 A THR 30 ? A THR 30 
31 1 Y 1 A LEU 31 ? A LEU 31 
32 1 Y 1 A PRO 32 ? A PRO 32 
33 1 Y 1 A TYR 33 ? A TYR 33 
34 1 Y 1 A THR 34 ? A THR 34 
35 1 Y 1 A LYS 35 ? A LYS 35 
36 1 Y 1 A ASP 36 ? A ASP 36 
37 1 Y 1 A ARG 37 ? A ARG 37 
# 
loop_
_chem_comp_atom.comp_id 
_chem_comp_atom.atom_id 
_chem_comp_atom.type_symbol 
_chem_comp_atom.pdbx_aromatic_flag 
_chem_comp_atom.pdbx_stereo_config 
_chem_comp_atom.pdbx_ordinal 
ALA N    N  N N 1   
ALA CA   C  N S 2   
ALA C    C  N N 3   
ALA O    O  N N 4   
ALA CB   C  N N 5   
ALA OXT  O  N N 6   
ALA H    H  N N 7   
ALA H2   H  N N 8   
ALA HA   H  N N 9   
ALA HB1  H  N N 10  
ALA HB2  H  N N 11  
ALA HB3  H  N N 12  
ALA HXT  H  N N 13  
ARG N    N  N N 14  
ARG CA   C  N S 15  
ARG C    C  N N 16  
ARG O    O  N N 17  
ARG CB   C  N N 18  
ARG CG   C  N N 19  
ARG CD   C  N N 20  
ARG NE   N  N N 21  
ARG CZ   C  N N 22  
ARG NH1  N  N N 23  
ARG NH2  N  N N 24  
ARG OXT  O  N N 25  
ARG H    H  N N 26  
ARG H2   H  N N 27  
ARG HA   H  N N 28  
ARG HB2  H  N N 29  
ARG HB3  H  N N 30  
ARG HG2  H  N N 31  
ARG HG3  H  N N 32  
ARG HD2  H  N N 33  
ARG HD3  H  N N 34  
ARG HE   H  N N 35  
ARG HH11 H  N N 36  
ARG HH12 H  N N 37  
ARG HH21 H  N N 38  
ARG HH22 H  N N 39  
ARG HXT  H  N N 40  
ASN N    N  N N 41  
ASN CA   C  N S 42  
ASN C    C  N N 43  
ASN O    O  N N 44  
ASN CB   C  N N 45  
ASN CG   C  N N 46  
ASN OD1  O  N N 47  
ASN ND2  N  N N 48  
ASN OXT  O  N N 49  
ASN H    H  N N 50  
ASN H2   H  N N 51  
ASN HA   H  N N 52  
ASN HB2  H  N N 53  
ASN HB3  H  N N 54  
ASN HD21 H  N N 55  
ASN HD22 H  N N 56  
ASN HXT  H  N N 57  
ASP N    N  N N 58  
ASP CA   C  N S 59  
ASP C    C  N N 60  
ASP O    O  N N 61  
ASP CB   C  N N 62  
ASP CG   C  N N 63  
ASP OD1  O  N N 64  
ASP OD2  O  N N 65  
ASP OXT  O  N N 66  
ASP H    H  N N 67  
ASP H2   H  N N 68  
ASP HA   H  N N 69  
ASP HB2  H  N N 70  
ASP HB3  H  N N 71  
ASP HD2  H  N N 72  
ASP HXT  H  N N 73  
GLN N    N  N N 74  
GLN CA   C  N S 75  
GLN C    C  N N 76  
GLN O    O  N N 77  
GLN CB   C  N N 78  
GLN CG   C  N N 79  
GLN CD   C  N N 80  
GLN OE1  O  N N 81  
GLN NE2  N  N N 82  
GLN OXT  O  N N 83  
GLN H    H  N N 84  
GLN H2   H  N N 85  
GLN HA   H  N N 86  
GLN HB2  H  N N 87  
GLN HB3  H  N N 88  
GLN HG2  H  N N 89  
GLN HG3  H  N N 90  
GLN HE21 H  N N 91  
GLN HE22 H  N N 92  
GLN HXT  H  N N 93  
GLU N    N  N N 94  
GLU CA   C  N S 95  
GLU C    C  N N 96  
GLU O    O  N N 97  
GLU CB   C  N N 98  
GLU CG   C  N N 99  
GLU CD   C  N N 100 
GLU OE1  O  N N 101 
GLU OE2  O  N N 102 
GLU OXT  O  N N 103 
GLU H    H  N N 104 
GLU H2   H  N N 105 
GLU HA   H  N N 106 
GLU HB2  H  N N 107 
GLU HB3  H  N N 108 
GLU HG2  H  N N 109 
GLU HG3  H  N N 110 
GLU HE2  H  N N 111 
GLU HXT  H  N N 112 
GLY N    N  N N 113 
GLY CA   C  N N 114 
GLY C    C  N N 115 
GLY O    O  N N 116 
GLY OXT  O  N N 117 
GLY H    H  N N 118 
GLY H2   H  N N 119 
GLY HA2  H  N N 120 
GLY HA3  H  N N 121 
GLY HXT  H  N N 122 
HIS N    N  N N 123 
HIS CA   C  N S 124 
HIS C    C  N N 125 
HIS O    O  N N 126 
HIS CB   C  N N 127 
HIS CG   C  Y N 128 
HIS ND1  N  Y N 129 
HIS CD2  C  Y N 130 
HIS CE1  C  Y N 131 
HIS NE2  N  Y N 132 
HIS OXT  O  N N 133 
HIS H    H  N N 134 
HIS H2   H  N N 135 
HIS HA   H  N N 136 
HIS HB2  H  N N 137 
HIS HB3  H  N N 138 
HIS HD1  H  N N 139 
HIS HD2  H  N N 140 
HIS HE1  H  N N 141 
HIS HE2  H  N N 142 
HIS HXT  H  N N 143 
HOH O    O  N N 144 
HOH H1   H  N N 145 
HOH H2   H  N N 146 
ILE N    N  N N 147 
ILE CA   C  N S 148 
ILE C    C  N N 149 
ILE O    O  N N 150 
ILE CB   C  N S 151 
ILE CG1  C  N N 152 
ILE CG2  C  N N 153 
ILE CD1  C  N N 154 
ILE OXT  O  N N 155 
ILE H    H  N N 156 
ILE H2   H  N N 157 
ILE HA   H  N N 158 
ILE HB   H  N N 159 
ILE HG12 H  N N 160 
ILE HG13 H  N N 161 
ILE HG21 H  N N 162 
ILE HG22 H  N N 163 
ILE HG23 H  N N 164 
ILE HD11 H  N N 165 
ILE HD12 H  N N 166 
ILE HD13 H  N N 167 
ILE HXT  H  N N 168 
LEU N    N  N N 169 
LEU CA   C  N S 170 
LEU C    C  N N 171 
LEU O    O  N N 172 
LEU CB   C  N N 173 
LEU CG   C  N N 174 
LEU CD1  C  N N 175 
LEU CD2  C  N N 176 
LEU OXT  O  N N 177 
LEU H    H  N N 178 
LEU H2   H  N N 179 
LEU HA   H  N N 180 
LEU HB2  H  N N 181 
LEU HB3  H  N N 182 
LEU HG   H  N N 183 
LEU HD11 H  N N 184 
LEU HD12 H  N N 185 
LEU HD13 H  N N 186 
LEU HD21 H  N N 187 
LEU HD22 H  N N 188 
LEU HD23 H  N N 189 
LEU HXT  H  N N 190 
LYS N    N  N N 191 
LYS CA   C  N S 192 
LYS C    C  N N 193 
LYS O    O  N N 194 
LYS CB   C  N N 195 
LYS CG   C  N N 196 
LYS CD   C  N N 197 
LYS CE   C  N N 198 
LYS NZ   N  N N 199 
LYS OXT  O  N N 200 
LYS H    H  N N 201 
LYS H2   H  N N 202 
LYS HA   H  N N 203 
LYS HB2  H  N N 204 
LYS HB3  H  N N 205 
LYS HG2  H  N N 206 
LYS HG3  H  N N 207 
LYS HD2  H  N N 208 
LYS HD3  H  N N 209 
LYS HE2  H  N N 210 
LYS HE3  H  N N 211 
LYS HZ1  H  N N 212 
LYS HZ2  H  N N 213 
LYS HZ3  H  N N 214 
LYS HXT  H  N N 215 
PHE N    N  N N 216 
PHE CA   C  N S 217 
PHE C    C  N N 218 
PHE O    O  N N 219 
PHE CB   C  N N 220 
PHE CG   C  Y N 221 
PHE CD1  C  Y N 222 
PHE CD2  C  Y N 223 
PHE CE1  C  Y N 224 
PHE CE2  C  Y N 225 
PHE CZ   C  Y N 226 
PHE OXT  O  N N 227 
PHE H    H  N N 228 
PHE H2   H  N N 229 
PHE HA   H  N N 230 
PHE HB2  H  N N 231 
PHE HB3  H  N N 232 
PHE HD1  H  N N 233 
PHE HD2  H  N N 234 
PHE HE1  H  N N 235 
PHE HE2  H  N N 236 
PHE HZ   H  N N 237 
PHE HXT  H  N N 238 
PRO N    N  N N 239 
PRO CA   C  N S 240 
PRO C    C  N N 241 
PRO O    O  N N 242 
PRO CB   C  N N 243 
PRO CG   C  N N 244 
PRO CD   C  N N 245 
PRO OXT  O  N N 246 
PRO H    H  N N 247 
PRO HA   H  N N 248 
PRO HB2  H  N N 249 
PRO HB3  H  N N 250 
PRO HG2  H  N N 251 
PRO HG3  H  N N 252 
PRO HD2  H  N N 253 
PRO HD3  H  N N 254 
PRO HXT  H  N N 255 
SER N    N  N N 256 
SER CA   C  N S 257 
SER C    C  N N 258 
SER O    O  N N 259 
SER CB   C  N N 260 
SER OG   O  N N 261 
SER OXT  O  N N 262 
SER H    H  N N 263 
SER H2   H  N N 264 
SER HA   H  N N 265 
SER HB2  H  N N 266 
SER HB3  H  N N 267 
SER HG   H  N N 268 
SER HXT  H  N N 269 
THR N    N  N N 270 
THR CA   C  N S 271 
THR C    C  N N 272 
THR O    O  N N 273 
THR CB   C  N R 274 
THR OG1  O  N N 275 
THR CG2  C  N N 276 
THR OXT  O  N N 277 
THR H    H  N N 278 
THR H2   H  N N 279 
THR HA   H  N N 280 
THR HB   H  N N 281 
THR HG1  H  N N 282 
THR HG21 H  N N 283 
THR HG22 H  N N 284 
THR HG23 H  N N 285 
THR HXT  H  N N 286 
TRP N    N  N N 287 
TRP CA   C  N S 288 
TRP C    C  N N 289 
TRP O    O  N N 290 
TRP CB   C  N N 291 
TRP CG   C  Y N 292 
TRP CD1  C  Y N 293 
TRP CD2  C  Y N 294 
TRP NE1  N  Y N 295 
TRP CE2  C  Y N 296 
TRP CE3  C  Y N 297 
TRP CZ2  C  Y N 298 
TRP CZ3  C  Y N 299 
TRP CH2  C  Y N 300 
TRP OXT  O  N N 301 
TRP H    H  N N 302 
TRP H2   H  N N 303 
TRP HA   H  N N 304 
TRP HB2  H  N N 305 
TRP HB3  H  N N 306 
TRP HD1  H  N N 307 
TRP HE1  H  N N 308 
TRP HE3  H  N N 309 
TRP HZ2  H  N N 310 
TRP HZ3  H  N N 311 
TRP HH2  H  N N 312 
TRP HXT  H  N N 313 
TYR N    N  N N 314 
TYR CA   C  N S 315 
TYR C    C  N N 316 
TYR O    O  N N 317 
TYR CB   C  N N 318 
TYR CG   C  Y N 319 
TYR CD1  C  Y N 320 
TYR CD2  C  Y N 321 
TYR CE1  C  Y N 322 
TYR CE2  C  Y N 323 
TYR CZ   C  Y N 324 
TYR OH   O  N N 325 
TYR OXT  O  N N 326 
TYR H    H  N N 327 
TYR H2   H  N N 328 
TYR HA   H  N N 329 
TYR HB2  H  N N 330 
TYR HB3  H  N N 331 
TYR HD1  H  N N 332 
TYR HD2  H  N N 333 
TYR HE1  H  N N 334 
TYR HE2  H  N N 335 
TYR HH   H  N N 336 
TYR HXT  H  N N 337 
VAL N    N  N N 338 
VAL CA   C  N S 339 
VAL C    C  N N 340 
VAL O    O  N N 341 
VAL CB   C  N N 342 
VAL CG1  C  N N 343 
VAL CG2  C  N N 344 
VAL OXT  O  N N 345 
VAL H    H  N N 346 
VAL H2   H  N N 347 
VAL HA   H  N N 348 
VAL HB   H  N N 349 
VAL HG11 H  N N 350 
VAL HG12 H  N N 351 
VAL HG13 H  N N 352 
VAL HG21 H  N N 353 
VAL HG22 H  N N 354 
VAL HG23 H  N N 355 
VAL HXT  H  N N 356 
ZN  ZN   ZN N N 357 
# 
loop_
_chem_comp_bond.comp_id 
_chem_comp_bond.atom_id_1 
_chem_comp_bond.atom_id_2 
_chem_comp_bond.value_order 
_chem_comp_bond.pdbx_aromatic_flag 
_chem_comp_bond.pdbx_stereo_config 
_chem_comp_bond.pdbx_ordinal 
ALA N   CA   sing N N 1   
ALA N   H    sing N N 2   
ALA N   H2   sing N N 3   
ALA CA  C    sing N N 4   
ALA CA  CB   sing N N 5   
ALA CA  HA   sing N N 6   
ALA C   O    doub N N 7   
ALA C   OXT  sing N N 8   
ALA CB  HB1  sing N N 9   
ALA CB  HB2  sing N N 10  
ALA CB  HB3  sing N N 11  
ALA OXT HXT  sing N N 12  
ARG N   CA   sing N N 13  
ARG N   H    sing N N 14  
ARG N   H2   sing N N 15  
ARG CA  C    sing N N 16  
ARG CA  CB   sing N N 17  
ARG CA  HA   sing N N 18  
ARG C   O    doub N N 19  
ARG C   OXT  sing N N 20  
ARG CB  CG   sing N N 21  
ARG CB  HB2  sing N N 22  
ARG CB  HB3  sing N N 23  
ARG CG  CD   sing N N 24  
ARG CG  HG2  sing N N 25  
ARG CG  HG3  sing N N 26  
ARG CD  NE   sing N N 27  
ARG CD  HD2  sing N N 28  
ARG CD  HD3  sing N N 29  
ARG NE  CZ   sing N N 30  
ARG NE  HE   sing N N 31  
ARG CZ  NH1  sing N N 32  
ARG CZ  NH2  doub N N 33  
ARG NH1 HH11 sing N N 34  
ARG NH1 HH12 sing N N 35  
ARG NH2 HH21 sing N N 36  
ARG NH2 HH22 sing N N 37  
ARG OXT HXT  sing N N 38  
ASN N   CA   sing N N 39  
ASN N   H    sing N N 40  
ASN N   H2   sing N N 41  
ASN CA  C    sing N N 42  
ASN CA  CB   sing N N 43  
ASN CA  HA   sing N N 44  
ASN C   O    doub N N 45  
ASN C   OXT  sing N N 46  
ASN CB  CG   sing N N 47  
ASN CB  HB2  sing N N 48  
ASN CB  HB3  sing N N 49  
ASN CG  OD1  doub N N 50  
ASN CG  ND2  sing N N 51  
ASN ND2 HD21 sing N N 52  
ASN ND2 HD22 sing N N 53  
ASN OXT HXT  sing N N 54  
ASP N   CA   sing N N 55  
ASP N   H    sing N N 56  
ASP N   H2   sing N N 57  
ASP CA  C    sing N N 58  
ASP CA  CB   sing N N 59  
ASP CA  HA   sing N N 60  
ASP C   O    doub N N 61  
ASP C   OXT  sing N N 62  
ASP CB  CG   sing N N 63  
ASP CB  HB2  sing N N 64  
ASP CB  HB3  sing N N 65  
ASP CG  OD1  doub N N 66  
ASP CG  OD2  sing N N 67  
ASP OD2 HD2  sing N N 68  
ASP OXT HXT  sing N N 69  
GLN N   CA   sing N N 70  
GLN N   H    sing N N 71  
GLN N   H2   sing N N 72  
GLN CA  C    sing N N 73  
GLN CA  CB   sing N N 74  
GLN CA  HA   sing N N 75  
GLN C   O    doub N N 76  
GLN C   OXT  sing N N 77  
GLN CB  CG   sing N N 78  
GLN CB  HB2  sing N N 79  
GLN CB  HB3  sing N N 80  
GLN CG  CD   sing N N 81  
GLN CG  HG2  sing N N 82  
GLN CG  HG3  sing N N 83  
GLN CD  OE1  doub N N 84  
GLN CD  NE2  sing N N 85  
GLN NE2 HE21 sing N N 86  
GLN NE2 HE22 sing N N 87  
GLN OXT HXT  sing N N 88  
GLU N   CA   sing N N 89  
GLU N   H    sing N N 90  
GLU N   H2   sing N N 91  
GLU CA  C    sing N N 92  
GLU CA  CB   sing N N 93  
GLU CA  HA   sing N N 94  
GLU C   O    doub N N 95  
GLU C   OXT  sing N N 96  
GLU CB  CG   sing N N 97  
GLU CB  HB2  sing N N 98  
GLU CB  HB3  sing N N 99  
GLU CG  CD   sing N N 100 
GLU CG  HG2  sing N N 101 
GLU CG  HG3  sing N N 102 
GLU CD  OE1  doub N N 103 
GLU CD  OE2  sing N N 104 
GLU OE2 HE2  sing N N 105 
GLU OXT HXT  sing N N 106 
GLY N   CA   sing N N 107 
GLY N   H    sing N N 108 
GLY N   H2   sing N N 109 
GLY CA  C    sing N N 110 
GLY CA  HA2  sing N N 111 
GLY CA  HA3  sing N N 112 
GLY C   O    doub N N 113 
GLY C   OXT  sing N N 114 
GLY OXT HXT  sing N N 115 
HIS N   CA   sing N N 116 
HIS N   H    sing N N 117 
HIS N   H2   sing N N 118 
HIS CA  C    sing N N 119 
HIS CA  CB   sing N N 120 
HIS CA  HA   sing N N 121 
HIS C   O    doub N N 122 
HIS C   OXT  sing N N 123 
HIS CB  CG   sing N N 124 
HIS CB  HB2  sing N N 125 
HIS CB  HB3  sing N N 126 
HIS CG  ND1  sing Y N 127 
HIS CG  CD2  doub Y N 128 
HIS ND1 CE1  doub Y N 129 
HIS ND1 HD1  sing N N 130 
HIS CD2 NE2  sing Y N 131 
HIS CD2 HD2  sing N N 132 
HIS CE1 NE2  sing Y N 133 
HIS CE1 HE1  sing N N 134 
HIS NE2 HE2  sing N N 135 
HIS OXT HXT  sing N N 136 
HOH O   H1   sing N N 137 
HOH O   H2   sing N N 138 
ILE N   CA   sing N N 139 
ILE N   H    sing N N 140 
ILE N   H2   sing N N 141 
ILE CA  C    sing N N 142 
ILE CA  CB   sing N N 143 
ILE CA  HA   sing N N 144 
ILE C   O    doub N N 145 
ILE C   OXT  sing N N 146 
ILE CB  CG1  sing N N 147 
ILE CB  CG2  sing N N 148 
ILE CB  HB   sing N N 149 
ILE CG1 CD1  sing N N 150 
ILE CG1 HG12 sing N N 151 
ILE CG1 HG13 sing N N 152 
ILE CG2 HG21 sing N N 153 
ILE CG2 HG22 sing N N 154 
ILE CG2 HG23 sing N N 155 
ILE CD1 HD11 sing N N 156 
ILE CD1 HD12 sing N N 157 
ILE CD1 HD13 sing N N 158 
ILE OXT HXT  sing N N 159 
LEU N   CA   sing N N 160 
LEU N   H    sing N N 161 
LEU N   H2   sing N N 162 
LEU CA  C    sing N N 163 
LEU CA  CB   sing N N 164 
LEU CA  HA   sing N N 165 
LEU C   O    doub N N 166 
LEU C   OXT  sing N N 167 
LEU CB  CG   sing N N 168 
LEU CB  HB2  sing N N 169 
LEU CB  HB3  sing N N 170 
LEU CG  CD1  sing N N 171 
LEU CG  CD2  sing N N 172 
LEU CG  HG   sing N N 173 
LEU CD1 HD11 sing N N 174 
LEU CD1 HD12 sing N N 175 
LEU CD1 HD13 sing N N 176 
LEU CD2 HD21 sing N N 177 
LEU CD2 HD22 sing N N 178 
LEU CD2 HD23 sing N N 179 
LEU OXT HXT  sing N N 180 
LYS N   CA   sing N N 181 
LYS N   H    sing N N 182 
LYS N   H2   sing N N 183 
LYS CA  C    sing N N 184 
LYS CA  CB   sing N N 185 
LYS CA  HA   sing N N 186 
LYS C   O    doub N N 187 
LYS C   OXT  sing N N 188 
LYS CB  CG   sing N N 189 
LYS CB  HB2  sing N N 190 
LYS CB  HB3  sing N N 191 
LYS CG  CD   sing N N 192 
LYS CG  HG2  sing N N 193 
LYS CG  HG3  sing N N 194 
LYS CD  CE   sing N N 195 
LYS CD  HD2  sing N N 196 
LYS CD  HD3  sing N N 197 
LYS CE  NZ   sing N N 198 
LYS CE  HE2  sing N N 199 
LYS CE  HE3  sing N N 200 
LYS NZ  HZ1  sing N N 201 
LYS NZ  HZ2  sing N N 202 
LYS NZ  HZ3  sing N N 203 
LYS OXT HXT  sing N N 204 
PHE N   CA   sing N N 205 
PHE N   H    sing N N 206 
PHE N   H2   sing N N 207 
PHE CA  C    sing N N 208 
PHE CA  CB   sing N N 209 
PHE CA  HA   sing N N 210 
PHE C   O    doub N N 211 
PHE C   OXT  sing N N 212 
PHE CB  CG   sing N N 213 
PHE CB  HB2  sing N N 214 
PHE CB  HB3  sing N N 215 
PHE CG  CD1  doub Y N 216 
PHE CG  CD2  sing Y N 217 
PHE CD1 CE1  sing Y N 218 
PHE CD1 HD1  sing N N 219 
PHE CD2 CE2  doub Y N 220 
PHE CD2 HD2  sing N N 221 
PHE CE1 CZ   doub Y N 222 
PHE CE1 HE1  sing N N 223 
PHE CE2 CZ   sing Y N 224 
PHE CE2 HE2  sing N N 225 
PHE CZ  HZ   sing N N 226 
PHE OXT HXT  sing N N 227 
PRO N   CA   sing N N 228 
PRO N   CD   sing N N 229 
PRO N   H    sing N N 230 
PRO CA  C    sing N N 231 
PRO CA  CB   sing N N 232 
PRO CA  HA   sing N N 233 
PRO C   O    doub N N 234 
PRO C   OXT  sing N N 235 
PRO CB  CG   sing N N 236 
PRO CB  HB2  sing N N 237 
PRO CB  HB3  sing N N 238 
PRO CG  CD   sing N N 239 
PRO CG  HG2  sing N N 240 
PRO CG  HG3  sing N N 241 
PRO CD  HD2  sing N N 242 
PRO CD  HD3  sing N N 243 
PRO OXT HXT  sing N N 244 
SER N   CA   sing N N 245 
SER N   H    sing N N 246 
SER N   H2   sing N N 247 
SER CA  C    sing N N 248 
SER CA  CB   sing N N 249 
SER CA  HA   sing N N 250 
SER C   O    doub N N 251 
SER C   OXT  sing N N 252 
SER CB  OG   sing N N 253 
SER CB  HB2  sing N N 254 
SER CB  HB3  sing N N 255 
SER OG  HG   sing N N 256 
SER OXT HXT  sing N N 257 
THR N   CA   sing N N 258 
THR N   H    sing N N 259 
THR N   H2   sing N N 260 
THR CA  C    sing N N 261 
THR CA  CB   sing N N 262 
THR CA  HA   sing N N 263 
THR C   O    doub N N 264 
THR C   OXT  sing N N 265 
THR CB  OG1  sing N N 266 
THR CB  CG2  sing N N 267 
THR CB  HB   sing N N 268 
THR OG1 HG1  sing N N 269 
THR CG2 HG21 sing N N 270 
THR CG2 HG22 sing N N 271 
THR CG2 HG23 sing N N 272 
THR OXT HXT  sing N N 273 
TRP N   CA   sing N N 274 
TRP N   H    sing N N 275 
TRP N   H2   sing N N 276 
TRP CA  C    sing N N 277 
TRP CA  CB   sing N N 278 
TRP CA  HA   sing N N 279 
TRP C   O    doub N N 280 
TRP C   OXT  sing N N 281 
TRP CB  CG   sing N N 282 
TRP CB  HB2  sing N N 283 
TRP CB  HB3  sing N N 284 
TRP CG  CD1  doub Y N 285 
TRP CG  CD2  sing Y N 286 
TRP CD1 NE1  sing Y N 287 
TRP CD1 HD1  sing N N 288 
TRP CD2 CE2  doub Y N 289 
TRP CD2 CE3  sing Y N 290 
TRP NE1 CE2  sing Y N 291 
TRP NE1 HE1  sing N N 292 
TRP CE2 CZ2  sing Y N 293 
TRP CE3 CZ3  doub Y N 294 
TRP CE3 HE3  sing N N 295 
TRP CZ2 CH2  doub Y N 296 
TRP CZ2 HZ2  sing N N 297 
TRP CZ3 CH2  sing Y N 298 
TRP CZ3 HZ3  sing N N 299 
TRP CH2 HH2  sing N N 300 
TRP OXT HXT  sing N N 301 
TYR N   CA   sing N N 302 
TYR N   H    sing N N 303 
TYR N   H2   sing N N 304 
TYR CA  C    sing N N 305 
TYR CA  CB   sing N N 306 
TYR CA  HA   sing N N 307 
TYR C   O    doub N N 308 
TYR C   OXT  sing N N 309 
TYR CB  CG   sing N N 310 
TYR CB  HB2  sing N N 311 
TYR CB  HB3  sing N N 312 
TYR CG  CD1  doub Y N 313 
TYR CG  CD2  sing Y N 314 
TYR CD1 CE1  sing Y N 315 
TYR CD1 HD1  sing N N 316 
TYR CD2 CE2  doub Y N 317 
TYR CD2 HD2  sing N N 318 
TYR CE1 CZ   doub Y N 319 
TYR CE1 HE1  sing N N 320 
TYR CE2 CZ   sing Y N 321 
TYR CE2 HE2  sing N N 322 
TYR CZ  OH   sing N N 323 
TYR OH  HH   sing N N 324 
TYR OXT HXT  sing N N 325 
VAL N   CA   sing N N 326 
VAL N   H    sing N N 327 
VAL N   H2   sing N N 328 
VAL CA  C    sing N N 329 
VAL CA  CB   sing N N 330 
VAL CA  HA   sing N N 331 
VAL C   O    doub N N 332 
VAL C   OXT  sing N N 333 
VAL CB  CG1  sing N N 334 
VAL CB  CG2  sing N N 335 
VAL CB  HB   sing N N 336 
VAL CG1 HG11 sing N N 337 
VAL CG1 HG12 sing N N 338 
VAL CG1 HG13 sing N N 339 
VAL CG2 HG21 sing N N 340 
VAL CG2 HG22 sing N N 341 
VAL CG2 HG23 sing N N 342 
VAL OXT HXT  sing N N 343 
# 
_atom_sites.entry_id                    1NZE 
_atom_sites.fract_transf_matrix[1][1]   0.00364395 
_atom_sites.fract_transf_matrix[1][2]   -0.00010800 
_atom_sites.fract_transf_matrix[1][3]   0.02267331 
_atom_sites.fract_transf_matrix[2][1]   0.02135058 
_atom_sites.fract_transf_matrix[2][2]   -0.00211141 
_atom_sites.fract_transf_matrix[2][3]   0.00818779 
_atom_sites.fract_transf_matrix[3][1]   0.00109377 
_atom_sites.fract_transf_matrix[3][2]   0.01057384 
_atom_sites.fract_transf_matrix[3][3]   -0.00012542 
_atom_sites.fract_transf_vector[1]      0.412853 
_atom_sites.fract_transf_vector[2]      0.913503 
_atom_sites.fract_transf_vector[3]      0.454677 
# 
loop_
_atom_type.symbol 
C  
N  
O  
ZN 
# 
loop_
_atom_site.group_PDB 
_atom_site.id 
_atom_site.type_symbol 
_atom_site.label_atom_id 
_atom_site.label_alt_id 
_atom_site.label_comp_id 
_atom_site.label_asym_id 
_atom_site.label_entity_id 
_atom_site.label_seq_id 
_atom_site.pdbx_PDB_ins_code 
_atom_site.Cartn_x 
_atom_site.Cartn_y 
_atom_site.Cartn_z 
_atom_site.occupancy 
_atom_site.B_iso_or_equiv 
_atom_site.pdbx_formal_charge 
_atom_site.auth_seq_id 
_atom_site.auth_comp_id 
_atom_site.auth_asym_id 
_atom_site.auth_atom_id 
_atom_site.pdbx_PDB_model_num 
ATOM   1   N  N   . PHE A 1 38  ? -9.776  -1.624  -12.066 1.00 77.85  ? 38   PHE A N   1 
ATOM   2   C  CA  . PHE A 1 38  ? -8.657  -0.683  -12.347 1.00 78.28  ? 38   PHE A CA  1 
ATOM   3   C  C   . PHE A 1 38  ? -7.782  -1.087  -13.543 1.00 78.76  ? 38   PHE A C   1 
ATOM   4   O  O   . PHE A 1 38  ? -7.457  -2.263  -13.722 1.00 78.99  ? 38   PHE A O   1 
ATOM   5   C  CB  . PHE A 1 38  ? -7.787  -0.528  -11.094 1.00 77.54  ? 38   PHE A CB  1 
ATOM   6   N  N   . TYR A 1 39  ? -7.420  -0.095  -14.360 1.00 78.73  ? 39   TYR A N   1 
ATOM   7   C  CA  . TYR A 1 39  ? -6.553  -0.270  -15.530 1.00 77.32  ? 39   TYR A CA  1 
ATOM   8   C  C   . TYR A 1 39  ? -5.334  0.614   -15.261 1.00 77.19  ? 39   TYR A C   1 
ATOM   9   O  O   . TYR A 1 39  ? -5.486  1.753   -14.821 1.00 77.48  ? 39   TYR A O   1 
ATOM   10  C  CB  . TYR A 1 39  ? -7.276  0.192   -16.799 1.00 75.58  ? 39   TYR A CB  1 
ATOM   11  N  N   . LEU A 1 40  ? -4.131  0.110   -15.511 1.00 77.52  ? 40   LEU A N   1 
ATOM   12  C  CA  . LEU A 1 40  ? -2.940  0.918   -15.250 1.00 77.99  ? 40   LEU A CA  1 
ATOM   13  C  C   . LEU A 1 40  ? -1.989  1.051   -16.430 1.00 78.30  ? 40   LEU A C   1 
ATOM   14  O  O   . LEU A 1 40  ? -1.805  0.124   -17.213 1.00 78.42  ? 40   LEU A O   1 
ATOM   15  C  CB  . LEU A 1 40  ? -2.186  0.371   -14.033 1.00 77.33  ? 40   LEU A CB  1 
ATOM   16  N  N   . GLN A 1 41  ? -1.389  2.232   -16.544 1.00 79.02  ? 41   GLN A N   1 
ATOM   17  C  CA  . GLN A 1 41  ? -0.435  2.517   -17.607 1.00 80.00  ? 41   GLN A CA  1 
ATOM   18  C  C   . GLN A 1 41  ? 0.919   2.677   -16.938 1.00 80.72  ? 41   GLN A C   1 
ATOM   19  O  O   . GLN A 1 41  ? 1.181   3.678   -16.280 1.00 81.53  ? 41   GLN A O   1 
ATOM   20  C  CB  . GLN A 1 41  ? -0.816  3.797   -18.354 1.00 79.64  ? 41   GLN A CB  1 
ATOM   21  N  N   . PRO A 1 42  ? 1.794   1.672   -17.085 1.00 81.55  ? 42   PRO A N   1 
ATOM   22  C  CA  . PRO A 1 42  ? 3.147   1.641   -16.512 1.00 82.42  ? 42   PRO A CA  1 
ATOM   23  C  C   . PRO A 1 42  ? 3.992   2.918   -16.726 1.00 83.55  ? 42   PRO A C   1 
ATOM   24  O  O   . PRO A 1 42  ? 3.716   3.710   -17.626 1.00 84.09  ? 42   PRO A O   1 
ATOM   25  C  CB  . PRO A 1 42  ? 3.760   0.416   -17.179 1.00 81.85  ? 42   PRO A CB  1 
ATOM   26  C  CG  . PRO A 1 42  ? 2.573   -0.502  -17.334 1.00 80.81  ? 42   PRO A CG  1 
ATOM   27  C  CD  . PRO A 1 42  ? 1.509   0.432   -17.836 1.00 81.30  ? 42   PRO A CD  1 
ATOM   28  N  N   . LEU A 1 43  ? 5.008   3.107   -15.875 1.00 85.55  ? 43   LEU A N   1 
ATOM   29  C  CA  . LEU A 1 43  ? 5.937   4.260   -15.929 1.00 87.84  ? 43   LEU A CA  1 
ATOM   30  C  C   . LEU A 1 43  ? 7.364   3.818   -15.594 1.00 90.61  ? 43   LEU A C   1 
ATOM   31  O  O   . LEU A 1 43  ? 7.580   2.785   -14.961 1.00 91.21  ? 43   LEU A O   1 
ATOM   32  C  CB  . LEU A 1 43  ? 5.546   5.328   -14.918 1.00 86.15  ? 43   LEU A CB  1 
ATOM   33  C  CG  . LEU A 1 43  ? 4.062   5.539   -14.738 1.00 84.59  ? 43   LEU A CG  1 
ATOM   34  C  CD1 . LEU A 1 43  ? 3.832   6.122   -13.350 1.00 85.36  ? 43   LEU A CD1 1 
ATOM   35  C  CD2 . LEU A 1 43  ? 3.531   6.426   -15.840 1.00 82.97  ? 43   LEU A CD2 1 
ATOM   36  N  N   . PRO A 1 44  ? 8.360   4.615   -15.994 1.00 92.93  ? 44   PRO A N   1 
ATOM   37  C  CA  . PRO A 1 44  ? 9.757   4.287   -15.732 1.00 95.24  ? 44   PRO A CA  1 
ATOM   38  C  C   . PRO A 1 44  ? 10.308  4.661   -14.357 1.00 97.73  ? 44   PRO A C   1 
ATOM   39  O  O   . PRO A 1 44  ? 9.741   5.487   -13.629 1.00 97.88  ? 44   PRO A O   1 
ATOM   40  C  CB  . PRO A 1 44  ? 10.481  5.027   -16.834 1.00 95.45  ? 44   PRO A CB  1 
ATOM   41  C  CG  . PRO A 1 44  ? 9.714   6.305   -16.875 1.00 94.09  ? 44   PRO A CG  1 
ATOM   42  C  CD  . PRO A 1 44  ? 8.277   5.792   -16.870 1.00 93.48  ? 44   PRO A CD  1 
ATOM   43  N  N   . PRO A 1 45  ? 11.461  4.061   -14.002 1.00 99.67  ? 45   PRO A N   1 
ATOM   44  C  CA  . PRO A 1 45  ? 12.194  4.242   -12.753 1.00 100.87 ? 45   PRO A CA  1 
ATOM   45  C  C   . PRO A 1 45  ? 12.111  5.612   -12.109 1.00 102.10 ? 45   PRO A C   1 
ATOM   46  O  O   . PRO A 1 45  ? 12.598  6.642   -12.656 1.00 101.58 ? 45   PRO A O   1 
ATOM   47  C  CB  . PRO A 1 45  ? 13.598  3.820   -13.141 1.00 100.99 ? 45   PRO A CB  1 
ATOM   48  C  CG  . PRO A 1 45  ? 13.297  2.588   -13.921 1.00 100.51 ? 45   PRO A CG  1 
ATOM   49  C  CD  . PRO A 1 45  ? 12.140  3.030   -14.815 1.00 100.35 ? 45   PRO A CD  1 
ATOM   50  N  N   . THR A 1 46  ? 11.490  5.599   -10.926 1.00 103.09 ? 46   THR A N   1 
ATOM   51  C  CA  . THR A 1 46  ? 11.266  6.829   -10.155 1.00 104.50 ? 46   THR A CA  1 
ATOM   52  C  C   . THR A 1 46  ? 10.576  7.994   -10.884 1.00 103.32 ? 46   THR A C   1 
ATOM   53  O  O   . THR A 1 46  ? 11.095  9.112   -10.985 1.00 103.22 ? 46   THR A O   1 
ATOM   54  C  CB  . THR A 1 46  ? 12.614  7.334   -9.525  1.00 106.31 ? 46   THR A CB  1 
ATOM   55  O  OG1 . THR A 1 46  ? 13.637  7.456   -10.538 1.00 107.72 ? 46   THR A OG1 1 
ATOM   56  C  CG2 . THR A 1 46  ? 13.075  6.339   -8.424  1.00 107.62 ? 46   THR A CG2 1 
ATOM   57  N  N   . GLU A 1 47  ? 9.410   7.645   -11.382 1.00 102.14 ? 47   GLU A N   1 
ATOM   58  C  CA  . GLU A 1 47  ? 8.471   8.495   -12.045 1.00 101.23 ? 47   GLU A CA  1 
ATOM   59  C  C   . GLU A 1 47  ? 7.358   7.677   -11.459 1.00 97.95  ? 47   GLU A C   1 
ATOM   60  O  O   . GLU A 1 47  ? 6.226   8.096   -11.240 1.00 97.38  ? 47   GLU A O   1 
ATOM   61  C  CB  . GLU A 1 47  ? 8.435   8.334   -13.561 1.00 105.38 ? 47   GLU A CB  1 
ATOM   62  C  CG  . GLU A 1 47  ? 9.350   9.228   -14.294 1.00 112.30 ? 47   GLU A CG  1 
ATOM   63  C  CD  . GLU A 1 47  ? 8.810   9.490   -15.692 1.00 115.76 ? 47   GLU A CD  1 
ATOM   64  O  OE1 . GLU A 1 47  ? 8.241   8.526   -16.272 1.00 117.58 ? 47   GLU A OE1 1 
ATOM   65  O  OE2 . GLU A 1 47  ? 8.950   10.633  -16.206 1.00 118.01 ? 47   GLU A OE2 1 
ATOM   66  N  N   . ALA A 1 48  ? 7.760   6.440   -11.240 1.00 93.96  ? 48   ALA A N   1 
ATOM   67  C  CA  . ALA A 1 48  ? 6.961   5.394   -10.652 1.00 90.30  ? 48   ALA A CA  1 
ATOM   68  C  C   . ALA A 1 48  ? 7.103   5.427   -9.128  1.00 87.90  ? 48   ALA A C   1 
ATOM   69  O  O   . ALA A 1 48  ? 6.178   5.045   -8.411  1.00 88.27  ? 48   ALA A O   1 
ATOM   70  C  CB  . ALA A 1 48  ? 7.409   4.041   -11.205 1.00 87.96  ? 48   ALA A CB  1 
ATOM   71  N  N   . ALA A 1 49  ? 8.240   5.915   -8.631  1.00 84.95  ? 49   ALA A N   1 
ATOM   72  C  CA  . ALA A 1 49  ? 8.459   6.019   -7.180  1.00 82.82  ? 49   ALA A CA  1 
ATOM   73  C  C   . ALA A 1 49  ? 7.720   7.247   -6.653  1.00 81.61  ? 49   ALA A C   1 
ATOM   74  O  O   . ALA A 1 49  ? 7.351   7.330   -5.481  1.00 80.75  ? 49   ALA A O   1 
ATOM   75  C  CB  . ALA A 1 49  ? 9.958   6.124   -6.856  1.00 81.49  ? 49   ALA A CB  1 
ATOM   76  N  N   . GLN A 1 50  ? 7.501   8.197   -7.549  1.00 79.93  ? 50   GLN A N   1 
ATOM   77  C  CA  . GLN A 1 50  ? 6.785   9.411   -7.215  1.00 77.72  ? 50   GLN A CA  1 
ATOM   78  C  C   . GLN A 1 50  ? 5.309   9.052   -7.144  1.00 74.92  ? 50   GLN A C   1 
ATOM   79  O  O   . GLN A 1 50  ? 4.579   9.522   -6.270  1.00 75.45  ? 50   GLN A O   1 
ATOM   80  C  CB  . GLN A 1 50  ? 7.021   10.455  -8.300  1.00 80.61  ? 50   GLN A CB  1 
ATOM   81  C  CG  . GLN A 1 50  ? 8.468   10.903  -8.374  1.00 83.71  ? 50   GLN A CG  1 
ATOM   82  C  CD  . GLN A 1 50  ? 8.813   11.881  -7.268  1.00 85.72  ? 50   GLN A CD  1 
ATOM   83  O  OE1 . GLN A 1 50  ? 8.676   11.575  -6.082  1.00 85.13  ? 50   GLN A OE1 1 
ATOM   84  N  NE2 . GLN A 1 50  ? 9.260   13.074  -7.656  1.00 88.09  ? 50   GLN A NE2 1 
ATOM   85  N  N   . ARG A 1 51  ? 4.874   8.203   -8.068  1.00 71.68  ? 51   ARG A N   1 
ATOM   86  C  CA  . ARG A 1 51  ? 3.483   7.777   -8.095  1.00 69.32  ? 51   ARG A CA  1 
ATOM   87  C  C   . ARG A 1 51  ? 3.219   6.799   -6.941  1.00 67.82  ? 51   ARG A C   1 
ATOM   88  O  O   . ARG A 1 51  ? 2.133   6.804   -6.360  1.00 66.88  ? 51   ARG A O   1 
ATOM   89  C  CB  . ARG A 1 51  ? 3.154   7.117   -9.435  1.00 71.19  ? 51   ARG A CB  1 
ATOM   90  C  CG  . ARG A 1 51  ? 1.667   7.140   -9.768  1.00 73.65  ? 51   ARG A CG  1 
ATOM   91  C  CD  . ARG A 1 51  ? 1.174   5.792   -10.279 1.00 75.96  ? 51   ARG A CD  1 
ATOM   92  N  NE  . ARG A 1 51  ? 1.454   5.552   -11.693 1.00 77.33  ? 51   ARG A NE  1 
ATOM   93  C  CZ  . ARG A 1 51  ? 1.227   4.391   -12.299 1.00 79.55  ? 51   ARG A CZ  1 
ATOM   94  N  NH1 . ARG A 1 51  ? 0.731   3.376   -11.606 1.00 81.20  ? 51   ARG A NH1 1 
ATOM   95  N  NH2 . ARG A 1 51  ? 1.468   4.245   -13.596 1.00 79.95  ? 51   ARG A NH2 1 
ATOM   96  N  N   . ALA A 1 52  ? 4.215   5.969   -6.618  1.00 64.69  ? 52   ALA A N   1 
ATOM   97  C  CA  . ALA A 1 52  ? 4.101   5.018   -5.521  1.00 61.08  ? 52   ALA A CA  1 
ATOM   98  C  C   . ALA A 1 52  ? 3.951   5.790   -4.211  1.00 60.19  ? 52   ALA A C   1 
ATOM   99  O  O   . ALA A 1 52  ? 3.145   5.421   -3.364  1.00 59.98  ? 52   ALA A O   1 
ATOM   100 C  CB  . ALA A 1 52  ? 5.325   4.120   -5.466  1.00 58.11  ? 52   ALA A CB  1 
ATOM   101 N  N   . LYS A 1 53  ? 4.715   6.869   -4.052  1.00 59.36  ? 53   LYS A N   1 
ATOM   102 C  CA  . LYS A 1 53  ? 4.641   7.686   -2.846  1.00 58.54  ? 53   LYS A CA  1 
ATOM   103 C  C   . LYS A 1 53  ? 3.262   8.327   -2.717  1.00 57.35  ? 53   LYS A C   1 
ATOM   104 O  O   . LYS A 1 53  ? 2.789   8.559   -1.609  1.00 56.77  ? 53   LYS A O   1 
ATOM   105 C  CB  . LYS A 1 53  ? 5.718   8.779   -2.858  1.00 61.53  ? 53   LYS A CB  1 
ATOM   106 C  CG  . LYS A 1 53  ? 7.157   8.265   -2.732  1.00 67.12  ? 53   LYS A CG  1 
ATOM   107 C  CD  . LYS A 1 53  ? 8.139   9.375   -2.297  1.00 71.39  ? 53   LYS A CD  1 
ATOM   108 C  CE  . LYS A 1 53  ? 8.766   10.130  -3.470  1.00 73.60  ? 53   LYS A CE  1 
ATOM   109 N  NZ  . LYS A 1 53  ? 9.792   9.324   -4.197  1.00 75.79  ? 53   LYS A NZ  1 
ATOM   110 N  N   . VAL A 1 54  ? 2.617   8.608   -3.850  1.00 56.09  ? 54   VAL A N   1 
ATOM   111 C  CA  . VAL A 1 54  ? 1.284   9.211   -3.846  1.00 53.92  ? 54   VAL A CA  1 
ATOM   112 C  C   . VAL A 1 54  ? 0.215   8.187   -3.494  1.00 53.23  ? 54   VAL A C   1 
ATOM   113 O  O   . VAL A 1 54  ? -0.712  8.499   -2.766  1.00 53.42  ? 54   VAL A O   1 
ATOM   114 C  CB  . VAL A 1 54  ? 0.923   9.834   -5.224  1.00 53.96  ? 54   VAL A CB  1 
ATOM   115 C  CG1 . VAL A 1 54  ? -0.555  10.211  -5.259  1.00 50.95  ? 54   VAL A CG1 1 
ATOM   116 C  CG2 . VAL A 1 54  ? 1.792   11.054  -5.490  1.00 52.42  ? 54   VAL A CG2 1 
ATOM   117 N  N   . SER A 1 55  ? 0.334   6.972   -4.019  1.00 51.44  ? 55   SER A N   1 
ATOM   118 C  CA  . SER A 1 55  ? -0.641  5.938   -3.729  1.00 48.57  ? 55   SER A CA  1 
ATOM   119 C  C   . SER A 1 55  ? -0.507  5.552   -2.268  1.00 47.32  ? 55   SER A C   1 
ATOM   120 O  O   . SER A 1 55  ? -1.493  5.192   -1.635  1.00 46.55  ? 55   SER A O   1 
ATOM   121 C  CB  . SER A 1 55  ? -0.400  4.722   -4.616  1.00 48.80  ? 55   SER A CB  1 
ATOM   122 O  OG  . SER A 1 55  ? -0.507  5.075   -5.980  1.00 50.27  ? 55   SER A OG  1 
ATOM   123 N  N   . ALA A 1 56  ? 0.719   5.638   -1.744  1.00 48.06  ? 56   ALA A N   1 
ATOM   124 C  CA  . ALA A 1 56  ? 1.021   5.299   -0.348  1.00 49.41  ? 56   ALA A CA  1 
ATOM   125 C  C   . ALA A 1 56  ? 0.335   6.289   0.588   1.00 51.29  ? 56   ALA A C   1 
ATOM   126 O  O   . ALA A 1 56  ? -0.205  5.920   1.628   1.00 52.38  ? 56   ALA A O   1 
ATOM   127 C  CB  . ALA A 1 56  ? 2.521   5.320   -0.121  1.00 45.79  ? 56   ALA A CB  1 
ATOM   128 N  N   . SER A 1 57  ? 0.337   7.554   0.187   1.00 53.68  ? 57   SER A N   1 
ATOM   129 C  CA  . SER A 1 57  ? -0.285  8.630   0.962   1.00 55.33  ? 57   SER A CA  1 
ATOM   130 C  C   . SER A 1 57  ? -1.806  8.542   0.937   1.00 55.07  ? 57   SER A C   1 
ATOM   131 O  O   . SER A 1 57  ? -2.460  8.813   1.946   1.00 58.77  ? 57   SER A O   1 
ATOM   132 C  CB  . SER A 1 57  ? 0.180   10.000  0.436   1.00 57.95  ? 57   SER A CB  1 
ATOM   133 O  OG  . SER A 1 57  ? 0.259   10.021  -0.985  1.00 61.75  ? 57   SER A OG  1 
ATOM   134 N  N   . GLU A 1 58  ? -2.352  8.140   -0.210  1.00 53.08  ? 58   GLU A N   1 
ATOM   135 C  CA  . GLU A 1 58  ? -3.789  7.987   -0.382  1.00 50.23  ? 58   GLU A CA  1 
ATOM   136 C  C   . GLU A 1 58  ? -4.243  6.818   0.466   1.00 47.01  ? 58   GLU A C   1 
ATOM   137 O  O   . GLU A 1 58  ? -5.377  6.770   0.925   1.00 44.76  ? 58   GLU A O   1 
ATOM   138 C  CB  . GLU A 1 58  ? -4.123  7.712   -1.850  1.00 53.94  ? 58   GLU A CB  1 
ATOM   139 C  CG  . GLU A 1 58  ? -3.647  8.806   -2.818  1.00 59.14  ? 58   GLU A CG  1 
ATOM   140 C  CD  . GLU A 1 58  ? -3.928  8.501   -4.303  1.00 63.91  ? 58   GLU A CD  1 
ATOM   141 O  OE1 . GLU A 1 58  ? -3.504  7.423   -4.796  1.00 66.96  ? 58   GLU A OE1 1 
ATOM   142 O  OE2 . GLU A 1 58  ? -4.565  9.350   -4.983  1.00 66.33  ? 58   GLU A OE2 1 
ATOM   143 N  N   . ILE A 1 59  ? -3.348  5.862   0.666   1.00 44.96  ? 59   ILE A N   1 
ATOM   144 C  CA  . ILE A 1 59  ? -3.703  4.720   1.473   1.00 45.86  ? 59   ILE A CA  1 
ATOM   145 C  C   . ILE A 1 59  ? -3.857  5.172   2.920   1.00 47.26  ? 59   ILE A C   1 
ATOM   146 O  O   . ILE A 1 59  ? -4.780  4.747   3.617   1.00 49.72  ? 59   ILE A O   1 
ATOM   147 C  CB  . ILE A 1 59  ? -2.658  3.580   1.362   1.00 44.12  ? 59   ILE A CB  1 
ATOM   148 C  CG1 . ILE A 1 59  ? -2.783  2.885   0.004   1.00 43.21  ? 59   ILE A CG1 1 
ATOM   149 C  CG2 . ILE A 1 59  ? -2.889  2.551   2.452   1.00 44.60  ? 59   ILE A CG2 1 
ATOM   150 C  CD1 . ILE A 1 59  ? -1.969  1.615   -0.111  1.00 40.20  ? 59   ILE A CD1 1 
ATOM   151 N  N   . LEU A 1 60  ? -2.971  6.049   3.374   1.00 48.84  ? 60   LEU A N   1 
ATOM   152 C  CA  . LEU A 1 60  ? -3.053  6.562   4.740   1.00 49.69  ? 60   LEU A CA  1 
ATOM   153 C  C   . LEU A 1 60  ? -4.429  7.177   4.956   1.00 51.01  ? 60   LEU A C   1 
ATOM   154 O  O   . LEU A 1 60  ? -4.975  7.140   6.053   1.00 51.39  ? 60   LEU A O   1 
ATOM   155 C  CB  . LEU A 1 60  ? -1.989  7.639   4.961   1.00 51.30  ? 60   LEU A CB  1 
ATOM   156 C  CG  . LEU A 1 60  ? -0.522  7.220   4.820   1.00 51.40  ? 60   LEU A CG  1 
ATOM   157 C  CD1 . LEU A 1 60  ? 0.372   8.422   5.099   1.00 51.41  ? 60   LEU A CD1 1 
ATOM   158 C  CD2 . LEU A 1 60  ? -0.216  6.075   5.785   1.00 48.11  ? 60   LEU A CD2 1 
ATOM   159 N  N   . ASN A 1 61  ? -4.972  7.728   3.875   1.00 52.61  ? 61   ASN A N   1 
ATOM   160 C  CA  . ASN A 1 61  ? -6.275  8.386   3.852   1.00 53.96  ? 61   ASN A CA  1 
ATOM   161 C  C   . ASN A 1 61  ? -7.539  7.557   3.960   1.00 53.87  ? 61   ASN A C   1 
ATOM   162 O  O   . ASN A 1 61  ? -8.627  8.118   3.914   1.00 53.65  ? 61   ASN A O   1 
ATOM   163 C  CB  . ASN A 1 61  ? -6.383  9.217   2.590   1.00 57.86  ? 61   ASN A CB  1 
ATOM   164 C  CG  . ASN A 1 61  ? -5.917  10.617  2.799   1.00 62.01  ? 61   ASN A CG  1 
ATOM   165 O  OD1 . ASN A 1 61  ? -6.727  11.514  3.011   1.00 66.02  ? 61   ASN A OD1 1 
ATOM   166 N  ND2 . ASN A 1 61  ? -4.601  10.822  2.771   1.00 63.68  ? 61   ASN A ND2 1 
ATOM   167 N  N   . VAL A 1 62  ? -7.419  6.240   4.083   1.00 53.23  ? 62   VAL A N   1 
ATOM   168 C  CA  . VAL A 1 62  ? -8.617  5.429   4.180   1.00 52.22  ? 62   VAL A CA  1 
ATOM   169 C  C   . VAL A 1 62  ? -9.090  5.346   5.622   1.00 54.70  ? 62   VAL A C   1 
ATOM   170 O  O   . VAL A 1 62  ? -10.160 4.804   5.885   1.00 56.04  ? 62   VAL A O   1 
ATOM   171 C  CB  . VAL A 1 62  ? -8.409  4.000   3.619   1.00 48.65  ? 62   VAL A CB  1 
ATOM   172 C  CG1 . VAL A 1 62  ? -7.874  4.084   2.207   1.00 43.97  ? 62   VAL A CG1 1 
ATOM   173 C  CG2 . VAL A 1 62  ? -7.490  3.206   4.514   1.00 46.46  ? 62   VAL A CG2 1 
ATOM   174 N  N   . LYS A 1 63  ? -8.308  5.887   6.553   1.00 56.95  ? 63   LYS A N   1 
ATOM   175 C  CA  . LYS A 1 63  ? -8.694  5.852   7.957   1.00 59.76  ? 63   LYS A CA  1 
ATOM   176 C  C   . LYS A 1 63  ? -10.087 6.459   8.098   1.00 59.99  ? 63   LYS A C   1 
ATOM   177 O  O   . LYS A 1 63  ? -10.889 5.974   8.884   1.00 60.23  ? 63   LYS A O   1 
ATOM   178 C  CB  . LYS A 1 63  ? -7.693  6.632   8.813   1.00 63.83  ? 63   LYS A CB  1 
ATOM   179 C  CG  . LYS A 1 63  ? -7.931  6.527   10.322  1.00 69.30  ? 63   LYS A CG  1 
ATOM   180 C  CD  . LYS A 1 63  ? -7.392  7.767   11.051  1.00 76.29  ? 63   LYS A CD  1 
ATOM   181 C  CE  . LYS A 1 63  ? -7.606  7.700   12.573  1.00 79.00  ? 63   LYS A CE  1 
ATOM   182 N  NZ  . LYS A 1 63  ? -7.305  9.010   13.259  1.00 81.25  ? 63   LYS A NZ  1 
ATOM   183 N  N   . GLN A 1 64  ? -10.388 7.500   7.322   1.00 60.54  ? 64   GLN A N   1 
ATOM   184 C  CA  . GLN A 1 64  ? -11.701 8.143   7.406   1.00 61.10  ? 64   GLN A CA  1 
ATOM   185 C  C   . GLN A 1 64  ? -12.832 7.185   7.063   1.00 60.66  ? 64   GLN A C   1 
ATOM   186 O  O   . GLN A 1 64  ? -13.950 7.349   7.549   1.00 61.25  ? 64   GLN A O   1 
ATOM   187 C  CB  . GLN A 1 64  ? -11.767 9.365   6.493   1.00 62.44  ? 64   GLN A CB  1 
ATOM   188 C  CG  . GLN A 1 64  ? -12.586 9.169   5.242   1.00 65.05  ? 64   GLN A CG  1 
ATOM   189 C  CD  . GLN A 1 64  ? -11.761 9.349   3.998   1.00 68.40  ? 64   GLN A CD  1 
ATOM   190 O  OE1 . GLN A 1 64  ? -11.070 10.354  3.841   1.00 71.39  ? 64   GLN A OE1 1 
ATOM   191 N  NE2 . GLN A 1 64  ? -11.822 8.376   3.099   1.00 71.13  ? 64   GLN A NE2 1 
ATOM   192 N  N   . PHE A 1 65  ? -12.542 6.199   6.218   1.00 59.18  ? 65   PHE A N   1 
ATOM   193 C  CA  . PHE A 1 65  ? -13.537 5.204   5.845   1.00 57.73  ? 65   PHE A CA  1 
ATOM   194 C  C   . PHE A 1 65  ? -13.676 4.244   7.017   1.00 57.10  ? 65   PHE A C   1 
ATOM   195 O  O   . PHE A 1 65  ? -14.741 3.670   7.237   1.00 58.31  ? 65   PHE A O   1 
ATOM   196 C  CB  . PHE A 1 65  ? -13.103 4.418   4.599   1.00 57.86  ? 65   PHE A CB  1 
ATOM   197 C  CG  . PHE A 1 65  ? -13.116 5.217   3.330   1.00 58.14  ? 65   PHE A CG  1 
ATOM   198 C  CD1 . PHE A 1 65  ? -14.265 5.897   2.933   1.00 58.34  ? 65   PHE A CD1 1 
ATOM   199 C  CD2 . PHE A 1 65  ? -11.978 5.303   2.535   1.00 57.42  ? 65   PHE A CD2 1 
ATOM   200 C  CE1 . PHE A 1 65  ? -14.291 6.638   1.751   1.00 58.99  ? 65   PHE A CE1 1 
ATOM   201 C  CE2 . PHE A 1 65  ? -11.993 6.044   1.346   1.00 58.11  ? 65   PHE A CE2 1 
ATOM   202 C  CZ  . PHE A 1 65  ? -13.153 6.722   0.959   1.00 58.42  ? 65   PHE A CZ  1 
ATOM   203 N  N   . ILE A 1 66  ? -12.595 4.066   7.772   1.00 56.72  ? 66   ILE A N   1 
ATOM   204 C  CA  . ILE A 1 66  ? -12.635 3.157   8.919   1.00 57.70  ? 66   ILE A CA  1 
ATOM   205 C  C   . ILE A 1 66  ? -13.470 3.781   10.032  1.00 58.56  ? 66   ILE A C   1 
ATOM   206 O  O   . ILE A 1 66  ? -14.208 3.095   10.739  1.00 59.73  ? 66   ILE A O   1 
ATOM   207 C  CB  . ILE A 1 66  ? -11.214 2.849   9.475   1.00 56.08  ? 66   ILE A CB  1 
ATOM   208 C  CG1 . ILE A 1 66  ? -10.376 2.144   8.411   1.00 53.97  ? 66   ILE A CG1 1 
ATOM   209 C  CG2 . ILE A 1 66  ? -11.325 1.957   10.708  1.00 55.26  ? 66   ILE A CG2 1 
ATOM   210 C  CD1 . ILE A 1 66  ? -8.949  1.944   8.811   1.00 51.16  ? 66   ILE A CD1 1 
ATOM   211 N  N   . ASP A 1 67  ? -13.336 5.093   10.170  1.00 58.54  ? 67   ASP A N   1 
ATOM   212 C  CA  . ASP A 1 67  ? -14.043 5.861   11.182  1.00 59.36  ? 67   ASP A CA  1 
ATOM   213 C  C   . ASP A 1 67  ? -15.545 5.987   10.944  1.00 58.75  ? 67   ASP A C   1 
ATOM   214 O  O   . ASP A 1 67  ? -16.328 5.936   11.889  1.00 60.39  ? 67   ASP A O   1 
ATOM   215 C  CB  . ASP A 1 67  ? -13.390 7.238   11.316  1.00 60.81  ? 67   ASP A CB  1 
ATOM   216 C  CG  . ASP A 1 67  ? -12.044 7.170   12.026  1.00 63.19  ? 67   ASP A CG  1 
ATOM   217 O  OD1 . ASP A 1 67  ? -11.308 8.181   12.003  1.00 65.12  ? 67   ASP A OD1 1 
ATOM   218 O  OD2 . ASP A 1 67  ? -11.727 6.108   12.614  1.00 62.49  ? 67   ASP A OD2 1 
ATOM   219 N  N   . ARG A 1 68  ? -15.955 6.155   9.695   1.00 58.45  ? 68   ARG A N   1 
ATOM   220 C  CA  . ARG A 1 68  ? -17.375 6.250   9.373   1.00 58.53  ? 68   ARG A CA  1 
ATOM   221 C  C   . ARG A 1 68  ? -17.933 4.842   9.207   1.00 57.90  ? 68   ARG A C   1 
ATOM   222 O  O   . ARG A 1 68  ? -19.132 4.670   8.983   1.00 57.40  ? 68   ARG A O   1 
ATOM   223 C  CB  . ARG A 1 68  ? -17.565 7.015   8.072   1.00 61.26  ? 68   ARG A CB  1 
ATOM   224 C  CG  . ARG A 1 68  ? -17.286 8.504   8.153   1.00 66.10  ? 68   ARG A CG  1 
ATOM   225 C  CD  . ARG A 1 68  ? -16.909 9.022   6.774   1.00 69.47  ? 68   ARG A CD  1 
ATOM   226 N  NE  . ARG A 1 68  ? -17.745 8.413   5.738   1.00 72.76  ? 68   ARG A NE  1 
ATOM   227 C  CZ  . ARG A 1 68  ? -17.380 8.287   4.466   1.00 73.59  ? 68   ARG A CZ  1 
ATOM   228 N  NH1 . ARG A 1 68  ? -16.191 8.730   4.086   1.00 73.91  ? 68   ARG A NH1 1 
ATOM   229 N  NH2 . ARG A 1 68  ? -18.196 7.724   3.579   1.00 72.98  ? 68   ARG A NH2 1 
ATOM   230 N  N   . LYS A 1 69  ? -17.043 3.851   9.311   1.00 57.18  ? 69   LYS A N   1 
ATOM   231 C  CA  . LYS A 1 69  ? -17.366 2.428   9.169   1.00 53.73  ? 69   LYS A CA  1 
ATOM   232 C  C   . LYS A 1 69  ? -18.008 2.092   7.818   1.00 52.31  ? 69   LYS A C   1 
ATOM   233 O  O   . LYS A 1 69  ? -18.866 1.211   7.712   1.00 51.01  ? 69   LYS A O   1 
ATOM   234 C  CB  . LYS A 1 69  ? -18.249 1.976   10.340  1.00 54.32  ? 69   LYS A CB  1 
ATOM   235 C  CG  . LYS A 1 69  ? -17.503 1.937   11.681  1.00 57.36  ? 69   LYS A CG  1 
ATOM   236 C  CD  . LYS A 1 69  ? -18.460 2.017   12.863  1.00 60.74  ? 69   LYS A CD  1 
ATOM   237 C  CE  . LYS A 1 69  ? -19.509 0.921   12.810  1.00 65.00  ? 69   LYS A CE  1 
ATOM   238 N  NZ  . LYS A 1 69  ? -20.684 1.234   13.685  1.00 69.15  ? 69   LYS A NZ  1 
ATOM   239 N  N   . ALA A 1 70  ? -17.558 2.809   6.790   1.00 51.79  ? 70   ALA A N   1 
ATOM   240 C  CA  . ALA A 1 70  ? -18.025 2.645   5.417   1.00 52.86  ? 70   ALA A CA  1 
ATOM   241 C  C   . ALA A 1 70  ? -17.109 1.599   4.784   1.00 53.43  ? 70   ALA A C   1 
ATOM   242 O  O   . ALA A 1 70  ? -16.268 1.918   3.941   1.00 55.10  ? 70   ALA A O   1 
ATOM   243 C  CB  . ALA A 1 70  ? -17.909 3.980   4.668   1.00 50.96  ? 70   ALA A CB  1 
ATOM   244 N  N   . TRP A 1 71  ? -17.282 0.351   5.202   1.00 52.54  ? 71   TRP A N   1 
ATOM   245 C  CA  . TRP A 1 71  ? -16.456 -0.757  4.737   1.00 50.95  ? 71   TRP A CA  1 
ATOM   246 C  C   . TRP A 1 71  ? -16.296 -0.922  3.228   1.00 49.35  ? 71   TRP A C   1 
ATOM   247 O  O   . TRP A 1 71  ? -15.180 -1.115  2.731   1.00 47.67  ? 71   TRP A O   1 
ATOM   248 C  CB  . TRP A 1 71  ? -16.978 -2.044  5.356   1.00 50.12  ? 71   TRP A CB  1 
ATOM   249 C  CG  . TRP A 1 71  ? -17.105 -1.912  6.822   1.00 51.94  ? 71   TRP A CG  1 
ATOM   250 C  CD1 . TRP A 1 71  ? -18.229 -2.092  7.565   1.00 52.56  ? 71   TRP A CD1 1 
ATOM   251 C  CD2 . TRP A 1 71  ? -16.056 -1.595  7.744   1.00 53.56  ? 71   TRP A CD2 1 
ATOM   252 N  NE1 . TRP A 1 71  ? -17.951 -1.906  8.902   1.00 53.32  ? 71   TRP A NE1 1 
ATOM   253 C  CE2 . TRP A 1 71  ? -16.626 -1.596  9.040   1.00 54.24  ? 71   TRP A CE2 1 
ATOM   254 C  CE3 . TRP A 1 71  ? -14.696 -1.290  7.602   1.00 55.27  ? 71   TRP A CE3 1 
ATOM   255 C  CZ2 . TRP A 1 71  ? -15.866 -1.336  10.192  1.00 54.49  ? 71   TRP A CZ2 1 
ATOM   256 C  CZ3 . TRP A 1 71  ? -13.939 -1.025  8.752   1.00 55.08  ? 71   TRP A CZ3 1 
ATOM   257 C  CH2 . TRP A 1 71  ? -14.531 -1.043  10.025  1.00 54.80  ? 71   TRP A CH2 1 
ATOM   258 N  N   . PRO A 1 72  ? -17.412 -0.907  2.485   1.00 48.32  ? 72   PRO A N   1 
ATOM   259 C  CA  . PRO A 1 72  ? -17.260 -1.056  1.040   1.00 48.40  ? 72   PRO A CA  1 
ATOM   260 C  C   . PRO A 1 72  ? -16.460 0.090   0.393   1.00 47.89  ? 72   PRO A C   1 
ATOM   261 O  O   . PRO A 1 72  ? -15.749 -0.124  -0.584  1.00 48.94  ? 72   PRO A O   1 
ATOM   262 C  CB  . PRO A 1 72  ? -18.707 -1.170  0.548   1.00 49.95  ? 72   PRO A CB  1 
ATOM   263 C  CG  . PRO A 1 72  ? -19.527 -0.565  1.652   1.00 48.17  ? 72   PRO A CG  1 
ATOM   264 C  CD  . PRO A 1 72  ? -18.827 -1.002  2.886   1.00 47.57  ? 72   PRO A CD  1 
ATOM   265 N  N   . SER A 1 73  ? -16.564 1.300   0.932   1.00 47.27  ? 73   SER A N   1 
ATOM   266 C  CA  . SER A 1 73  ? -15.796 2.419   0.387   1.00 45.80  ? 73   SER A CA  1 
ATOM   267 C  C   . SER A 1 73  ? -14.311 2.170   0.672   1.00 46.11  ? 73   SER A C   1 
ATOM   268 O  O   . SER A 1 73  ? -13.469 2.293   -0.220  1.00 46.54  ? 73   SER A O   1 
ATOM   269 C  CB  . SER A 1 73  ? -16.249 3.738   1.015   1.00 45.04  ? 73   SER A CB  1 
ATOM   270 O  OG  . SER A 1 73  ? -17.513 4.118   0.507   1.00 44.03  ? 73   SER A OG  1 
ATOM   271 N  N   . LEU A 1 74  ? -14.008 1.787   1.912   1.00 45.09  ? 74   LEU A N   1 
ATOM   272 C  CA  . LEU A 1 74  ? -12.640 1.498   2.330   1.00 43.73  ? 74   LEU A CA  1 
ATOM   273 C  C   . LEU A 1 74  ? -12.023 0.440   1.435   1.00 45.39  ? 74   LEU A C   1 
ATOM   274 O  O   . LEU A 1 74  ? -10.852 0.539   1.046   1.00 45.88  ? 74   LEU A O   1 
ATOM   275 C  CB  . LEU A 1 74  ? -12.623 0.993   3.772   1.00 41.29  ? 74   LEU A CB  1 
ATOM   276 C  CG  . LEU A 1 74  ? -11.343 0.331   4.264   1.00 38.51  ? 74   LEU A CG  1 
ATOM   277 C  CD1 . LEU A 1 74  ? -10.164 1.243   4.051   1.00 39.39  ? 74   LEU A CD1 1 
ATOM   278 C  CD2 . LEU A 1 74  ? -11.508 -0.024  5.715   1.00 37.77  ? 74   LEU A CD2 1 
ATOM   279 N  N   . GLN A 1 75  ? -12.810 -0.583  1.115   1.00 45.26  ? 75   GLN A N   1 
ATOM   280 C  CA  . GLN A 1 75  ? -12.297 -1.654  0.262   1.00 45.92  ? 75   GLN A CA  1 
ATOM   281 C  C   . GLN A 1 75  ? -12.021 -1.223  -1.172  1.00 46.80  ? 75   GLN A C   1 
ATOM   282 O  O   . GLN A 1 75  ? -10.981 -1.565  -1.734  1.00 46.99  ? 75   GLN A O   1 
ATOM   283 C  CB  . GLN A 1 75  ? -13.239 -2.845  0.214   1.00 44.60  ? 75   GLN A CB  1 
ATOM   284 C  CG  . GLN A 1 75  ? -13.270 -3.653  1.457   1.00 45.53  ? 75   GLN A CG  1 
ATOM   285 C  CD  . GLN A 1 75  ? -14.091 -4.876  1.265   1.00 47.22  ? 75   GLN A CD  1 
ATOM   286 O  OE1 . GLN A 1 75  ? -15.314 -4.816  1.171   1.00 47.38  ? 75   GLN A OE1 1 
ATOM   287 N  NE2 . GLN A 1 75  ? -13.425 -6.006  1.184   1.00 48.28  ? 75   GLN A NE2 1 
ATOM   288 N  N   . ASN A 1 76  ? -12.940 -0.478  -1.778  1.00 45.73  ? 76   ASN A N   1 
ATOM   289 C  CA  . ASN A 1 76  ? -12.721 -0.036  -3.151  1.00 43.79  ? 76   ASN A CA  1 
ATOM   290 C  C   . ASN A 1 76  ? -11.550 0.912   -3.246  1.00 43.47  ? 76   ASN A C   1 
ATOM   291 O  O   . ASN A 1 76  ? -10.764 0.847   -4.183  1.00 43.58  ? 76   ASN A O   1 
ATOM   292 C  CB  . ASN A 1 76  ? -13.951 0.662   -3.712  1.00 45.24  ? 76   ASN A CB  1 
ATOM   293 C  CG  . ASN A 1 76  ? -15.170 -0.248  -3.770  1.00 47.03  ? 76   ASN A CG  1 
ATOM   294 O  OD1 . ASN A 1 76  ? -15.083 -1.378  -4.249  1.00 48.62  ? 76   ASN A OD1 1 
ATOM   295 N  ND2 . ASN A 1 76  ? -16.319 0.252   -3.309  1.00 46.25  ? 76   ASN A ND2 1 
ATOM   296 N  N   . ASP A 1 77  ? -11.412 1.796   -2.275  1.00 44.01  ? 77   ASP A N   1 
ATOM   297 C  CA  . ASP A 1 77  ? -10.304 2.750   -2.312  1.00 45.59  ? 77   ASP A CA  1 
ATOM   298 C  C   . ASP A 1 77  ? -8.986  2.029   -2.085  1.00 45.41  ? 77   ASP A C   1 
ATOM   299 O  O   . ASP A 1 77  ? -7.983  2.261   -2.753  1.00 45.94  ? 77   ASP A O   1 
ATOM   300 C  CB  . ASP A 1 77  ? -10.513 3.798   -1.213  1.00 48.82  ? 77   ASP A CB  1 
ATOM   301 C  CG  . ASP A 1 77  ? -9.650  5.061   -1.392  1.00 51.60  ? 77   ASP A CG  1 
ATOM   302 O  OD1 . ASP A 1 77  ? -8.678  5.243   -0.619  1.00 53.26  ? 77   ASP A OD1 1 
ATOM   303 O  OD2 . ASP A 1 77  ? -9.961  5.887   -2.283  1.00 51.41  ? 77   ASP A OD2 1 
ATOM   304 N  N   . LEU A 1 78  ? -9.015  1.101   -1.148  1.00 44.93  ? 78   LEU A N   1 
ATOM   305 C  CA  . LEU A 1 78  ? -7.818  0.371   -0.779  1.00 43.15  ? 78   LEU A CA  1 
ATOM   306 C  C   . LEU A 1 78  ? -7.361  -0.460  -1.943  1.00 43.62  ? 78   LEU A C   1 
ATOM   307 O  O   . LEU A 1 78  ? -6.174  -0.567  -2.200  1.00 44.92  ? 78   LEU A O   1 
ATOM   308 C  CB  . LEU A 1 78  ? -8.142  -0.502  0.428   1.00 41.72  ? 78   LEU A CB  1 
ATOM   309 C  CG  . LEU A 1 78  ? -6.970  -1.171  1.124   1.00 38.89  ? 78   LEU A CG  1 
ATOM   310 C  CD1 . LEU A 1 78  ? -6.007  -0.105  1.659   1.00 38.32  ? 78   LEU A CD1 1 
ATOM   311 C  CD2 . LEU A 1 78  ? -7.459  -2.086  2.234   1.00 37.52  ? 78   LEU A CD2 1 
ATOM   312 N  N   . ARG A 1 79  ? -8.324  -1.033  -2.652  1.00 44.86  ? 79   ARG A N   1 
ATOM   313 C  CA  . ARG A 1 79  ? -8.029  -1.886  -3.784  1.00 44.79  ? 79   ARG A CA  1 
ATOM   314 C  C   . ARG A 1 79  ? -7.328  -1.134  -4.911  1.00 42.94  ? 79   ARG A C   1 
ATOM   315 O  O   . ARG A 1 79  ? -6.329  -1.603  -5.449  1.00 40.93  ? 79   ARG A O   1 
ATOM   316 C  CB  . ARG A 1 79  ? -9.315  -2.513  -4.295  1.00 49.96  ? 79   ARG A CB  1 
ATOM   317 C  CG  . ARG A 1 79  ? -9.169  -3.960  -4.650  1.00 56.79  ? 79   ARG A CG  1 
ATOM   318 C  CD  . ARG A 1 79  ? -10.514 -4.602  -4.478  1.00 64.35  ? 79   ARG A CD  1 
ATOM   319 N  NE  . ARG A 1 79  ? -10.636 -5.274  -3.193  1.00 71.25  ? 79   ARG A NE  1 
ATOM   320 C  CZ  . ARG A 1 79  ? -11.777 -5.758  -2.718  1.00 75.32  ? 79   ARG A CZ  1 
ATOM   321 N  NH1 . ARG A 1 79  ? -12.892 -5.631  -3.422  1.00 77.75  ? 79   ARG A NH1 1 
ATOM   322 N  NH2 . ARG A 1 79  ? -11.797 -6.394  -1.556  1.00 78.14  ? 79   ARG A NH2 1 
ATOM   323 N  N   . LEU A 1 80  ? -7.864  0.023   -5.279  1.00 42.40  ? 80   LEU A N   1 
ATOM   324 C  CA  . LEU A 1 80  ? -7.279  0.827   -6.341  1.00 41.09  ? 80   LEU A CA  1 
ATOM   325 C  C   . LEU A 1 80  ? -5.870  1.260   -5.982  1.00 40.90  ? 80   LEU A C   1 
ATOM   326 O  O   . LEU A 1 80  ? -4.946  1.049   -6.757  1.00 43.21  ? 80   LEU A O   1 
ATOM   327 C  CB  . LEU A 1 80  ? -8.136  2.063   -6.605  1.00 42.23  ? 80   LEU A CB  1 
ATOM   328 C  CG  . LEU A 1 80  ? -7.600  3.121   -7.580  1.00 43.73  ? 80   LEU A CG  1 
ATOM   329 C  CD1 . LEU A 1 80  ? -7.591  2.562   -8.997  1.00 44.47  ? 80   LEU A CD1 1 
ATOM   330 C  CD2 . LEU A 1 80  ? -8.459  4.379   -7.511  1.00 42.91  ? 80   LEU A CD2 1 
ATOM   331 N  N   . ARG A 1 81  ? -5.717  1.892   -4.821  1.00 40.36  ? 81   ARG A N   1 
ATOM   332 C  CA  . ARG A 1 81  ? -4.414  2.342   -4.345  1.00 41.67  ? 81   ARG A CA  1 
ATOM   333 C  C   . ARG A 1 81  ? -3.447  1.180   -4.332  1.00 43.81  ? 81   ARG A C   1 
ATOM   334 O  O   . ARG A 1 81  ? -2.284  1.323   -4.711  1.00 46.63  ? 81   ARG A O   1 
ATOM   335 C  CB  . ARG A 1 81  ? -4.515  2.867   -2.922  1.00 42.66  ? 81   ARG A CB  1 
ATOM   336 C  CG  . ARG A 1 81  ? -4.972  4.276   -2.766  1.00 42.66  ? 81   ARG A CG  1 
ATOM   337 C  CD  . ARG A 1 81  ? -5.565  4.835   -4.016  1.00 43.54  ? 81   ARG A CD  1 
ATOM   338 N  NE  . ARG A 1 81  ? -6.650  5.742   -3.673  1.00 45.09  ? 81   ARG A NE  1 
ATOM   339 C  CZ  . ARG A 1 81  ? -7.153  6.653   -4.495  1.00 47.46  ? 81   ARG A CZ  1 
ATOM   340 N  NH1 . ARG A 1 81  ? -6.665  6.795   -5.720  1.00 49.02  ? 81   ARG A NH1 1 
ATOM   341 N  NH2 . ARG A 1 81  ? -8.160  7.412   -4.095  1.00 48.51  ? 81   ARG A NH2 1 
ATOM   342 N  N   . ALA A 1 82  ? -3.931  0.031   -3.868  1.00 44.71  ? 82   ALA A N   1 
ATOM   343 C  CA  . ALA A 1 82  ? -3.119  -1.175  -3.794  1.00 44.89  ? 82   ALA A CA  1 
ATOM   344 C  C   . ALA A 1 82  ? -2.623  -1.600  -5.178  1.00 45.84  ? 82   ALA A C   1 
ATOM   345 O  O   . ALA A 1 82  ? -1.464  -1.969  -5.330  1.00 46.32  ? 82   ALA A O   1 
ATOM   346 C  CB  . ALA A 1 82  ? -3.921  -2.291  -3.155  1.00 44.45  ? 82   ALA A CB  1 
ATOM   347 N  N   . SER A 1 83  ? -3.497  -1.533  -6.183  1.00 46.41  ? 83   SER A N   1 
ATOM   348 C  CA  . SER A 1 83  ? -3.145  -1.898  -7.553  1.00 48.02  ? 83   SER A CA  1 
ATOM   349 C  C   . SER A 1 83  ? -2.073  -0.998  -8.149  1.00 49.79  ? 83   SER A C   1 
ATOM   350 O  O   . SER A 1 83  ? -1.202  -1.467  -8.880  1.00 49.87  ? 83   SER A O   1 
ATOM   351 C  CB  . SER A 1 83  ? -4.372  -1.847  -8.452  1.00 47.29  ? 83   SER A CB  1 
ATOM   352 O  OG  . SER A 1 83  ? -5.243  -2.919  -8.154  1.00 48.32  ? 83   SER A OG  1 
ATOM   353 N  N   . TYR A 1 84  ? -2.151  0.297   -7.862  1.00 53.41  ? 84   TYR A N   1 
ATOM   354 C  CA  . TYR A 1 84  ? -1.158  1.241   -8.361  1.00 57.23  ? 84   TYR A CA  1 
ATOM   355 C  C   . TYR A 1 84  ? 0.153   0.940   -7.654  1.00 57.85  ? 84   TYR A C   1 
ATOM   356 O  O   . TYR A 1 84  ? 1.159   0.622   -8.285  1.00 58.40  ? 84   TYR A O   1 
ATOM   357 C  CB  . TYR A 1 84  ? -1.603  2.693   -8.094  1.00 59.89  ? 84   TYR A CB  1 
ATOM   358 C  CG  . TYR A 1 84  ? -2.434  3.264   -9.217  1.00 64.73  ? 84   TYR A CG  1 
ATOM   359 C  CD1 . TYR A 1 84  ? -3.724  3.760   -8.991  1.00 66.91  ? 84   TYR A CD1 1 
ATOM   360 C  CD2 . TYR A 1 84  ? -1.955  3.235   -10.528 1.00 67.05  ? 84   TYR A CD2 1 
ATOM   361 C  CE1 . TYR A 1 84  ? -4.518  4.207   -10.057 1.00 69.23  ? 84   TYR A CE1 1 
ATOM   362 C  CE2 . TYR A 1 84  ? -2.725  3.673   -11.594 1.00 69.69  ? 84   TYR A CE2 1 
ATOM   363 C  CZ  . TYR A 1 84  ? -4.010  4.154   -11.361 1.00 70.48  ? 84   TYR A CZ  1 
ATOM   364 O  OH  . TYR A 1 84  ? -4.776  4.557   -12.437 1.00 71.24  ? 84   TYR A OH  1 
ATOM   365 N  N   . LEU A 1 85  ? 0.108   0.997   -6.329  1.00 58.49  ? 85   LEU A N   1 
ATOM   366 C  CA  . LEU A 1 85  ? 1.270   0.750   -5.490  1.00 57.94  ? 85   LEU A CA  1 
ATOM   367 C  C   . LEU A 1 85  ? 2.022   -0.520  -5.840  1.00 59.13  ? 85   LEU A C   1 
ATOM   368 O  O   . LEU A 1 85  ? 3.249   -0.535  -5.852  1.00 60.10  ? 85   LEU A O   1 
ATOM   369 C  CB  . LEU A 1 85  ? 0.833   0.701   -4.025  1.00 54.20  ? 85   LEU A CB  1 
ATOM   370 C  CG  . LEU A 1 85  ? 1.946   0.859   -3.004  1.00 53.35  ? 85   LEU A CG  1 
ATOM   371 C  CD1 . LEU A 1 85  ? 2.825   2.046   -3.371  1.00 53.14  ? 85   LEU A CD1 1 
ATOM   372 C  CD2 . LEU A 1 85  ? 1.332   1.064   -1.638  1.00 54.64  ? 85   LEU A CD2 1 
ATOM   373 N  N   . ARG A 1 86  ? 1.279   -1.581  -6.119  1.00 61.60  ? 86   ARG A N   1 
ATOM   374 C  CA  . ARG A 1 86  ? 1.862   -2.875  -6.457  1.00 63.62  ? 86   ARG A CA  1 
ATOM   375 C  C   . ARG A 1 86  ? 2.676   -2.793  -7.737  1.00 64.61  ? 86   ARG A C   1 
ATOM   376 O  O   . ARG A 1 86  ? 3.802   -3.269  -7.801  1.00 64.46  ? 86   ARG A O   1 
ATOM   377 C  CB  . ARG A 1 86  ? 0.746   -3.896  -6.626  1.00 64.89  ? 86   ARG A CB  1 
ATOM   378 C  CG  . ARG A 1 86  ? 1.154   -5.305  -6.336  1.00 66.86  ? 86   ARG A CG  1 
ATOM   379 C  CD  . ARG A 1 86  ? -0.012  -6.017  -5.683  1.00 70.19  ? 86   ARG A CD  1 
ATOM   380 N  NE  . ARG A 1 86  ? 0.449   -7.128  -4.859  1.00 74.34  ? 86   ARG A NE  1 
ATOM   381 C  CZ  . ARG A 1 86  ? -0.290  -7.720  -3.924  1.00 76.09  ? 86   ARG A CZ  1 
ATOM   382 N  NH1 . ARG A 1 86  ? -1.527  -7.299  -3.700  1.00 76.75  ? 86   ARG A NH1 1 
ATOM   383 N  NH2 . ARG A 1 86  ? 0.204   -8.729  -3.210  1.00 77.47  ? 86   ARG A NH2 1 
ATOM   384 N  N   . TYR A 1 87  ? 2.089   -2.167  -8.746  1.00 66.86  ? 87   TYR A N   1 
ATOM   385 C  CA  . TYR A 1 87  ? 2.732   -2.024  -10.032 1.00 68.30  ? 87   TYR A CA  1 
ATOM   386 C  C   . TYR A 1 87  ? 3.936   -1.116  -10.004 1.00 66.07  ? 87   TYR A C   1 
ATOM   387 O  O   . TYR A 1 87  ? 4.937   -1.396  -10.651 1.00 65.64  ? 87   TYR A O   1 
ATOM   388 C  CB  . TYR A 1 87  ? 1.741   -1.501  -11.062 1.00 74.30  ? 87   TYR A CB  1 
ATOM   389 C  CG  . TYR A 1 87  ? 2.074   -1.969  -12.441 1.00 81.67  ? 87   TYR A CG  1 
ATOM   390 C  CD1 . TYR A 1 87  ? 3.013   -1.288  -13.228 1.00 84.91  ? 87   TYR A CD1 1 
ATOM   391 C  CD2 . TYR A 1 87  ? 1.523   -3.161  -12.929 1.00 85.11  ? 87   TYR A CD2 1 
ATOM   392 C  CE1 . TYR A 1 87  ? 3.399   -1.793  -14.465 1.00 89.07  ? 87   TYR A CE1 1 
ATOM   393 C  CE2 . TYR A 1 87  ? 1.899   -3.678  -14.163 1.00 88.74  ? 87   TYR A CE2 1 
ATOM   394 C  CZ  . TYR A 1 87  ? 2.837   -2.994  -14.927 1.00 89.87  ? 87   TYR A CZ  1 
ATOM   395 O  OH  . TYR A 1 87  ? 3.207   -3.518  -16.148 1.00 92.01  ? 87   TYR A OH  1 
ATOM   396 N  N   . ASP A 1 88  ? 3.853   -0.024  -9.265  1.00 63.59  ? 88   ASP A N   1 
ATOM   397 C  CA  . ASP A 1 88  ? 4.976   0.890   -9.225  1.00 62.49  ? 88   ASP A CA  1 
ATOM   398 C  C   . ASP A 1 88  ? 6.105   0.448   -8.317  1.00 60.90  ? 88   ASP A C   1 
ATOM   399 O  O   . ASP A 1 88  ? 7.242   0.871   -8.507  1.00 59.71  ? 88   ASP A O   1 
ATOM   400 C  CB  . ASP A 1 88  ? 4.505   2.284   -8.831  1.00 64.11  ? 88   ASP A CB  1 
ATOM   401 C  CG  . ASP A 1 88  ? 3.497   2.843   -9.805  1.00 65.88  ? 88   ASP A CG  1 
ATOM   402 O  OD1 . ASP A 1 88  ? 3.465   2.380   -10.970 1.00 67.16  ? 88   ASP A OD1 1 
ATOM   403 O  OD2 . ASP A 1 88  ? 2.746   3.756   -9.413  1.00 67.52  ? 88   ASP A OD2 1 
ATOM   404 N  N   . LEU A 1 89  ? 5.812   -0.385  -7.325  1.00 59.62  ? 89   LEU A N   1 
ATOM   405 C  CA  . LEU A 1 89  ? 6.881   -0.834  -6.451  1.00 58.67  ? 89   LEU A CA  1 
ATOM   406 C  C   . LEU A 1 89  ? 7.697   -1.889  -7.181  1.00 60.49  ? 89   LEU A C   1 
ATOM   407 O  O   . LEU A 1 89  ? 8.927   -1.906  -7.089  1.00 60.96  ? 89   LEU A O   1 
ATOM   408 C  CB  . LEU A 1 89  ? 6.328   -1.374  -5.128  1.00 54.95  ? 89   LEU A CB  1 
ATOM   409 C  CG  . LEU A 1 89  ? 5.985   -0.282  -4.106  1.00 51.85  ? 89   LEU A CG  1 
ATOM   410 C  CD1 . LEU A 1 89  ? 5.449   -0.908  -2.829  1.00 48.79  ? 89   LEU A CD1 1 
ATOM   411 C  CD2 . LEU A 1 89  ? 7.227   0.549   -3.830  1.00 48.84  ? 89   LEU A CD2 1 
ATOM   412 N  N   . LYS A 1 90  ? 7.016   -2.760  -7.923  1.00 62.21  ? 90   LYS A N   1 
ATOM   413 C  CA  . LYS A 1 90  ? 7.702   -3.801  -8.699  1.00 64.58  ? 90   LYS A CA  1 
ATOM   414 C  C   . LYS A 1 90  ? 8.651   -3.116  -9.688  1.00 65.58  ? 90   LYS A C   1 
ATOM   415 O  O   . LYS A 1 90  ? 9.775   -3.578  -9.908  1.00 66.67  ? 90   LYS A O   1 
ATOM   416 C  CB  . LYS A 1 90  ? 6.697   -4.640  -9.494  1.00 66.27  ? 90   LYS A CB  1 
ATOM   417 C  CG  . LYS A 1 90  ? 5.586   -5.238  -8.665  1.00 71.91  ? 90   LYS A CG  1 
ATOM   418 C  CD  . LYS A 1 90  ? 5.953   -6.606  -8.085  1.00 75.60  ? 90   LYS A CD  1 
ATOM   419 C  CE  . LYS A 1 90  ? 4.773   -7.231  -7.325  1.00 75.52  ? 90   LYS A CE  1 
ATOM   420 N  NZ  . LYS A 1 90  ? 4.389   -6.420  -6.122  1.00 75.90  ? 90   LYS A NZ  1 
ATOM   421 N  N   . THR A 1 91  ? 8.178   -2.021  -10.285 1.00 65.39  ? 91   THR A N   1 
ATOM   422 C  CA  . THR A 1 91  ? 8.971   -1.265  -11.244 1.00 64.31  ? 91   THR A CA  1 
ATOM   423 C  C   . THR A 1 91  ? 10.204  -0.672  -10.545 1.00 64.84  ? 91   THR A C   1 
ATOM   424 O  O   . THR A 1 91  ? 11.332  -0.891  -10.989 1.00 65.28  ? 91   THR A O   1 
ATOM   425 C  CB  . THR A 1 91  ? 8.126   -0.136  -11.918 1.00 63.30  ? 91   THR A CB  1 
ATOM   426 O  OG1 . THR A 1 91  ? 6.996   -0.712  -12.589 1.00 62.35  ? 91   THR A OG1 1 
ATOM   427 C  CG2 . THR A 1 91  ? 8.967   0.635   -12.944 1.00 62.48  ? 91   THR A CG2 1 
ATOM   428 N  N   . VAL A 1 92  ? 9.987   0.046   -9.441  1.00 64.90  ? 92   VAL A N   1 
ATOM   429 C  CA  . VAL A 1 92  ? 11.075  0.664   -8.673  1.00 64.66  ? 92   VAL A CA  1 
ATOM   430 C  C   . VAL A 1 92  ? 12.063  -0.380  -8.174  1.00 66.63  ? 92   VAL A C   1 
ATOM   431 O  O   . VAL A 1 92  ? 13.246  -0.091  -7.978  1.00 67.74  ? 92   VAL A O   1 
ATOM   432 C  CB  . VAL A 1 92  ? 10.540  1.444   -7.446  1.00 63.11  ? 92   VAL A CB  1 
ATOM   433 C  CG1 . VAL A 1 92  ? 11.692  1.867   -6.540  1.00 61.46  ? 92   VAL A CG1 1 
ATOM   434 C  CG2 . VAL A 1 92  ? 9.781   2.663   -7.908  1.00 61.83  ? 92   VAL A CG2 1 
ATOM   435 N  N   . ILE A 1 93  ? 11.572  -1.594  -7.966  1.00 67.88  ? 93   ILE A N   1 
ATOM   436 C  CA  . ILE A 1 93  ? 12.421  -2.673  -7.502  1.00 70.29  ? 93   ILE A CA  1 
ATOM   437 C  C   . ILE A 1 93  ? 13.311  -3.210  -8.631  1.00 71.97  ? 93   ILE A C   1 
ATOM   438 O  O   . ILE A 1 93  ? 14.506  -3.404  -8.436  1.00 72.05  ? 93   ILE A O   1 
ATOM   439 C  CB  . ILE A 1 93  ? 11.560  -3.806  -6.880  1.00 69.75  ? 93   ILE A CB  1 
ATOM   440 C  CG1 . ILE A 1 93  ? 11.171  -3.407  -5.455  1.00 68.61  ? 93   ILE A CG1 1 
ATOM   441 C  CG2 . ILE A 1 93  ? 12.304  -5.131  -6.902  1.00 69.10  ? 93   ILE A CG2 1 
ATOM   442 C  CD1 . ILE A 1 93  ? 10.428  -4.474  -4.687  1.00 67.52  ? 93   ILE A CD1 1 
ATOM   443 N  N   . SER A 1 94  ? 12.740  -3.425  -9.810  1.00 74.03  ? 94   SER A N   1 
ATOM   444 C  CA  . SER A 1 94  ? 13.517  -3.946  -10.924 1.00 76.64  ? 94   SER A CA  1 
ATOM   445 C  C   . SER A 1 94  ? 14.708  -3.066  -11.280 1.00 78.68  ? 94   SER A C   1 
ATOM   446 O  O   . SER A 1 94  ? 15.775  -3.570  -11.644 1.00 79.71  ? 94   SER A O   1 
ATOM   447 C  CB  . SER A 1 94  ? 12.624  -4.126  -12.141 1.00 75.97  ? 94   SER A CB  1 
ATOM   448 O  OG  . SER A 1 94  ? 11.722  -5.195  -11.925 1.00 76.98  ? 94   SER A OG  1 
ATOM   449 N  N   . ALA A 1 95  ? 14.530  -1.754  -11.181 1.00 80.86  ? 95   ALA A N   1 
ATOM   450 C  CA  . ALA A 1 95  ? 15.607  -0.821  -11.490 1.00 83.71  ? 95   ALA A CA  1 
ATOM   451 C  C   . ALA A 1 95  ? 16.344  -0.412  -10.216 1.00 85.68  ? 95   ALA A C   1 
ATOM   452 O  O   . ALA A 1 95  ? 16.697  0.757   -10.032 1.00 85.67  ? 95   ALA A O   1 
ATOM   453 C  CB  . ALA A 1 95  ? 15.044  0.417   -12.191 1.00 85.09  ? 95   ALA A CB  1 
ATOM   454 N  N   . LYS A 1 96  ? 16.552  -1.381  -9.329  1.00 87.65  ? 96   LYS A N   1 
ATOM   455 C  CA  . LYS A 1 96  ? 17.258  -1.149  -8.067  1.00 88.91  ? 96   LYS A CA  1 
ATOM   456 C  C   . LYS A 1 96  ? 18.524  -2.000  -8.002  1.00 90.89  ? 96   LYS A C   1 
ATOM   457 O  O   . LYS A 1 96  ? 18.521  -3.165  -8.416  1.00 91.30  ? 96   LYS A O   1 
ATOM   458 C  CB  . LYS A 1 96  ? 16.366  -1.481  -6.856  1.00 86.24  ? 96   LYS A CB  1 
ATOM   459 C  CG  . LYS A 1 96  ? 15.633  -0.289  -6.246  1.00 83.19  ? 96   LYS A CG  1 
ATOM   460 C  CD  . LYS A 1 96  ? 16.599  0.846   -5.963  1.00 82.02  ? 96   LYS A CD  1 
ATOM   461 C  CE  . LYS A 1 96  ? 15.949  1.972   -5.186  1.00 81.34  ? 96   LYS A CE  1 
ATOM   462 N  NZ  . LYS A 1 96  ? 15.733  1.592   -3.764  1.00 82.39  ? 96   LYS A NZ  1 
ATOM   463 N  N   . PRO A 1 97  ? 19.631  -1.422  -7.499  1.00 92.80  ? 97   PRO A N   1 
ATOM   464 C  CA  . PRO A 1 97  ? 20.863  -2.212  -7.415  1.00 93.91  ? 97   PRO A CA  1 
ATOM   465 C  C   . PRO A 1 97  ? 20.573  -3.506  -6.649  1.00 95.41  ? 97   PRO A C   1 
ATOM   466 O  O   . PRO A 1 97  ? 20.112  -3.465  -5.510  1.00 96.95  ? 97   PRO A O   1 
ATOM   467 C  CB  . PRO A 1 97  ? 21.816  -1.277  -6.674  1.00 93.54  ? 97   PRO A CB  1 
ATOM   468 C  CG  . PRO A 1 97  ? 21.366  0.087   -7.144  1.00 92.54  ? 97   PRO A CG  1 
ATOM   469 C  CD  . PRO A 1 97  ? 19.862  -0.031  -7.060  1.00 92.60  ? 97   PRO A CD  1 
ATOM   470 N  N   . LYS A 1 98  ? 20.827  -4.645  -7.290  1.00 96.29  ? 98   LYS A N   1 
ATOM   471 C  CA  . LYS A 1 98  ? 20.585  -5.966  -6.706  1.00 96.79  ? 98   LYS A CA  1 
ATOM   472 C  C   . LYS A 1 98  ? 20.854  -6.104  -5.205  1.00 97.07  ? 98   LYS A C   1 
ATOM   473 O  O   . LYS A 1 98  ? 20.224  -6.920  -4.524  1.00 96.33  ? 98   LYS A O   1 
ATOM   474 C  CB  . LYS A 1 98  ? 21.403  -7.014  -7.461  1.00 97.40  ? 98   LYS A CB  1 
ATOM   475 C  CG  . LYS A 1 98  ? 21.383  -8.386  -6.820  1.00 98.72  ? 98   LYS A CG  1 
ATOM   476 C  CD  . LYS A 1 98  ? 19.965  -8.896  -6.631  1.00 98.42  ? 98   LYS A CD  1 
ATOM   477 C  CE  . LYS A 1 98  ? 19.826  -10.300 -7.182  1.00 99.07  ? 98   LYS A CE  1 
ATOM   478 N  NZ  . LYS A 1 98  ? 20.815  -11.225 -6.561  1.00 99.35  ? 98   LYS A NZ  1 
ATOM   479 N  N   . ASP A 1 99  ? 21.791  -5.307  -4.700  1.00 97.55  ? 99   ASP A N   1 
ATOM   480 C  CA  . ASP A 1 99  ? 22.147  -5.342  -3.287  1.00 97.54  ? 99   ASP A CA  1 
ATOM   481 C  C   . ASP A 1 99  ? 20.999  -4.832  -2.397  1.00 96.13  ? 99   ASP A C   1 
ATOM   482 O  O   . ASP A 1 99  ? 20.967  -5.111  -1.198  1.00 97.83  ? 99   ASP A O   1 
ATOM   483 C  CB  . ASP A 1 99  ? 23.454  -4.540  -3.050  1.00 99.32  ? 99   ASP A CB  1 
ATOM   484 C  CG  . ASP A 1 99  ? 23.259  -3.020  -3.118  1.00 101.14 ? 99   ASP A CG  1 
ATOM   485 O  OD1 . ASP A 1 99  ? 22.705  -2.438  -2.158  1.00 102.83 ? 99   ASP A OD1 1 
ATOM   486 O  OD2 . ASP A 1 99  ? 23.671  -2.404  -4.128  1.00 101.31 ? 99   ASP A OD2 1 
ATOM   487 N  N   . GLU A 1 100 ? 20.045  -4.117  -2.995  1.00 92.55  ? 100  GLU A N   1 
ATOM   488 C  CA  . GLU A 1 100 ? 18.902  -3.567  -2.262  1.00 87.41  ? 100  GLU A CA  1 
ATOM   489 C  C   . GLU A 1 100 ? 17.538  -3.991  -2.801  1.00 82.64  ? 100  GLU A C   1 
ATOM   490 O  O   . GLU A 1 100 ? 16.521  -3.531  -2.293  1.00 81.16  ? 100  GLU A O   1 
ATOM   491 C  CB  . GLU A 1 100 ? 18.962  -2.032  -2.247  1.00 90.82  ? 100  GLU A CB  1 
ATOM   492 C  CG  . GLU A 1 100 ? 20.052  -1.426  -1.366  1.00 95.36  ? 100  GLU A CG  1 
ATOM   493 C  CD  . GLU A 1 100 ? 19.625  -1.277  0.085   1.00 98.42  ? 100  GLU A CD  1 
ATOM   494 O  OE1 . GLU A 1 100 ? 19.456  -2.309  0.771   1.00 98.80  ? 100  GLU A OE1 1 
ATOM   495 O  OE2 . GLU A 1 100 ? 19.452  -0.122  0.535   1.00 100.28 ? 100  GLU A OE2 1 
ATOM   496 N  N   . LYS A 1 101 ? 17.513  -4.848  -3.823  1.00 77.53  ? 101  LYS A N   1 
ATOM   497 C  CA  . LYS A 1 101 ? 16.251  -5.320  -4.392  1.00 72.78  ? 101  LYS A CA  1 
ATOM   498 C  C   . LYS A 1 101 ? 15.556  -6.183  -3.370  1.00 69.78  ? 101  LYS A C   1 
ATOM   499 O  O   . LYS A 1 101 ? 14.379  -5.992  -3.073  1.00 69.47  ? 101  LYS A O   1 
ATOM   500 C  CB  . LYS A 1 101 ? 16.471  -6.179  -5.635  1.00 72.97  ? 101  LYS A CB  1 
ATOM   501 C  CG  . LYS A 1 101 ? 16.906  -5.435  -6.872  1.00 74.38  ? 101  LYS A CG  1 
ATOM   502 C  CD  . LYS A 1 101 ? 16.694  -6.285  -8.133  1.00 74.49  ? 101  LYS A CD  1 
ATOM   503 C  CE  . LYS A 1 101 ? 17.143  -5.521  -9.380  1.00 73.68  ? 101  LYS A CE  1 
ATOM   504 N  NZ  . LYS A 1 101 ? 16.667  -6.110  -10.657 1.00 72.76  ? 101  LYS A NZ  1 
ATOM   505 N  N   . LYS A 1 102 ? 16.297  -7.154  -2.850  1.00 66.19  ? 102  LYS A N   1 
ATOM   506 C  CA  . LYS A 1 102 ? 15.752  -8.060  -1.855  1.00 62.86  ? 102  LYS A CA  1 
ATOM   507 C  C   . LYS A 1 102 ? 15.130  -7.300  -0.685  1.00 60.42  ? 102  LYS A C   1 
ATOM   508 O  O   . LYS A 1 102 ? 13.986  -7.562  -0.313  1.00 59.91  ? 102  LYS A O   1 
ATOM   509 C  CB  . LYS A 1 102 ? 16.840  -9.028  -1.371  1.00 62.84  ? 102  LYS A CB  1 
ATOM   510 C  CG  . LYS A 1 102 ? 16.947  -10.271 -2.248  1.00 63.52  ? 102  LYS A CG  1 
ATOM   511 C  CD  . LYS A 1 102 ? 18.364  -10.778 -2.376  1.00 64.99  ? 102  LYS A CD  1 
ATOM   512 C  CE  . LYS A 1 102 ? 18.431  -11.954 -3.344  1.00 65.28  ? 102  LYS A CE  1 
ATOM   513 N  NZ  . LYS A 1 102 ? 19.835  -12.234 -3.777  1.00 66.96  ? 102  LYS A NZ  1 
ATOM   514 N  N   . SER A 1 103 ? 15.855  -6.334  -0.128  1.00 57.87  ? 103  SER A N   1 
ATOM   515 C  CA  . SER A 1 103 ? 15.337  -5.572  1.004   1.00 53.98  ? 103  SER A CA  1 
ATOM   516 C  C   . SER A 1 103 ? 14.012  -4.847  0.738   1.00 51.12  ? 103  SER A C   1 
ATOM   517 O  O   . SER A 1 103 ? 13.117  -4.835  1.582   1.00 49.81  ? 103  SER A O   1 
ATOM   518 C  CB  . SER A 1 103 ? 16.379  -4.562  1.481   1.00 54.15  ? 103  SER A CB  1 
ATOM   519 O  OG  . SER A 1 103 ? 15.864  -3.822  2.579   1.00 57.76  ? 103  SER A OG  1 
ATOM   520 N  N   . LEU A 1 104 ? 13.887  -4.239  -0.435  1.00 49.48  ? 104  LEU A N   1 
ATOM   521 C  CA  . LEU A 1 104 ? 12.673  -3.511  -0.769  1.00 48.25  ? 104  LEU A CA  1 
ATOM   522 C  C   . LEU A 1 104 ? 11.538  -4.483  -1.032  1.00 46.10  ? 104  LEU A C   1 
ATOM   523 O  O   . LEU A 1 104 ? 10.386  -4.261  -0.651  1.00 44.61  ? 104  LEU A O   1 
ATOM   524 C  CB  . LEU A 1 104 ? 12.916  -2.646  -2.001  1.00 49.06  ? 104  LEU A CB  1 
ATOM   525 C  CG  . LEU A 1 104 ? 11.792  -1.679  -2.363  1.00 50.07  ? 104  LEU A CG  1 
ATOM   526 C  CD1 . LEU A 1 104 ? 11.503  -0.738  -1.200  1.00 47.77  ? 104  LEU A CD1 1 
ATOM   527 C  CD2 . LEU A 1 104 ? 12.196  -0.918  -3.605  1.00 50.35  ? 104  LEU A CD2 1 
ATOM   528 N  N   . GLN A 1 105 ? 11.888  -5.567  -1.699  1.00 45.51  ? 105  GLN A N   1 
ATOM   529 C  CA  . GLN A 1 105 ? 10.933  -6.606  -2.031  1.00 46.11  ? 105  GLN A CA  1 
ATOM   530 C  C   . GLN A 1 105 ? 10.303  -7.187  -0.756  1.00 46.10  ? 105  GLN A C   1 
ATOM   531 O  O   . GLN A 1 105 ? 9.111   -7.497  -0.729  1.00 47.25  ? 105  GLN A O   1 
ATOM   532 C  CB  . GLN A 1 105 ? 11.643  -7.691  -2.823  1.00 45.19  ? 105  GLN A CB  1 
ATOM   533 C  CG  . GLN A 1 105 ? 10.734  -8.629  -3.526  1.00 48.29  ? 105  GLN A CG  1 
ATOM   534 C  CD  . GLN A 1 105 ? 11.519  -9.607  -4.329  1.00 52.43  ? 105  GLN A CD  1 
ATOM   535 O  OE1 . GLN A 1 105 ? 12.502  -10.142 -3.842  1.00 57.15  ? 105  GLN A OE1 1 
ATOM   536 N  NE2 . GLN A 1 105 ? 11.100  -9.854  -5.565  1.00 53.77  ? 105  GLN A NE2 1 
ATOM   537 N  N   . GLU A 1 106 ? 11.105  -7.323  0.297   1.00 45.42  ? 106  GLU A N   1 
ATOM   538 C  CA  . GLU A 1 106 ? 10.614  -7.836  1.566   1.00 44.68  ? 106  GLU A CA  1 
ATOM   539 C  C   . GLU A 1 106 ? 9.714   -6.829  2.283   1.00 44.86  ? 106  GLU A C   1 
ATOM   540 O  O   . GLU A 1 106 ? 8.731   -7.226  2.903   1.00 45.47  ? 106  GLU A O   1 
ATOM   541 C  CB  . GLU A 1 106 ? 11.778  -8.205  2.468   1.00 44.17  ? 106  GLU A CB  1 
ATOM   542 C  CG  . GLU A 1 106 ? 12.276  -9.618  2.249   1.00 47.80  ? 106  GLU A CG  1 
ATOM   543 C  CD  . GLU A 1 106 ? 13.553  -9.912  3.024   1.00 49.31  ? 106  GLU A CD  1 
ATOM   544 O  OE1 . GLU A 1 106 ? 13.695  -9.380  4.146   1.00 51.28  ? 106  GLU A OE1 1 
ATOM   545 O  OE2 . GLU A 1 106 ? 14.405  -10.680 2.521   1.00 48.55  ? 106  GLU A OE2 1 
ATOM   546 N  N   . LEU A 1 107 ? 10.051  -5.539  2.221   1.00 43.48  ? 107  LEU A N   1 
ATOM   547 C  CA  . LEU A 1 107 ? 9.227   -4.510  2.862   1.00 41.43  ? 107  LEU A CA  1 
ATOM   548 C  C   . LEU A 1 107 ? 7.942   -4.378  2.057   1.00 40.10  ? 107  LEU A C   1 
ATOM   549 O  O   . LEU A 1 107 ? 6.878   -4.114  2.602   1.00 38.41  ? 107  LEU A O   1 
ATOM   550 C  CB  . LEU A 1 107 ? 9.932   -3.153  2.883   1.00 41.34  ? 107  LEU A CB  1 
ATOM   551 C  CG  . LEU A 1 107 ? 11.179  -3.020  3.741   1.00 42.47  ? 107  LEU A CG  1 
ATOM   552 C  CD1 . LEU A 1 107 ? 11.740  -1.618  3.598   1.00 42.11  ? 107  LEU A CD1 1 
ATOM   553 C  CD2 . LEU A 1 107 ? 10.828  -3.338  5.180   1.00 40.38  ? 107  LEU A CD2 1 
ATOM   554 N  N   . THR A 1 108 ? 8.059   -4.578  0.749   1.00 39.69  ? 108  THR A N   1 
ATOM   555 C  CA  . THR A 1 108 ? 6.925   -4.495  -0.168  1.00 38.17  ? 108  THR A CA  1 
ATOM   556 C  C   . THR A 1 108 ? 5.965   -5.627  0.129   1.00 37.78  ? 108  THR A C   1 
ATOM   557 O  O   . THR A 1 108 ? 4.753   -5.443  0.116   1.00 37.76  ? 108  THR A O   1 
ATOM   558 C  CB  . THR A 1 108 ? 7.389   -4.656  -1.612  1.00 38.56  ? 108  THR A CB  1 
ATOM   559 O  OG1 . THR A 1 108 ? 8.161   -3.513  -2.006  1.00 40.49  ? 108  THR A OG1 1 
ATOM   560 C  CG2 . THR A 1 108 ? 6.196   -4.820  -2.525  1.00 37.15  ? 108  THR A CG2 1 
ATOM   561 N  N   . SER A 1 109 ? 6.533   -6.799  0.397   1.00 36.81  ? 109  SER A N   1 
ATOM   562 C  CA  . SER A 1 109 ? 5.750   -7.988  0.692   1.00 36.35  ? 109  SER A CA  1 
ATOM   563 C  C   . SER A 1 109 ? 4.988   -7.876  2.006   1.00 36.65  ? 109  SER A C   1 
ATOM   564 O  O   . SER A 1 109 ? 3.852   -8.342  2.113   1.00 37.90  ? 109  SER A O   1 
ATOM   565 C  CB  . SER A 1 109 ? 6.658   -9.222  0.726   1.00 36.65  ? 109  SER A CB  1 
ATOM   566 O  OG  . SER A 1 109 ? 5.936   -10.364 1.139   1.00 38.90  ? 109  SER A OG  1 
ATOM   567 N  N   . LYS A 1 110 ? 5.622   -7.285  3.012   1.00 37.39  ? 110  LYS A N   1 
ATOM   568 C  CA  . LYS A 1 110 ? 4.969   -7.108  4.297   1.00 38.30  ? 110  LYS A CA  1 
ATOM   569 C  C   . LYS A 1 110 ? 3.827   -6.107  4.126   1.00 38.89  ? 110  LYS A C   1 
ATOM   570 O  O   . LYS A 1 110 ? 2.734   -6.294  4.668   1.00 39.16  ? 110  LYS A O   1 
ATOM   571 C  CB  . LYS A 1 110 ? 5.954   -6.579  5.350   1.00 41.84  ? 110  LYS A CB  1 
ATOM   572 C  CG  . LYS A 1 110 ? 6.996   -7.578  5.843   1.00 47.89  ? 110  LYS A CG  1 
ATOM   573 C  CD  . LYS A 1 110 ? 7.858   -6.998  6.992   1.00 52.47  ? 110  LYS A CD  1 
ATOM   574 C  CE  . LYS A 1 110 ? 7.145   -6.997  8.368   1.00 55.12  ? 110  LYS A CE  1 
ATOM   575 N  NZ  . LYS A 1 110 ? 5.871   -6.204  8.422   1.00 56.19  ? 110  LYS A NZ  1 
ATOM   576 N  N   . LEU A 1 111 ? 4.084   -5.046  3.363   1.00 36.76  ? 111  LEU A N   1 
ATOM   577 C  CA  . LEU A 1 111 ? 3.094   -4.009  3.136   1.00 33.38  ? 111  LEU A CA  1 
ATOM   578 C  C   . LEU A 1 111 ? 1.821   -4.578  2.558   1.00 34.53  ? 111  LEU A C   1 
ATOM   579 O  O   . LEU A 1 111 ? 0.730   -4.296  3.043   1.00 35.78  ? 111  LEU A O   1 
ATOM   580 C  CB  . LEU A 1 111 ? 3.648   -2.947  2.193   1.00 31.54  ? 111  LEU A CB  1 
ATOM   581 C  CG  . LEU A 1 111 ? 2.694   -1.851  1.742   1.00 30.45  ? 111  LEU A CG  1 
ATOM   582 C  CD1 . LEU A 1 111 ? 1.913   -1.306  2.927   1.00 28.52  ? 111  LEU A CD1 1 
ATOM   583 C  CD2 . LEU A 1 111 ? 3.501   -0.765  1.061   1.00 30.64  ? 111  LEU A CD2 1 
ATOM   584 N  N   . PHE A 1 112 ? 1.955   -5.384  1.518   1.00 34.21  ? 112  PHE A N   1 
ATOM   585 C  CA  . PHE A 1 112 ? 0.783   -5.962  0.894   1.00 34.70  ? 112  PHE A CA  1 
ATOM   586 C  C   . PHE A 1 112 ? 0.102   -7.032  1.729   1.00 34.25  ? 112  PHE A C   1 
ATOM   587 O  O   . PHE A 1 112 ? -1.040  -7.373  1.482   1.00 36.05  ? 112  PHE A O   1 
ATOM   588 C  CB  . PHE A 1 112 ? 1.150   -6.465  -0.496  1.00 38.16  ? 112  PHE A CB  1 
ATOM   589 C  CG  . PHE A 1 112 ? 1.309   -5.365  -1.488  1.00 42.90  ? 112  PHE A CG  1 
ATOM   590 C  CD1 . PHE A 1 112 ? 0.188   -4.733  -2.021  1.00 44.96  ? 112  PHE A CD1 1 
ATOM   591 C  CD2 . PHE A 1 112 ? 2.563   -4.835  -1.757  1.00 46.49  ? 112  PHE A CD2 1 
ATOM   592 C  CE1 . PHE A 1 112 ? 0.320   -3.608  -2.832  1.00 45.86  ? 112  PHE A CE1 1 
ATOM   593 C  CE2 . PHE A 1 112 ? 2.700   -3.710  -2.567  1.00 46.56  ? 112  PHE A CE2 1 
ATOM   594 C  CZ  . PHE A 1 112 ? 1.575   -3.085  -3.086  1.00 45.21  ? 112  PHE A CZ  1 
ATOM   595 N  N   . SER A 1 113 ? 0.796   -7.535  2.736   1.00 34.93  ? 113  SER A N   1 
ATOM   596 C  CA  . SER A 1 113 ? 0.197   -8.528  3.590   1.00 36.75  ? 113  SER A CA  1 
ATOM   597 C  C   . SER A 1 113 ? -0.738  -7.783  4.536   1.00 37.17  ? 113  SER A C   1 
ATOM   598 O  O   . SER A 1 113 ? -1.884  -8.182  4.736   1.00 38.16  ? 113  SER A O   1 
ATOM   599 C  CB  . SER A 1 113 ? 1.266   -9.291  4.372   1.00 36.92  ? 113  SER A CB  1 
ATOM   600 O  OG  . SER A 1 113 ? 1.917   -10.225 3.538   1.00 41.53  ? 113  SER A OG  1 
ATOM   601 N  N   . SER A 1 114 ? -0.259  -6.677  5.095   1.00 36.88  ? 114  SER A N   1 
ATOM   602 C  CA  . SER A 1 114 ? -1.063  -5.886  6.016   1.00 36.24  ? 114  SER A CA  1 
ATOM   603 C  C   . SER A 1 114 ? -2.214  -5.183  5.283   1.00 37.16  ? 114  SER A C   1 
ATOM   604 O  O   . SER A 1 114 ? -3.270  -4.954  5.873   1.00 39.47  ? 114  SER A O   1 
ATOM   605 C  CB  . SER A 1 114 ? -0.182  -4.870  6.756   1.00 34.40  ? 114  SER A CB  1 
ATOM   606 O  OG  . SER A 1 114 ? 0.310   -3.861  5.907   1.00 34.60  ? 114  SER A OG  1 
ATOM   607 N  N   . ILE A 1 115 ? -2.010  -4.844  4.005   1.00 36.59  ? 115  ILE A N   1 
ATOM   608 C  CA  . ILE A 1 115 ? -3.042  -4.196  3.186   1.00 34.71  ? 115  ILE A CA  1 
ATOM   609 C  C   . ILE A 1 115 ? -4.157  -5.206  2.932   1.00 37.08  ? 115  ILE A C   1 
ATOM   610 O  O   . ILE A 1 115 ? -5.347  -4.888  2.972   1.00 34.43  ? 115  ILE A O   1 
ATOM   611 C  CB  . ILE A 1 115 ? -2.472  -3.705  1.828   1.00 32.60  ? 115  ILE A CB  1 
ATOM   612 C  CG1 . ILE A 1 115 ? -1.745  -2.376  2.032   1.00 30.12  ? 115  ILE A CG1 1 
ATOM   613 C  CG2 . ILE A 1 115 ? -3.601  -3.582  0.793   1.00 32.55  ? 115  ILE A CG2 1 
ATOM   614 C  CD1 . ILE A 1 115 ? -1.122  -1.841  0.784   1.00 27.86  ? 115  ILE A CD1 1 
ATOM   615 N  N   . ASP A 1 116 ? -3.746  -6.438  2.687   1.00 39.26  ? 116  ASP A N   1 
ATOM   616 C  CA  . ASP A 1 116 ? -4.694  -7.491  2.456   1.00 41.85  ? 116  ASP A CA  1 
ATOM   617 C  C   . ASP A 1 116 ? -5.487  -7.711  3.718   1.00 40.73  ? 116  ASP A C   1 
ATOM   618 O  O   . ASP A 1 116 ? -6.714  -7.825  3.676   1.00 40.79  ? 116  ASP A O   1 
ATOM   619 C  CB  . ASP A 1 116 ? -3.985  -8.776  2.082   1.00 46.00  ? 116  ASP A CB  1 
ATOM   620 C  CG  . ASP A 1 116 ? -3.913  -8.966  0.593   1.00 54.36  ? 116  ASP A CG  1 
ATOM   621 O  OD1 . ASP A 1 116 ? -4.016  -10.139 0.171   1.00 59.34  ? 116  ASP A OD1 1 
ATOM   622 O  OD2 . ASP A 1 116 ? -3.758  -7.954  -0.150  1.00 57.42  ? 116  ASP A OD2 1 
ATOM   623 N  N   . ASN A 1 117 ? -4.768  -7.781  4.834   1.00 38.64  ? 117  ASN A N   1 
ATOM   624 C  CA  . ASN A 1 117 ? -5.379  -7.984  6.138   1.00 36.75  ? 117  ASN A CA  1 
ATOM   625 C  C   . ASN A 1 117 ? -6.370  -6.867  6.476   1.00 35.92  ? 117  ASN A C   1 
ATOM   626 O  O   . ASN A 1 117 ? -7.361  -7.117  7.156   1.00 35.69  ? 117  ASN A O   1 
ATOM   627 C  CB  . ASN A 1 117 ? -4.305  -8.074  7.222   1.00 36.59  ? 117  ASN A CB  1 
ATOM   628 C  CG  . ASN A 1 117 ? -3.583  -9.407  7.227   1.00 38.46  ? 117  ASN A CG  1 
ATOM   629 O  OD1 . ASN A 1 117 ? -4.109  -10.413 6.769   1.00 38.56  ? 117  ASN A OD1 1 
ATOM   630 N  ND2 . ASN A 1 117 ? -2.374  -9.419  7.771   1.00 40.12  ? 117  ASN A ND2 1 
ATOM   631 N  N   . LEU A 1 118 ? -6.108  -5.644  6.013   1.00 34.49  ? 118  LEU A N   1 
ATOM   632 C  CA  . LEU A 1 118 ? -7.029  -4.547  6.279   1.00 32.43  ? 118  LEU A CA  1 
ATOM   633 C  C   . LEU A 1 118 ? -8.259  -4.723  5.382   1.00 32.87  ? 118  LEU A C   1 
ATOM   634 O  O   . LEU A 1 118 ? -9.362  -4.369  5.774   1.00 34.07  ? 118  LEU A O   1 
ATOM   635 C  CB  . LEU A 1 118 ? -6.366  -3.189  6.013   1.00 29.59  ? 118  LEU A CB  1 
ATOM   636 C  CG  . LEU A 1 118 ? -7.250  -1.938  6.145   1.00 28.20  ? 118  LEU A CG  1 
ATOM   637 C  CD1 . LEU A 1 118 ? -7.775  -1.787  7.561   1.00 27.78  ? 118  LEU A CD1 1 
ATOM   638 C  CD2 . LEU A 1 118 ? -6.460  -0.721  5.714   1.00 27.15  ? 118  LEU A CD2 1 
ATOM   639 N  N   . ASP A 1 119 ? -8.072  -5.275  4.183   1.00 34.83  ? 119  ASP A N   1 
ATOM   640 C  CA  . ASP A 1 119 ? -9.188  -5.511  3.263   1.00 35.24  ? 119  ASP A CA  1 
ATOM   641 C  C   . ASP A 1 119 ? -10.095 -6.601  3.836   1.00 34.61  ? 119  ASP A C   1 
ATOM   642 O  O   . ASP A 1 119 ? -11.309 -6.581  3.638   1.00 35.22  ? 119  ASP A O   1 
ATOM   643 C  CB  . ASP A 1 119 ? -8.666  -5.947  1.891   1.00 39.49  ? 119  ASP A CB  1 
ATOM   644 C  CG  . ASP A 1 119 ? -9.788  -6.307  0.932   1.00 44.61  ? 119  ASP A CG  1 
ATOM   645 O  OD1 . ASP A 1 119 ? -10.448 -5.380  0.423   1.00 47.29  ? 119  ASP A OD1 1 
ATOM   646 O  OD2 . ASP A 1 119 ? -10.020 -7.513  0.697   1.00 45.82  ? 119  ASP A OD2 1 
ATOM   647 N  N   . HIS A 1 120 ? -9.465  -7.556  4.517   1.00 35.15  ? 120  HIS A N   1 
ATOM   648 C  CA  . HIS A 1 120 ? -10.123 -8.676  5.178   1.00 35.19  ? 120  HIS A CA  1 
ATOM   649 C  C   . HIS A 1 120 ? -10.924 -8.199  6.367   1.00 36.04  ? 120  HIS A C   1 
ATOM   650 O  O   . HIS A 1 120 ? -11.969 -8.756  6.675   1.00 37.61  ? 120  HIS A O   1 
ATOM   651 C  CB  . HIS A 1 120 ? -9.080  -9.653  5.699   1.00 35.15  ? 120  HIS A CB  1 
ATOM   652 C  CG  . HIS A 1 120 ? -9.503  -10.399 6.926   1.00 37.68  ? 120  HIS A CG  1 
ATOM   653 N  ND1 . HIS A 1 120 ? -10.428 -11.432 6.893   1.00 38.28  ? 120  HIS A ND1 1 
ATOM   654 C  CD2 . HIS A 1 120 ? -9.142  -10.276 8.226   1.00 35.85  ? 120  HIS A CD2 1 
ATOM   655 C  CE1 . HIS A 1 120 ? -10.607 -11.903 8.106   1.00 36.18  ? 120  HIS A CE1 1 
ATOM   656 N  NE2 . HIS A 1 120 ? -9.838  -11.218 8.940   1.00 36.04  ? 120  HIS A NE2 1 
ATOM   657 N  N   . ALA A 1 121 ? -10.389 -7.206  7.065   1.00 36.13  ? 121  ALA A N   1 
ATOM   658 C  CA  . ALA A 1 121 ? -11.035 -6.646  8.235   1.00 36.33  ? 121  ALA A CA  1 
ATOM   659 C  C   . ALA A 1 121 ? -12.255 -5.860  7.802   1.00 37.30  ? 121  ALA A C   1 
ATOM   660 O  O   . ALA A 1 121 ? -13.240 -5.808  8.518   1.00 38.49  ? 121  ALA A O   1 
ATOM   661 C  CB  . ALA A 1 121 ? -10.066 -5.755  8.964   1.00 37.15  ? 121  ALA A CB  1 
ATOM   662 N  N   . ALA A 1 122 ? -12.183 -5.253  6.623   1.00 39.09  ? 122  ALA A N   1 
ATOM   663 C  CA  . ALA A 1 122 ? -13.295 -4.484  6.084   1.00 41.19  ? 122  ALA A CA  1 
ATOM   664 C  C   . ALA A 1 122 ? -14.359 -5.476  5.630   1.00 43.90  ? 122  ALA A C   1 
ATOM   665 O  O   . ALA A 1 122 ? -15.552 -5.249  5.779   1.00 45.31  ? 122  ALA A O   1 
ATOM   666 C  CB  . ALA A 1 122 ? -12.826 -3.657  4.906   1.00 39.08  ? 122  ALA A CB  1 
ATOM   667 N  N   . LYS A 1 123 ? -13.898 -6.588  5.077   1.00 47.88  ? 123  LYS A N   1 
ATOM   668 C  CA  . LYS A 1 123 ? -14.772 -7.636  4.573   1.00 49.67  ? 123  LYS A CA  1 
ATOM   669 C  C   . LYS A 1 123 ? -15.605 -8.275  5.685   1.00 50.39  ? 123  LYS A C   1 
ATOM   670 O  O   . LYS A 1 123 ? -16.747 -8.675  5.472   1.00 51.63  ? 123  LYS A O   1 
ATOM   671 C  CB  . LYS A 1 123 ? -13.929 -8.704  3.888   1.00 50.62  ? 123  LYS A CB  1 
ATOM   672 C  CG  . LYS A 1 123 ? -14.676 -9.543  2.895   1.00 54.65  ? 123  LYS A CG  1 
ATOM   673 C  CD  . LYS A 1 123 ? -13.688 -10.299 2.026   1.00 62.41  ? 123  LYS A CD  1 
ATOM   674 C  CE  . LYS A 1 123 ? -12.696 -9.345  1.357   1.00 65.86  ? 123  LYS A CE  1 
ATOM   675 N  NZ  . LYS A 1 123 ? -11.686 -10.049 0.509   1.00 68.72  ? 123  LYS A NZ  1 
ATOM   676 N  N   . ILE A 1 124 ? -15.035 -8.367  6.879   1.00 49.95  ? 124  ILE A N   1 
ATOM   677 C  CA  . ILE A 1 124 ? -15.754 -8.969  7.985   1.00 48.11  ? 124  ILE A CA  1 
ATOM   678 C  C   . ILE A 1 124 ? -16.350 -7.894  8.907   1.00 49.83  ? 124  ILE A C   1 
ATOM   679 O  O   . ILE A 1 124 ? -16.883 -8.198  9.979   1.00 51.26  ? 124  ILE A O   1 
ATOM   680 C  CB  . ILE A 1 124 ? -14.845 -9.948  8.786   1.00 44.41  ? 124  ILE A CB  1 
ATOM   681 C  CG1 . ILE A 1 124 ? -13.747 -9.188  9.528   1.00 43.02  ? 124  ILE A CG1 1 
ATOM   682 C  CG2 . ILE A 1 124 ? -14.245 -10.960 7.841   1.00 40.18  ? 124  ILE A CG2 1 
ATOM   683 C  CD1 . ILE A 1 124 ? -13.028 -10.017 10.552  1.00 41.13  ? 124  ILE A CD1 1 
ATOM   684 N  N   . LYS A 1 125 ? -16.249 -6.635  8.483   1.00 51.34  ? 125  LYS A N   1 
ATOM   685 C  CA  . LYS A 1 125 ? -16.796 -5.491  9.222   1.00 52.66  ? 125  LYS A CA  1 
ATOM   686 C  C   . LYS A 1 125 ? -16.395 -5.402  10.691  1.00 53.73  ? 125  LYS A C   1 
ATOM   687 O  O   . LYS A 1 125 ? -17.254 -5.250  11.554  1.00 55.19  ? 125  LYS A O   1 
ATOM   688 C  CB  . LYS A 1 125 ? -18.324 -5.499  9.107   1.00 51.91  ? 125  LYS A CB  1 
ATOM   689 C  CG  . LYS A 1 125 ? -18.798 -5.418  7.665   1.00 54.53  ? 125  LYS A CG  1 
ATOM   690 C  CD  . LYS A 1 125 ? -20.302 -5.560  7.550   1.00 58.31  ? 125  LYS A CD  1 
ATOM   691 C  CE  . LYS A 1 125 ? -20.639 -6.741  6.671   1.00 62.32  ? 125  LYS A CE  1 
ATOM   692 N  NZ  . LYS A 1 125 ? -19.947 -7.968  7.165   1.00 63.98  ? 125  LYS A NZ  1 
ATOM   693 N  N   . SER A 1 126 ? -15.096 -5.482  10.967  1.00 54.17  ? 126  SER A N   1 
ATOM   694 C  CA  . SER A 1 126 ? -14.575 -5.434  12.334  1.00 54.18  ? 126  SER A CA  1 
ATOM   695 C  C   . SER A 1 126 ? -13.774 -4.170  12.645  1.00 55.13  ? 126  SER A C   1 
ATOM   696 O  O   . SER A 1 126 ? -12.623 -4.040  12.223  1.00 57.00  ? 126  SER A O   1 
ATOM   697 C  CB  . SER A 1 126 ? -13.689 -6.659  12.581  1.00 54.22  ? 126  SER A CB  1 
ATOM   698 O  OG  . SER A 1 126 ? -12.974 -6.546  13.798  1.00 55.62  ? 126  SER A OG  1 
ATOM   699 N  N   . PRO A 1 127 ? -14.366 -3.218  13.393  1.00 55.67  ? 127  PRO A N   1 
ATOM   700 C  CA  . PRO A 1 127 ? -13.634 -1.985  13.728  1.00 54.83  ? 127  PRO A CA  1 
ATOM   701 C  C   . PRO A 1 127 ? -12.294 -2.295  14.426  1.00 54.22  ? 127  PRO A C   1 
ATOM   702 O  O   . PRO A 1 127 ? -11.296 -1.604  14.226  1.00 53.89  ? 127  PRO A O   1 
ATOM   703 C  CB  . PRO A 1 127 ? -14.617 -1.244  14.635  1.00 53.89  ? 127  PRO A CB  1 
ATOM   704 C  CG  . PRO A 1 127 ? -15.950 -1.658  14.065  1.00 54.36  ? 127  PRO A CG  1 
ATOM   705 C  CD  . PRO A 1 127 ? -15.769 -3.140  13.847  1.00 54.32  ? 127  PRO A CD  1 
ATOM   706 N  N   . THR A 1 128 ? -12.307 -3.354  15.232  1.00 53.92  ? 128  THR A N   1 
ATOM   707 C  CA  . THR A 1 128 ? -11.151 -3.845  15.986  1.00 54.70  ? 128  THR A CA  1 
ATOM   708 C  C   . THR A 1 128 ? -9.978  -4.150  15.038  1.00 53.82  ? 128  THR A C   1 
ATOM   709 O  O   . THR A 1 128 ? -8.958  -3.451  15.022  1.00 53.21  ? 128  THR A O   1 
ATOM   710 C  CB  . THR A 1 128 ? -11.511 -5.173  16.742  1.00 55.04  ? 128  THR A CB  1 
ATOM   711 O  OG1 . THR A 1 128 ? -12.693 -4.976  17.524  1.00 56.54  ? 128  THR A OG1 1 
ATOM   712 C  CG2 . THR A 1 128 ? -10.377 -5.624  17.657  1.00 54.24  ? 128  THR A CG2 1 
ATOM   713 N  N   . GLU A 1 129 ? -10.149 -5.221  14.262  1.00 51.94  ? 129  GLU A N   1 
ATOM   714 C  CA  . GLU A 1 129 ? -9.155  -5.695  13.310  1.00 49.80  ? 129  GLU A CA  1 
ATOM   715 C  C   . GLU A 1 129 ? -8.752  -4.658  12.271  1.00 49.64  ? 129  GLU A C   1 
ATOM   716 O  O   . GLU A 1 129 ? -7.580  -4.575  11.900  1.00 50.32  ? 129  GLU A O   1 
ATOM   717 C  CB  . GLU A 1 129 ? -9.664  -6.966  12.623  1.00 49.70  ? 129  GLU A CB  1 
ATOM   718 C  CG  . GLU A 1 129 ? -9.645  -8.185  13.547  1.00 51.70  ? 129  GLU A CG  1 
ATOM   719 C  CD  . GLU A 1 129 ? -9.883  -9.512  12.817  1.00 52.97  ? 129  GLU A CD  1 
ATOM   720 O  OE1 . GLU A 1 129 ? -9.659  -9.570  11.593  1.00 53.05  ? 129  GLU A OE1 1 
ATOM   721 O  OE2 . GLU A 1 129 ? -10.278 -10.507 13.464  1.00 53.49  ? 129  GLU A OE2 1 
ATOM   722 N  N   . ALA A 1 130 ? -9.717  -3.866  11.809  1.00 49.23  ? 130  ALA A N   1 
ATOM   723 C  CA  . ALA A 1 130 ? -9.460  -2.823  10.816  1.00 49.57  ? 130  ALA A CA  1 
ATOM   724 C  C   . ALA A 1 130 ? -8.485  -1.822  11.398  1.00 50.30  ? 130  ALA A C   1 
ATOM   725 O  O   . ALA A 1 130 ? -7.562  -1.352  10.729  1.00 50.35  ? 130  ALA A O   1 
ATOM   726 C  CB  . ALA A 1 130 ? -10.754 -2.123  10.454  1.00 48.86  ? 130  ALA A CB  1 
ATOM   727 N  N   . GLU A 1 131 ? -8.709  -1.495  12.660  1.00 52.12  ? 131  GLU A N   1 
ATOM   728 C  CA  . GLU A 1 131 ? -7.857  -0.557  13.375  1.00 54.39  ? 131  GLU A CA  1 
ATOM   729 C  C   . GLU A 1 131 ? -6.441  -1.140  13.539  1.00 52.91  ? 131  GLU A C   1 
ATOM   730 O  O   . GLU A 1 131 ? -5.456  -0.426  13.405  1.00 53.46  ? 131  GLU A O   1 
ATOM   731 C  CB  . GLU A 1 131 ? -8.486  -0.247  14.741  1.00 58.41  ? 131  GLU A CB  1 
ATOM   732 C  CG  . GLU A 1 131 ? -9.065  1.162   14.850  1.00 64.94  ? 131  GLU A CG  1 
ATOM   733 C  CD  . GLU A 1 131 ? -7.984  2.230   14.758  1.00 70.39  ? 131  GLU A CD  1 
ATOM   734 O  OE1 . GLU A 1 131 ? -6.994  2.137   15.525  1.00 73.52  ? 131  GLU A OE1 1 
ATOM   735 O  OE2 . GLU A 1 131 ? -8.125  3.160   13.928  1.00 73.59  ? 131  GLU A OE2 1 
ATOM   736 N  N   . LYS A 1 132 ? -6.358  -2.442  13.805  1.00 51.43  ? 132  LYS A N   1 
ATOM   737 C  CA  . LYS A 1 132 ? -5.088  -3.154  14.002  1.00 50.85  ? 132  LYS A CA  1 
ATOM   738 C  C   . LYS A 1 132 ? -4.227  -3.213  12.752  1.00 50.01  ? 132  LYS A C   1 
ATOM   739 O  O   . LYS A 1 132 ? -3.019  -2.956  12.789  1.00 50.90  ? 132  LYS A O   1 
ATOM   740 C  CB  . LYS A 1 132 ? -5.380  -4.579  14.470  1.00 53.36  ? 132  LYS A CB  1 
ATOM   741 C  CG  . LYS A 1 132 ? -4.205  -5.550  14.485  1.00 55.89  ? 132  LYS A CG  1 
ATOM   742 C  CD  . LYS A 1 132 ? -4.657  -6.843  15.174  1.00 58.73  ? 132  LYS A CD  1 
ATOM   743 C  CE  . LYS A 1 132 ? -4.408  -8.099  14.351  1.00 59.88  ? 132  LYS A CE  1 
ATOM   744 N  NZ  . LYS A 1 132 ? -3.143  -8.768  14.736  1.00 59.84  ? 132  LYS A NZ  1 
ATOM   745 N  N   . TYR A 1 133 ? -4.866  -3.578  11.649  1.00 47.00  ? 133  TYR A N   1 
ATOM   746 C  CA  . TYR A 1 133 ? -4.191  -3.695  10.377  1.00 44.03  ? 133  TYR A CA  1 
ATOM   747 C  C   . TYR A 1 133 ? -3.967  -2.369  9.698   1.00 41.86  ? 133  TYR A C   1 
ATOM   748 O  O   . TYR A 1 133 ? -3.067  -2.245  8.881   1.00 41.05  ? 133  TYR A O   1 
ATOM   749 C  CB  . TYR A 1 133 ? -4.971  -4.629  9.490   1.00 42.75  ? 133  TYR A CB  1 
ATOM   750 C  CG  . TYR A 1 133 ? -4.940  -6.020  10.028  1.00 43.86  ? 133  TYR A CG  1 
ATOM   751 C  CD1 . TYR A 1 133 ? -3.728  -6.641  10.303  1.00 43.23  ? 133  TYR A CD1 1 
ATOM   752 C  CD2 . TYR A 1 133 ? -6.106  -6.752  10.178  1.00 44.19  ? 133  TYR A CD2 1 
ATOM   753 C  CE1 . TYR A 1 133 ? -3.674  -7.963  10.703  1.00 44.20  ? 133  TYR A CE1 1 
ATOM   754 C  CE2 . TYR A 1 133 ? -6.068  -8.082  10.577  1.00 45.64  ? 133  TYR A CE2 1 
ATOM   755 C  CZ  . TYR A 1 133 ? -4.844  -8.684  10.830  1.00 46.00  ? 133  TYR A CZ  1 
ATOM   756 O  OH  . TYR A 1 133 ? -4.789  -10.018 11.166  1.00 48.04  ? 133  TYR A OH  1 
ATOM   757 N  N   . TYR A 1 134 ? -4.796  -1.379  10.009  1.00 41.18  ? 134  TYR A N   1 
ATOM   758 C  CA  . TYR A 1 134 ? -4.589  -0.062  9.443   1.00 41.33  ? 134  TYR A CA  1 
ATOM   759 C  C   . TYR A 1 134 ? -3.268  0.347   10.079  1.00 42.51  ? 134  TYR A C   1 
ATOM   760 O  O   . TYR A 1 134 ? -2.380  0.851   9.402   1.00 43.16  ? 134  TYR A O   1 
ATOM   761 C  CB  . TYR A 1 134 ? -5.679  0.916   9.877   1.00 40.60  ? 134  TYR A CB  1 
ATOM   762 C  CG  . TYR A 1 134 ? -5.383  2.340   9.449   1.00 40.91  ? 134  TYR A CG  1 
ATOM   763 C  CD1 . TYR A 1 134 ? -5.585  2.763   8.127   1.00 40.83  ? 134  TYR A CD1 1 
ATOM   764 C  CD2 . TYR A 1 134 ? -4.840  3.254   10.351  1.00 42.12  ? 134  TYR A CD2 1 
ATOM   765 C  CE1 . TYR A 1 134 ? -5.244  4.070   7.714   1.00 39.82  ? 134  TYR A CE1 1 
ATOM   766 C  CE2 . TYR A 1 134 ? -4.497  4.555   9.951   1.00 40.71  ? 134  TYR A CE2 1 
ATOM   767 C  CZ  . TYR A 1 134 ? -4.697  4.958   8.638   1.00 40.20  ? 134  TYR A CZ  1 
ATOM   768 O  OH  . TYR A 1 134 ? -4.327  6.232   8.262   1.00 38.14  ? 134  TYR A OH  1 
ATOM   769 N  N   . GLY A 1 135 ? -3.147  0.105   11.387  1.00 44.10  ? 135  GLY A N   1 
ATOM   770 C  CA  . GLY A 1 135 ? -1.934  0.451   12.104  1.00 42.77  ? 135  GLY A CA  1 
ATOM   771 C  C   . GLY A 1 135 ? -0.711  -0.177  11.474  1.00 43.07  ? 135  GLY A C   1 
ATOM   772 O  O   . GLY A 1 135 ? 0.253   0.523   11.162  1.00 43.29  ? 135  GLY A O   1 
ATOM   773 N  N   . GLN A 1 136 ? -0.745  -1.494  11.282  1.00 42.36  ? 136  GLN A N   1 
ATOM   774 C  CA  . GLN A 1 136 ? 0.379   -2.200  10.667  1.00 40.96  ? 136  GLN A CA  1 
ATOM   775 C  C   . GLN A 1 136 ? 0.655   -1.696  9.254   1.00 38.77  ? 136  GLN A C   1 
ATOM   776 O  O   . GLN A 1 136 ? 1.791   -1.693  8.809   1.00 39.61  ? 136  GLN A O   1 
ATOM   777 C  CB  . GLN A 1 136 ? 0.098   -3.699  10.615  1.00 41.50  ? 136  GLN A CB  1 
ATOM   778 C  CG  . GLN A 1 136 ? -0.097  -4.333  11.968  1.00 42.74  ? 136  GLN A CG  1 
ATOM   779 C  CD  . GLN A 1 136 ? -0.341  -5.816  11.852  1.00 45.32  ? 136  GLN A CD  1 
ATOM   780 O  OE1 . GLN A 1 136 ? -0.649  -6.486  12.836  1.00 48.39  ? 136  GLN A OE1 1 
ATOM   781 N  NE2 . GLN A 1 136 ? -0.204  -6.346  10.639  1.00 44.59  ? 136  GLN A NE2 1 
ATOM   782 N  N   . THR A 1 137 ? -0.391  -1.276  8.553   1.00 38.31  ? 137  THR A N   1 
ATOM   783 C  CA  . THR A 1 137 ? -0.225  -0.784  7.199   1.00 37.21  ? 137  THR A CA  1 
ATOM   784 C  C   . THR A 1 137 ? 0.506   0.540   7.217   1.00 38.31  ? 137  THR A C   1 
ATOM   785 O  O   . THR A 1 137 ? 1.372   0.784   6.381   1.00 38.72  ? 137  THR A O   1 
ATOM   786 C  CB  . THR A 1 137 ? -1.578  -0.589  6.481   1.00 35.58  ? 137  THR A CB  1 
ATOM   787 O  OG1 . THR A 1 137 ? -2.186  -1.861  6.255   1.00 33.56  ? 137  THR A OG1 1 
ATOM   788 C  CG2 . THR A 1 137 ? -1.391  0.097   5.149   1.00 33.67  ? 137  THR A CG2 1 
ATOM   789 N  N   . VAL A 1 138 ? 0.169   1.404   8.168   1.00 39.72  ? 138  VAL A N   1 
ATOM   790 C  CA  . VAL A 1 138 ? 0.836   2.699   8.236   1.00 40.91  ? 138  VAL A CA  1 
ATOM   791 C  C   . VAL A 1 138 ? 2.322   2.491   8.510   1.00 41.83  ? 138  VAL A C   1 
ATOM   792 O  O   . VAL A 1 138 ? 3.172   3.108   7.864   1.00 42.80  ? 138  VAL A O   1 
ATOM   793 C  CB  . VAL A 1 138 ? 0.239   3.611   9.332   1.00 41.35  ? 138  VAL A CB  1 
ATOM   794 C  CG1 . VAL A 1 138 ? 0.960   4.938   9.325   1.00 41.94  ? 138  VAL A CG1 1 
ATOM   795 C  CG2 . VAL A 1 138 ? -1.232  3.831   9.082   1.00 41.63  ? 138  VAL A CG2 1 
ATOM   796 N  N   . SER A 1 139 ? 2.644   1.610   9.451   1.00 41.69  ? 139  SER A N   1 
ATOM   797 C  CA  . SER A 1 139 ? 4.039   1.343   9.769   1.00 41.65  ? 139  SER A CA  1 
ATOM   798 C  C   . SER A 1 139 ? 4.787   0.747   8.568   1.00 42.23  ? 139  SER A C   1 
ATOM   799 O  O   . SER A 1 139 ? 5.957   1.055   8.361   1.00 42.52  ? 139  SER A O   1 
ATOM   800 C  CB  . SER A 1 139 ? 4.128   0.402   10.972  1.00 41.85  ? 139  SER A CB  1 
ATOM   801 O  OG  . SER A 1 139 ? 5.483   0.096   11.278  1.00 46.16  ? 139  SER A OG  1 
ATOM   802 N  N   . ASN A 1 140 ? 4.113   -0.087  7.775   1.00 41.02  ? 140  ASN A N   1 
ATOM   803 C  CA  . ASN A 1 140 ? 4.750   -0.695  6.625   1.00 39.31  ? 140  ASN A CA  1 
ATOM   804 C  C   . ASN A 1 140 ? 4.914   0.297   5.495   1.00 39.83  ? 140  ASN A C   1 
ATOM   805 O  O   . ASN A 1 140 ? 5.780   0.132   4.637   1.00 42.00  ? 140  ASN A O   1 
ATOM   806 C  CB  . ASN A 1 140 ? 3.961   -1.906  6.142   1.00 38.75  ? 140  ASN A CB  1 
ATOM   807 C  CG  . ASN A 1 140 ? 4.064   -3.071  7.092   1.00 39.94  ? 140  ASN A CG  1 
ATOM   808 O  OD1 . ASN A 1 140 ? 5.128   -3.323  7.651   1.00 40.40  ? 140  ASN A OD1 1 
ATOM   809 N  ND2 . ASN A 1 140 ? 2.958   -3.797  7.281   1.00 38.83  ? 140  ASN A ND2 1 
ATOM   810 N  N   . ILE A 1 141 ? 4.074   1.325   5.476   1.00 39.76  ? 141  ILE A N   1 
ATOM   811 C  CA  . ILE A 1 141 ? 4.177   2.343   4.443   1.00 40.44  ? 141  ILE A CA  1 
ATOM   812 C  C   . ILE A 1 141 ? 5.393   3.227   4.738   1.00 43.27  ? 141  ILE A C   1 
ATOM   813 O  O   . ILE A 1 141 ? 6.162   3.547   3.832   1.00 43.68  ? 141  ILE A O   1 
ATOM   814 C  CB  . ILE A 1 141 ? 2.892   3.230   4.371   1.00 40.10  ? 141  ILE A CB  1 
ATOM   815 C  CG1 . ILE A 1 141 ? 1.814   2.531   3.547   1.00 37.85  ? 141  ILE A CG1 1 
ATOM   816 C  CG2 . ILE A 1 141 ? 3.215   4.594   3.766   1.00 37.83  ? 141  ILE A CG2 1 
ATOM   817 C  CD1 . ILE A 1 141 ? 0.595   3.372   3.306   1.00 37.51  ? 141  ILE A CD1 1 
ATOM   818 N  N   . ASN A 1 142 ? 5.563   3.611   6.004   1.00 45.47  ? 142  ASN A N   1 
ATOM   819 C  CA  . ASN A 1 142 ? 6.682   4.460   6.409   1.00 46.39  ? 142  ASN A CA  1 
ATOM   820 C  C   . ASN A 1 142 ? 8.005   3.789   6.100   1.00 48.84  ? 142  ASN A C   1 
ATOM   821 O  O   . ASN A 1 142 ? 8.975   4.456   5.733   1.00 49.72  ? 142  ASN A O   1 
ATOM   822 C  CB  . ASN A 1 142 ? 6.628   4.756   7.904   1.00 46.01  ? 142  ASN A CB  1 
ATOM   823 C  CG  . ASN A 1 142 ? 5.470   5.640   8.280   1.00 46.29  ? 142  ASN A CG  1 
ATOM   824 O  OD1 . ASN A 1 142 ? 5.128   6.561   7.544   1.00 46.42  ? 142  ASN A OD1 1 
ATOM   825 N  ND2 . ASN A 1 142 ? 4.876   5.392   9.448   1.00 45.23  ? 142  ASN A ND2 1 
ATOM   826 N  N   . GLU A 1 143 ? 8.031   2.465   6.270   1.00 50.24  ? 143  GLU A N   1 
ATOM   827 C  CA  . GLU A 1 143 ? 9.222   1.662   6.009   1.00 51.04  ? 143  GLU A CA  1 
ATOM   828 C  C   . GLU A 1 143 ? 9.550   1.708   4.526   1.00 51.26  ? 143  GLU A C   1 
ATOM   829 O  O   . GLU A 1 143 ? 10.705  1.887   4.140   1.00 52.55  ? 143  GLU A O   1 
ATOM   830 C  CB  . GLU A 1 143 ? 9.008   0.199   6.430   1.00 53.13  ? 143  GLU A CB  1 
ATOM   831 C  CG  . GLU A 1 143 ? 9.064   -0.066  7.939   1.00 56.22  ? 143  GLU A CG  1 
ATOM   832 C  CD  . GLU A 1 143 ? 10.484  -0.190  8.471   1.00 59.54  ? 143  GLU A CD  1 
ATOM   833 O  OE1 . GLU A 1 143 ? 11.385  0.474   7.918   1.00 62.61  ? 143  GLU A OE1 1 
ATOM   834 O  OE2 . GLU A 1 143 ? 10.710  -0.938  9.450   1.00 61.12  ? 143  GLU A OE2 1 
ATOM   835 N  N   . VAL A 1 144 ? 8.534   1.554   3.685   1.00 51.45  ? 144  VAL A N   1 
ATOM   836 C  CA  . VAL A 1 144 ? 8.784   1.584   2.256   1.00 50.88  ? 144  VAL A CA  1 
ATOM   837 C  C   . VAL A 1 144 ? 9.105   3.009   1.822   1.00 52.52  ? 144  VAL A C   1 
ATOM   838 O  O   . VAL A 1 144 ? 9.936   3.214   0.950   1.00 53.67  ? 144  VAL A O   1 
ATOM   839 C  CB  . VAL A 1 144 ? 7.580   1.024   1.447   1.00 49.69  ? 144  VAL A CB  1 
ATOM   840 C  CG1 . VAL A 1 144 ? 7.730   1.381   -0.021  1.00 46.36  ? 144  VAL A CG1 1 
ATOM   841 C  CG2 . VAL A 1 144 ? 7.500   -0.505  1.616   1.00 44.40  ? 144  VAL A CG2 1 
ATOM   842 N  N   . LEU A 1 145 ? 8.463   3.996   2.441   1.00 53.64  ? 145  LEU A N   1 
ATOM   843 C  CA  . LEU A 1 145 ? 8.721   5.391   2.090   1.00 54.02  ? 145  LEU A CA  1 
ATOM   844 C  C   . LEU A 1 145 ? 10.139  5.765   2.458   1.00 55.68  ? 145  LEU A C   1 
ATOM   845 O  O   . LEU A 1 145 ? 10.836  6.411   1.688   1.00 56.32  ? 145  LEU A O   1 
ATOM   846 C  CB  . LEU A 1 145 ? 7.745   6.319   2.807   1.00 51.68  ? 145  LEU A CB  1 
ATOM   847 C  CG  . LEU A 1 145 ? 6.349   6.265   2.201   1.00 50.36  ? 145  LEU A CG  1 
ATOM   848 C  CD1 . LEU A 1 145 ? 5.444   7.207   2.975   1.00 49.32  ? 145  LEU A CD1 1 
ATOM   849 C  CD2 . LEU A 1 145 ? 6.401   6.649   0.715   1.00 47.89  ? 145  LEU A CD2 1 
ATOM   850 N  N   . ALA A 1 146 ? 10.562  5.360   3.647   1.00 58.52  ? 146  ALA A N   1 
ATOM   851 C  CA  . ALA A 1 146 ? 11.914  5.647   4.093   1.00 62.24  ? 146  ALA A CA  1 
ATOM   852 C  C   . ALA A 1 146 ? 12.918  5.136   3.046   1.00 65.28  ? 146  ALA A C   1 
ATOM   853 O  O   . ALA A 1 146 ? 13.902  5.813   2.736   1.00 66.62  ? 146  ALA A O   1 
ATOM   854 C  CB  . ALA A 1 146 ? 12.172  4.991   5.448   1.00 59.78  ? 146  ALA A CB  1 
ATOM   855 N  N   . LYS A 1 147 ? 12.660  3.954   2.488   1.00 67.71  ? 147  LYS A N   1 
ATOM   856 C  CA  . LYS A 1 147 ? 13.549  3.375   1.485   1.00 69.38  ? 147  LYS A CA  1 
ATOM   857 C  C   . LYS A 1 147 ? 13.331  4.024   0.109   1.00 70.46  ? 147  LYS A C   1 
ATOM   858 O  O   . LYS A 1 147 ? 13.999  3.684   -0.866  1.00 71.00  ? 147  LYS A O   1 
ATOM   859 C  CB  . LYS A 1 147 ? 13.344  1.847   1.424   1.00 70.18  ? 147  LYS A CB  1 
ATOM   860 C  CG  . LYS A 1 147 ? 14.571  0.966   1.812   1.00 72.46  ? 147  LYS A CG  1 
ATOM   861 C  CD  . LYS A 1 147 ? 15.445  1.580   2.913   1.00 74.89  ? 147  LYS A CD  1 
ATOM   862 C  CE  . LYS A 1 147 ? 16.342  0.547   3.577   1.00 74.79  ? 147  LYS A CE  1 
ATOM   863 N  NZ  . LYS A 1 147 ? 15.518  -0.440  4.327   1.00 76.34  ? 147  LYS A NZ  1 
ATOM   864 N  N   . LEU A 1 148 ? 12.392  4.963   0.036   1.00 71.90  ? 148  LEU A N   1 
ATOM   865 C  CA  . LEU A 1 148 ? 12.119  5.673   -1.206  1.00 73.75  ? 148  LEU A CA  1 
ATOM   866 C  C   . LEU A 1 148 ? 12.541  7.139   -1.091  1.00 76.96  ? 148  LEU A C   1 
ATOM   867 O  O   . LEU A 1 148 ? 12.929  7.605   -0.014  1.00 77.11  ? 148  LEU A O   1 
ATOM   868 C  CB  . LEU A 1 148 ? 10.637  5.593   -1.563  1.00 71.54  ? 148  LEU A CB  1 
ATOM   869 C  CG  . LEU A 1 148 ? 10.124  4.269   -2.097  1.00 69.94  ? 148  LEU A CG  1 
ATOM   870 C  CD1 . LEU A 1 148 ? 8.853   4.534   -2.867  1.00 69.12  ? 148  LEU A CD1 1 
ATOM   871 C  CD2 . LEU A 1 148 ? 11.164  3.640   -3.010  1.00 71.30  ? 148  LEU A CD2 1 
ATOM   872 N  N   . GLY A 1 149 ? 12.442  7.867   -2.200  1.00 79.96  ? 149  GLY A N   1 
ATOM   873 C  CA  . GLY A 1 149 ? 12.839  9.265   -2.204  1.00 84.33  ? 149  GLY A CA  1 
ATOM   874 C  C   . GLY A 1 149 ? 14.243  9.458   -2.756  1.00 87.69  ? 149  GLY A C   1 
ATOM   875 O  O   . GLY A 1 149 ? 15.069  10.143  -2.099  1.00 87.34  ? 149  GLY A O   1 
ATOM   876 O  OXT . GLY A 1 149 ? 14.509  8.930   -3.861  1.00 89.77  ? 149  GLY A OXT 1 
HETATM 877 ZN ZN  . ZN  B 2 .   ? 13.706  -11.791 -4.103  1.00 48.56  ? 150  ZN  A ZN  1 
HETATM 878 O  O   . HOH C 3 .   ? 1.549   3.703   -7.130  1.00 58.04  ? 1001 HOH A O   1 
HETATM 879 O  O   . HOH C 3 .   ? 7.009   -2.439  4.873   1.00 35.72  ? 1002 HOH A O   1 
HETATM 880 O  O   . HOH C 3 .   ? 15.495  -11.311 -5.246  1.00 53.29  ? 1003 HOH A O   1 
HETATM 881 O  O   . HOH C 3 .   ? 2.579   -7.456  7.455   1.00 50.03  ? 1004 HOH A O   1 
HETATM 882 O  O   . HOH C 3 .   ? 7.950   -3.379  7.337   1.00 66.77  ? 1005 HOH A O   1 
HETATM 883 O  O   . HOH C 3 .   ? -7.737  7.609   -0.103  1.00 68.83  ? 1006 HOH A O   1 
HETATM 884 O  O   . HOH C 3 .   ? 9.098   -9.828  4.084   1.00 57.98  ? 1007 HOH A O   1 
HETATM 885 O  O   . HOH C 3 .   ? -5.947  10.532  9.094   1.00 70.07  ? 1008 HOH A O   1 
HETATM 886 O  O   . HOH C 3 .   ? 12.941  0.990   5.540   1.00 61.79  ? 1009 HOH A O   1 
HETATM 887 O  O   . HOH C 3 .   ? -2.220  -11.455 4.705   1.00 59.01  ? 1010 HOH A O   1 
HETATM 888 O  O   . HOH C 3 .   ? 3.811   -9.933  7.071   1.00 77.20  ? 1011 HOH A O   1 
HETATM 889 O  O   . HOH C 3 .   ? 2.478   -2.291  13.621  1.00 85.68  ? 1012 HOH A O   1 
HETATM 890 O  O   . HOH C 3 .   ? -16.926 2.998   -3.602  1.00 55.17  ? 1013 HOH A O   1 
HETATM 891 O  O   . HOH C 3 .   ? 18.661  -6.051  -0.515  1.00 59.98  ? 1014 HOH A O   1 
HETATM 892 O  O   . HOH C 3 .   ? 10.031  8.690   0.191   1.00 75.08  ? 1015 HOH A O   1 
HETATM 893 O  O   . HOH C 3 .   ? -2.584  6.013   -6.781  1.00 73.65  ? 1016 HOH A O   1 
HETATM 894 O  O   . HOH C 3 .   ? -13.670 -4.014  -5.902  1.00 85.17  ? 1017 HOH A O   1 
HETATM 895 O  O   . HOH C 3 .   ? -20.646 -10.513 5.468   1.00 59.41  ? 1018 HOH A O   1 
HETATM 896 O  O   . HOH C 3 .   ? 5.889   12.556  -15.961 1.00 93.25  ? 1019 HOH A O   1 
HETATM 897 O  O   . HOH C 3 .   ? -11.011 0.939   -10.191 1.00 87.60  ? 1020 HOH A O   1 
HETATM 898 O  O   . HOH C 3 .   ? -18.222 6.411   1.486   1.00 80.47  ? 1021 HOH A O   1 
HETATM 899 O  O   . HOH C 3 .   ? -0.025  -9.964  -0.587  1.00 80.04  ? 1022 HOH A O   1 
HETATM 900 O  O   . HOH C 3 .   ? -7.950  -10.002 2.070   1.00 62.08  ? 1023 HOH A O   1 
HETATM 901 O  O   . HOH C 3 .   ? -23.894 -3.092  5.954   1.00 71.22  ? 1024 HOH A O   1 
HETATM 902 O  O   . HOH C 3 .   ? 1.466   3.016   13.117  1.00 81.35  ? 1025 HOH A O   1 
HETATM 903 O  O   . HOH C 3 .   ? 16.389  -1.064  -0.149  1.00 90.76  ? 1026 HOH A O   1 
HETATM 904 O  O   . HOH C 3 .   ? -12.436 5.653   -3.698  1.00 74.29  ? 1027 HOH A O   1 
HETATM 905 O  O   . HOH C 3 .   ? 18.214  -1.773  5.176   1.00 78.69  ? 1028 HOH A O   1 
HETATM 906 O  O   . HOH C 3 .   ? -0.311  -8.121  8.670   1.00 61.32  ? 1029 HOH A O   1 
HETATM 907 O  O   . HOH C 3 .   ? -2.153  8.547   -8.554  1.00 97.43  ? 1030 HOH A O   1 
HETATM 908 O  O   . HOH C 3 .   ? -11.291 -4.149  -11.346 1.00 83.53  ? 1031 HOH A O   1 
HETATM 909 O  O   . HOH C 3 .   ? 13.024  -2.062  8.205   1.00 82.96  ? 1032 HOH A O   1 
HETATM 910 O  O   . HOH C 3 .   ? -19.670 -2.178  15.200  1.00 85.49  ? 1033 HOH A O   1 
HETATM 911 O  O   . HOH C 3 .   ? 12.876  12.351  -0.587  1.00 81.00  ? 1034 HOH A O   1 
HETATM 912 O  O   . HOH C 3 .   ? 9.975   1.195   -19.318 1.00 96.22  ? 1035 HOH A O   1 
HETATM 913 O  O   . HOH C 3 .   ? -19.480 2.571   2.288   1.00 52.97  ? 1036 HOH A O   1 
HETATM 914 O  O   . HOH C 3 .   ? 1.113   -12.099 -2.900  1.00 72.99  ? 1037 HOH A O   1 
HETATM 915 O  O   . HOH C 3 .   ? -20.677 -1.948  18.279  1.00 58.43  ? 1038 HOH A O   1 
HETATM 916 O  O   . HOH C 3 .   ? -14.117 4.670   -2.107  1.00 58.00  ? 1039 HOH A O   1 
HETATM 917 O  O   . HOH C 3 .   ? -0.071  -4.857  15.307  1.00 58.95  ? 1040 HOH A O   1 
HETATM 918 O  O   . HOH C 3 .   ? -22.180 -3.555  21.789  1.00 68.74  ? 1041 HOH A O   1 
HETATM 919 O  O   . HOH C 3 .   ? -9.776  -0.608  17.954  1.00 71.88  ? 1042 HOH A O   1 
HETATM 920 O  O   . HOH C 3 .   ? -3.941  -3.785  -17.695 1.00 65.23  ? 1043 HOH A O   1 
HETATM 921 O  O   . HOH C 3 .   ? -21.422 -7.187  3.530   1.00 64.92  ? 1044 HOH A O   1 
HETATM 922 O  O   . HOH C 3 .   ? -6.822  -4.928  -1.465  1.00 57.54  ? 1045 HOH A O   1 
HETATM 923 O  O   . HOH C 3 .   ? -23.456 -3.760  14.262  1.00 68.88  ? 1046 HOH A O   1 
HETATM 924 O  O   . HOH C 3 .   ? -6.414  -7.438  -7.950  1.00 62.20  ? 1047 HOH A O   1 
HETATM 925 O  O   . HOH C 3 .   ? 3.846   12.489  -8.022  1.00 62.10  ? 1048 HOH A O   1 
HETATM 926 O  O   . HOH C 3 .   ? -10.647 8.763   -1.960  1.00 69.61  ? 1049 HOH A O   1 
HETATM 927 O  O   . HOH C 3 .   ? -4.265  -4.717  -11.522 1.00 65.12  ? 1051 HOH A O   1 
HETATM 928 O  O   . HOH C 3 .   ? 17.579  -1.721  -14.774 1.00 62.11  ? 1052 HOH A O   1 
HETATM 929 O  O   . HOH C 3 .   ? -15.047 1.554   17.815  1.00 67.06  ? 1053 HOH A O   1 
HETATM 930 O  O   . HOH C 3 .   ? -2.049  15.027  1.548   1.00 69.82  ? 1054 HOH A O   1 
HETATM 931 O  O   . HOH C 3 .   ? -12.637 -8.099  19.551  1.00 72.50  ? 1055 HOH A O   1 
HETATM 932 O  O   . HOH C 3 .   ? -2.909  12.495  0.239   1.00 68.27  ? 1056 HOH A O   1 
HETATM 933 O  O   . HOH C 3 .   ? 16.573  8.564   -9.231  1.00 74.82  ? 1057 HOH A O   1 
HETATM 934 O  O   . HOH C 3 .   ? -3.725  9.264   12.123  1.00 60.79  ? 1058 HOH A O   1 
HETATM 935 O  O   . HOH C 3 .   ? 8.121   5.685   -21.180 1.00 75.45  ? 1059 HOH A O   1 
HETATM 936 O  O   . HOH C 3 .   ? -4.732  -13.634 -0.413  1.00 69.95  ? 1060 HOH A O   1 
HETATM 937 O  O   . HOH C 3 .   ? 1.055   -12.484 1.544   1.00 69.79  ? 1061 HOH A O   1 
HETATM 938 O  O   . HOH C 3 .   ? -21.358 6.030   -0.153  1.00 68.39  ? 1062 HOH A O   1 
HETATM 939 O  O   . HOH C 3 .   ? -5.780  -4.864  -6.114  1.00 67.20  ? 1063 HOH A O   1 
HETATM 940 O  O   . HOH C 3 .   ? 3.210   -5.475  13.902  1.00 69.13  ? 1064 HOH A O   1 
HETATM 941 O  O   . HOH C 3 .   ? 15.983  -3.690  -15.152 1.00 69.09  ? 1065 HOH A O   1 
HETATM 942 O  O   . HOH C 3 .   ? 5.469   -10.101 -6.269  1.00 75.94  ? 1066 HOH A O   1 
HETATM 943 O  O   . HOH C 3 .   ? -1.406  -12.155 15.184  1.00 73.01  ? 1068 HOH A O   1 
HETATM 944 O  O   . HOH C 3 .   ? -18.793 -1.095  21.263  1.00 81.72  ? 1069 HOH A O   1 
HETATM 945 O  O   . HOH C 3 .   ? 11.395  15.595  -13.850 1.00 74.30  ? 1070 HOH A O   1 
HETATM 946 O  O   . HOH C 3 .   ? 7.191   15.459  -17.507 1.00 68.45  ? 1071 HOH A O   1 
HETATM 947 O  O   . HOH C 3 .   ? 4.335   -3.740  11.190  1.00 63.12  ? 1072 HOH A O   1 
HETATM 948 O  O   . HOH C 3 .   ? -14.094 5.408   15.153  1.00 64.58  ? 1073 HOH A O   1 
# 
